data_3IZ0
#
_entry.id   3IZ0
#
_cell.length_a   1.000
_cell.length_b   1.000
_cell.length_c   1.000
_cell.angle_alpha   90.00
_cell.angle_beta   90.00
_cell.angle_gamma   90.00
#
_symmetry.space_group_name_H-M   'P 1'
#
loop_
_entity.id
_entity.type
_entity.pdbx_description
1 polymer 'alpha tubulin, Chain A from PDB 1JFF'
2 polymer 'beta tubulin, Chain B from PDB 1JFF'
3 polymer 'NDC80-SPC25 chimera protein, Chain B from PDB 2VE7 (Ndc80 bonsai)'
4 polymer 'NUF2-SPC24 chimera protein, Chain D from PDB 2VE7  (Ndc80 bonsai)'
5 non-polymer 'ZINC ION'
6 non-polymer 'MAGNESIUM ION'
7 non-polymer "GUANOSINE-5'-TRIPHOSPHATE"
8 non-polymer "GUANOSINE-5'-DIPHOSPHATE"
9 non-polymer TAXOL
#
loop_
_entity_poly.entity_id
_entity_poly.type
_entity_poly.pdbx_seq_one_letter_code
_entity_poly.pdbx_strand_id
1 'polypeptide(L)'
;MRECISIHVGQAGVQIGNACWELYCLEHGIQPDGQMPSDKTIGGGDDSFNTFFSETGAGKHVPRAVFVDLEPTVIDEVRT
GTYRQLFHPEQLITGKEDAANNYARGHYTIGKEIIDLVLDRIRKLADQCTGLQGFSVFHSFGGGTGSGFTSLLMERLSVD
YGKKSKLEFSIYPAPQVSTAVVEPYNSILTTHTTLEHSDCAFMVDNEAIYDICRRNLDIERPTYTNLNRLIGQIVSSITA
SLRFDGALNVDLTEFQTNLVPYPRGHFPLATYAPVISAEKAYHEQLSVAEITNACFEPANQMVKCDPRHGKYMACCLLYR
GDVVPKDVNAAIATIKTKRTIQFVDWCPTGFKVGINYEPPTVVPGGDLAKVQRAVCMLSNTTAIAEAWARLDHKFDLMYA
KRAFVHWYVGEGMEEGEFSEAREDMAALEKDYEEVGVDSVEGEGEEEGEEY
;
A
2 'polypeptide(L)'
;MREIVHIQAGQCGNQIGAKFWEVISDEHGIDPTGSYHGDSDLQLERINVYYNEAAGNKYVPRAILVDLEPGTMDSVRSGP
FGQIFRPDNFVFGQSGAGNNWAKGHYTEGAELVDSVLDVVRKESESCDCLQGFQLTHSLGGGTGSGMGTLLISKIREEYP
DRIMNTFSVVPSPKVSDTVVEPYNATLSVHQLVENTDETYCIDNEALYDICFRTLKLTTPTYGDLNHLVSATMSGVTTCL
RFPGQLNADLRKLAVNMVPFPRLHFFMPGFAPLTSRGSQQYRALTVPELTQQMFDAKNMMAACDPRHGRYLTVAAVFRGR
MSMKEVDEQMLNVQNKNSSYFVEWIPNNVKTAVCDIPPRGLKMSATFIGNSTAIQELFKRISEQFTAMFRRKAFLHWYTG
EGMDEMEFTEAESNMNDLVSEYQQYQDATADEQGEFEEEGEEDEA
;
B
3 'polypeptide(L)'
;MIKDPRPLNDKAFIQQCIRQLCEFLTENGYAHNVSMKSLQAPSVKDFLKIFTFLYGFLCPSYELPDTKFEEEVPRIFKDL
GYPFALSKSSMYTVGAPHTWPHIVAALVWLIDCIKIHTAMKESSPLFDDGQPWGEETEDGIMHNKLFLDYTIKCYESFMS
GADSFDEMNAELQSKLKDLFNVDAFKLESLEAKNRALNEQIARLEQERSTANKANAERLKRLQKSADLYKDRLGLEIRKI
YGEKLQFIFTNIDPKNPESPFMFSLHLNEARDYEVSDSAPHLEGLAEFQENVRKTNNFSAFLANVRKAFTATVYQ
;
C,E
4 'polypeptide(L)'
;GPLGSMETLSFPRYNVAEIVIHIRNKILTGADGKNLTKNDLYPNPKPEVLHMIYMRALQIVYGIRLEHFYMMPVNSGVMY
PHLMEGFLPFSNLVTHLDSFLPICRVNDFETADILCPKAKRTSRFLSGIINFIHFREACRETYMEFLWQYKSSADKMQQL
NAAHQEALMKLERLEKEVDEDTTVTIPSAVYVAQLYHQVSKIEWEYECEPGMVKGIHHGPSVAQPIHLDSTQLSRKFISD
YLWSLVDTEW
;
D,F
#
# COMPACT_ATOMS: atom_id res chain seq x y z
N ARG A 2 14.91 -40.17 -9.55
CA ARG A 2 15.08 -40.48 -11.00
C ARG A 2 14.37 -39.48 -11.91
N GLU A 3 13.11 -39.18 -11.61
CA GLU A 3 12.35 -38.25 -12.44
C GLU A 3 12.55 -36.80 -12.04
N CYS A 4 11.83 -35.92 -12.72
CA CYS A 4 11.87 -34.48 -12.49
C CYS A 4 10.58 -33.86 -12.95
N ILE A 5 9.67 -33.56 -12.02
CA ILE A 5 8.40 -32.95 -12.40
C ILE A 5 8.68 -31.57 -13.00
N SER A 6 7.68 -30.96 -13.59
CA SER A 6 7.82 -29.65 -14.19
C SER A 6 6.54 -28.86 -14.03
N ILE A 7 6.69 -27.60 -13.63
CA ILE A 7 5.56 -26.72 -13.44
C ILE A 7 5.70 -25.51 -14.32
N HIS A 8 4.94 -25.50 -15.41
CA HIS A 8 4.98 -24.41 -16.37
C HIS A 8 4.02 -23.32 -15.90
N VAL A 9 4.58 -22.23 -15.38
CA VAL A 9 3.77 -21.13 -14.87
C VAL A 9 3.81 -19.86 -15.71
N GLY A 10 2.62 -19.28 -15.91
CA GLY A 10 2.47 -18.07 -16.69
C GLY A 10 2.17 -18.40 -18.14
N GLN A 11 1.36 -17.61 -18.82
CA GLN A 11 1.06 -17.90 -20.20
C GLN A 11 2.32 -18.33 -20.91
N ALA A 12 3.33 -17.48 -20.87
CA ALA A 12 4.59 -17.79 -21.54
C ALA A 12 5.13 -19.16 -21.14
N GLY A 13 5.39 -19.33 -19.85
CA GLY A 13 5.92 -20.60 -19.36
C GLY A 13 5.09 -21.76 -19.83
N VAL A 14 3.88 -21.45 -20.28
CA VAL A 14 2.93 -22.44 -20.76
C VAL A 14 3.08 -22.62 -22.28
N GLN A 15 3.36 -21.52 -22.99
CA GLN A 15 3.56 -21.56 -24.43
C GLN A 15 4.85 -22.32 -24.69
N ILE A 16 5.88 -21.92 -23.93
CA ILE A 16 7.18 -22.54 -24.01
C ILE A 16 6.96 -23.99 -23.58
N GLY A 17 6.07 -24.17 -22.61
CA GLY A 17 5.78 -25.50 -22.12
C GLY A 17 5.20 -26.37 -23.21
N ASN A 18 4.16 -25.88 -23.87
CA ASN A 18 3.55 -26.64 -24.94
C ASN A 18 4.62 -27.03 -25.95
N ALA A 19 5.58 -26.14 -26.15
CA ALA A 19 6.68 -26.34 -27.10
C ALA A 19 7.67 -27.42 -26.66
N CYS A 20 8.27 -27.20 -25.49
CA CYS A 20 9.22 -28.16 -24.94
C CYS A 20 8.48 -29.48 -24.81
N TRP A 21 7.20 -29.40 -24.50
CA TRP A 21 6.44 -30.62 -24.36
C TRP A 21 6.20 -31.28 -25.69
N GLU A 22 6.22 -30.49 -26.75
CA GLU A 22 6.03 -31.02 -28.09
C GLU A 22 7.28 -31.78 -28.46
N LEU A 23 8.38 -31.06 -28.57
CA LEU A 23 9.64 -31.67 -28.95
C LEU A 23 9.76 -33.04 -28.29
N TYR A 24 9.30 -33.15 -27.06
CA TYR A 24 9.40 -34.41 -26.34
C TYR A 24 8.86 -35.63 -27.07
N CYS A 25 7.54 -35.80 -27.05
CA CYS A 25 6.93 -36.94 -27.71
C CYS A 25 7.53 -37.14 -29.09
N LEU A 26 7.80 -36.02 -29.75
CA LEU A 26 8.37 -36.02 -31.10
C LEU A 26 9.63 -36.88 -31.24
N GLU A 27 10.43 -36.95 -30.16
CA GLU A 27 11.66 -37.71 -30.19
C GLU A 27 11.55 -38.93 -29.27
N HIS A 28 10.31 -39.32 -28.96
CA HIS A 28 10.06 -40.48 -28.12
C HIS A 28 8.98 -41.38 -28.73
N GLY A 29 8.60 -41.06 -29.96
CA GLY A 29 7.60 -41.84 -30.68
C GLY A 29 6.24 -42.00 -30.02
N ILE A 30 5.82 -40.97 -29.29
CA ILE A 30 4.55 -41.00 -28.61
C ILE A 30 3.66 -39.87 -29.17
N GLN A 31 2.92 -40.20 -30.22
CA GLN A 31 2.01 -39.31 -30.92
C GLN A 31 0.98 -38.66 -29.99
N PRO A 32 0.09 -37.80 -30.56
CA PRO A 32 -0.96 -37.09 -29.82
C PRO A 32 -1.48 -37.78 -28.58
N ASP A 33 -2.01 -38.98 -28.81
CA ASP A 33 -2.59 -39.82 -27.78
C ASP A 33 -1.78 -41.11 -27.60
N GLY A 34 -0.88 -41.13 -26.62
CA GLY A 34 -0.08 -42.31 -26.38
C GLY A 34 -0.36 -42.96 -25.03
N HIS A 61 1.38 -41.46 -23.65
CA HIS A 61 1.28 -42.15 -22.36
C HIS A 61 0.56 -41.21 -21.40
N VAL A 62 1.36 -40.47 -20.62
CA VAL A 62 0.89 -39.50 -19.64
C VAL A 62 2.08 -38.59 -19.34
N PRO A 63 1.86 -37.28 -19.39
CA PRO A 63 2.97 -36.33 -19.10
C PRO A 63 3.51 -36.54 -17.70
N ARG A 64 4.07 -35.48 -17.13
CA ARG A 64 4.62 -35.57 -15.78
C ARG A 64 4.85 -34.15 -15.31
N ALA A 65 3.87 -33.29 -15.56
CA ALA A 65 3.99 -31.89 -15.20
C ALA A 65 2.63 -31.25 -14.97
N VAL A 66 2.64 -29.93 -14.76
CA VAL A 66 1.40 -29.22 -14.56
C VAL A 66 1.43 -27.86 -15.25
N PHE A 67 0.27 -27.23 -15.36
CA PHE A 67 0.14 -25.93 -16.01
C PHE A 67 -0.66 -24.93 -15.19
N VAL A 68 -0.02 -23.83 -14.80
CA VAL A 68 -0.67 -22.80 -13.99
C VAL A 68 -0.79 -21.43 -14.67
N ASP A 69 -1.95 -20.80 -14.51
CA ASP A 69 -2.21 -19.48 -15.08
C ASP A 69 -3.50 -18.91 -14.49
N LEU A 70 -3.51 -17.58 -14.32
CA LEU A 70 -4.66 -16.89 -13.77
C LEU A 70 -5.48 -16.25 -14.88
N GLU A 71 -5.21 -16.67 -16.12
CA GLU A 71 -5.94 -16.23 -17.30
C GLU A 71 -6.29 -17.52 -17.98
N PRO A 72 -7.57 -17.91 -17.91
CA PRO A 72 -8.01 -19.15 -18.54
C PRO A 72 -7.69 -19.33 -20.01
N THR A 73 -8.07 -18.36 -20.83
CA THR A 73 -7.86 -18.45 -22.28
C THR A 73 -6.53 -19.03 -22.76
N VAL A 74 -5.46 -18.91 -21.98
CA VAL A 74 -4.15 -19.43 -22.41
C VAL A 74 -3.91 -20.93 -22.18
N ILE A 75 -4.29 -21.41 -20.99
CA ILE A 75 -4.15 -22.82 -20.64
C ILE A 75 -5.19 -23.52 -21.48
N ASP A 76 -6.22 -22.76 -21.84
CA ASP A 76 -7.29 -23.28 -22.69
C ASP A 76 -6.65 -23.68 -24.02
N GLU A 77 -5.64 -22.93 -24.46
CA GLU A 77 -4.98 -23.23 -25.73
C GLU A 77 -4.36 -24.60 -25.70
N VAL A 78 -4.11 -25.12 -24.51
CA VAL A 78 -3.55 -26.43 -24.35
C VAL A 78 -4.72 -27.38 -24.23
N ARG A 79 -5.89 -26.80 -23.98
CA ARG A 79 -7.13 -27.55 -23.85
C ARG A 79 -7.90 -27.57 -25.18
N THR A 80 -7.55 -26.67 -26.09
CA THR A 80 -8.22 -26.58 -27.39
C THR A 80 -7.29 -27.04 -28.51
N GLY A 81 -6.08 -26.48 -28.54
CA GLY A 81 -5.12 -26.82 -29.59
C GLY A 81 -4.47 -28.19 -29.51
N THR A 82 -3.33 -28.30 -30.20
CA THR A 82 -2.58 -29.54 -30.26
C THR A 82 -2.26 -30.07 -28.88
N TYR A 83 -1.83 -31.32 -28.80
CA TYR A 83 -1.50 -31.96 -27.53
C TYR A 83 -2.61 -31.70 -26.54
N ARG A 84 -3.83 -31.85 -27.04
CA ARG A 84 -5.05 -31.63 -26.28
C ARG A 84 -5.34 -32.74 -25.26
N GLN A 85 -5.38 -33.98 -25.73
CA GLN A 85 -5.67 -35.12 -24.87
C GLN A 85 -4.46 -35.82 -24.26
N LEU A 86 -3.29 -35.23 -24.39
CA LEU A 86 -2.09 -35.82 -23.82
C LEU A 86 -1.94 -35.36 -22.37
N PHE A 87 -2.91 -34.59 -21.90
CA PHE A 87 -2.87 -34.09 -20.53
C PHE A 87 -4.14 -34.42 -19.78
N HIS A 88 -4.03 -34.37 -18.46
CA HIS A 88 -5.14 -34.63 -17.58
C HIS A 88 -5.67 -33.30 -17.11
N PRO A 89 -6.96 -33.06 -17.31
CA PRO A 89 -7.55 -31.79 -16.87
C PRO A 89 -7.22 -31.52 -15.41
N GLU A 90 -6.43 -32.39 -14.82
CA GLU A 90 -6.03 -32.28 -13.44
C GLU A 90 -4.68 -31.57 -13.31
N GLN A 91 -3.83 -31.71 -14.33
CA GLN A 91 -2.51 -31.06 -14.34
C GLN A 91 -2.57 -29.76 -15.12
N LEU A 92 -3.79 -29.24 -15.26
CA LEU A 92 -4.04 -27.99 -15.95
C LEU A 92 -4.83 -27.08 -15.00
N ILE A 93 -4.10 -26.28 -14.22
CA ILE A 93 -4.70 -25.38 -13.25
C ILE A 93 -4.95 -24.00 -13.86
N THR A 94 -6.13 -23.44 -13.58
CA THR A 94 -6.52 -22.13 -14.07
C THR A 94 -7.33 -21.37 -13.02
N GLY A 95 -7.24 -20.05 -13.08
CA GLY A 95 -7.98 -19.20 -12.16
C GLY A 95 -8.74 -18.20 -13.01
N LYS A 96 -9.88 -18.64 -13.55
CA LYS A 96 -10.75 -17.82 -14.40
C LYS A 96 -10.64 -16.33 -14.15
N GLU A 97 -10.28 -16.01 -12.91
CA GLU A 97 -10.15 -14.63 -12.47
C GLU A 97 -9.29 -13.76 -13.36
N ASP A 98 -8.37 -13.03 -12.75
CA ASP A 98 -7.55 -12.12 -13.52
C ASP A 98 -6.05 -12.34 -13.38
N ALA A 99 -5.35 -12.21 -14.50
CA ALA A 99 -3.91 -12.37 -14.53
C ALA A 99 -3.18 -11.22 -13.83
N ALA A 100 -3.25 -10.03 -14.44
CA ALA A 100 -2.66 -8.82 -13.93
C ALA A 100 -1.17 -8.80 -14.09
N ASN A 101 -0.67 -7.92 -14.93
CA ASN A 101 0.77 -7.91 -15.14
C ASN A 101 1.52 -7.33 -13.97
N ASN A 102 1.11 -7.73 -12.79
CA ASN A 102 1.76 -7.24 -11.60
C ASN A 102 1.99 -8.33 -10.56
N TYR A 103 3.27 -8.43 -10.19
CA TYR A 103 3.76 -9.37 -9.21
C TYR A 103 2.75 -9.48 -8.06
N ALA A 104 2.78 -8.50 -7.16
CA ALA A 104 1.89 -8.44 -6.01
C ALA A 104 0.61 -9.26 -6.14
N ARG A 105 -0.26 -8.79 -7.01
CA ARG A 105 -1.54 -9.44 -7.26
C ARG A 105 -1.36 -10.91 -7.54
N GLY A 106 -0.43 -11.25 -8.42
CA GLY A 106 -0.23 -12.65 -8.72
C GLY A 106 0.37 -13.47 -7.59
N HIS A 107 1.25 -12.85 -6.82
CA HIS A 107 1.88 -13.55 -5.70
C HIS A 107 0.92 -13.57 -4.54
N TYR A 108 0.70 -12.39 -3.96
CA TYR A 108 -0.19 -12.23 -2.82
C TYR A 108 -1.66 -12.38 -3.22
N THR A 109 -2.42 -11.31 -3.07
CA THR A 109 -3.85 -11.27 -3.40
C THR A 109 -4.42 -12.43 -4.21
N ILE A 110 -4.48 -12.31 -5.53
CA ILE A 110 -5.07 -13.39 -6.30
C ILE A 110 -4.27 -14.70 -6.30
N GLY A 111 -3.13 -14.70 -6.98
CA GLY A 111 -2.33 -15.91 -7.04
C GLY A 111 -2.41 -16.83 -5.84
N LYS A 112 -2.62 -16.27 -4.66
CA LYS A 112 -2.70 -17.05 -3.43
C LYS A 112 -3.77 -18.13 -3.50
N GLU A 113 -5.01 -17.70 -3.74
CA GLU A 113 -6.14 -18.60 -3.82
C GLU A 113 -5.90 -19.92 -4.54
N ILE A 114 -5.12 -19.89 -5.62
CA ILE A 114 -4.86 -21.08 -6.42
C ILE A 114 -3.75 -21.98 -5.89
N ILE A 115 -2.67 -21.37 -5.40
CA ILE A 115 -1.51 -22.08 -4.91
C ILE A 115 -1.78 -23.42 -4.25
N ASP A 116 -2.60 -23.44 -3.18
CA ASP A 116 -2.93 -24.69 -2.52
C ASP A 116 -3.13 -25.73 -3.62
N LEU A 117 -4.25 -25.58 -4.30
CA LEU A 117 -4.64 -26.44 -5.40
C LEU A 117 -3.43 -26.76 -6.27
N VAL A 118 -2.68 -25.74 -6.66
CA VAL A 118 -1.50 -25.95 -7.49
C VAL A 118 -0.63 -26.99 -6.81
N LEU A 119 -0.14 -26.64 -5.62
CA LEU A 119 0.70 -27.53 -4.85
C LEU A 119 0.16 -28.94 -4.88
N ASP A 120 -1.10 -29.08 -4.46
CA ASP A 120 -1.75 -30.38 -4.43
C ASP A 120 -1.33 -31.28 -5.58
N ARG A 121 -1.26 -30.74 -6.79
CA ARG A 121 -0.85 -31.57 -7.92
C ARG A 121 0.62 -31.94 -7.85
N ILE A 122 1.46 -30.99 -7.48
CA ILE A 122 2.89 -31.23 -7.40
C ILE A 122 3.23 -32.01 -6.14
N ARG A 123 2.17 -32.50 -5.48
CA ARG A 123 2.29 -33.32 -4.27
C ARG A 123 1.55 -34.62 -4.57
N LYS A 124 0.63 -34.54 -5.53
CA LYS A 124 -0.17 -35.68 -5.97
C LYS A 124 0.59 -36.35 -7.11
N LEU A 125 1.29 -35.53 -7.89
CA LEU A 125 2.09 -36.01 -9.03
C LEU A 125 3.48 -36.40 -8.51
N ALA A 126 3.86 -35.82 -7.37
CA ALA A 126 5.16 -36.08 -6.78
C ALA A 126 5.17 -37.38 -5.98
N ASP A 127 3.98 -37.84 -5.63
CA ASP A 127 3.81 -39.05 -4.86
C ASP A 127 3.80 -40.27 -5.78
N GLN A 128 2.88 -40.23 -6.74
CA GLN A 128 2.71 -41.30 -7.72
C GLN A 128 4.01 -41.90 -8.27
N CYS A 129 5.03 -41.08 -8.46
CA CYS A 129 6.32 -41.52 -9.00
C CYS A 129 7.15 -42.46 -8.11
N THR A 130 8.43 -42.60 -8.46
CA THR A 130 9.39 -43.46 -7.73
C THR A 130 10.69 -42.69 -7.53
N GLY A 131 10.97 -42.31 -6.28
CA GLY A 131 12.19 -41.57 -5.99
C GLY A 131 12.51 -40.56 -7.09
N LEU A 132 11.92 -39.37 -6.98
CA LEU A 132 12.15 -38.29 -7.97
C LEU A 132 13.43 -37.52 -7.65
N GLN A 133 13.72 -36.52 -8.47
CA GLN A 133 14.92 -35.71 -8.28
C GLN A 133 14.61 -34.22 -8.14
N GLY A 134 13.46 -33.80 -8.66
CA GLY A 134 13.11 -32.39 -8.57
C GLY A 134 12.04 -31.94 -9.55
N PHE A 135 11.81 -30.63 -9.57
CA PHE A 135 10.81 -30.02 -10.44
C PHE A 135 11.37 -28.97 -11.39
N SER A 136 11.35 -29.26 -12.69
CA SER A 136 11.83 -28.30 -13.66
C SER A 136 10.68 -27.30 -13.79
N VAL A 137 10.87 -26.10 -13.24
CA VAL A 137 9.88 -25.02 -13.26
C VAL A 137 10.02 -24.14 -14.51
N PHE A 138 8.92 -23.78 -15.17
CA PHE A 138 9.00 -22.93 -16.35
C PHE A 138 8.21 -21.65 -16.18
N HIS A 139 8.91 -20.53 -15.98
CA HIS A 139 8.22 -19.25 -15.81
C HIS A 139 8.87 -18.11 -16.59
N SER A 140 8.13 -17.02 -16.74
CA SER A 140 8.60 -15.86 -17.48
C SER A 140 8.87 -14.60 -16.67
N PHE A 141 9.86 -14.67 -15.80
CA PHE A 141 10.27 -13.57 -14.97
C PHE A 141 9.39 -12.33 -14.88
N GLY A 142 9.28 -11.60 -15.98
CA GLY A 142 8.49 -10.37 -15.97
C GLY A 142 7.03 -10.44 -16.34
N GLY A 143 6.26 -11.22 -15.59
CA GLY A 143 4.84 -11.33 -15.86
C GLY A 143 4.10 -11.19 -14.56
N GLY A 144 2.81 -11.51 -14.57
CA GLY A 144 2.02 -11.44 -13.36
C GLY A 144 1.94 -12.83 -12.76
N THR A 145 1.40 -13.75 -13.53
CA THR A 145 1.27 -15.13 -13.09
C THR A 145 2.61 -15.81 -13.11
N GLY A 146 3.53 -15.31 -13.92
CA GLY A 146 4.83 -15.93 -14.00
C GLY A 146 5.85 -15.51 -12.95
N SER A 147 5.85 -14.24 -12.60
CA SER A 147 6.77 -13.72 -11.61
C SER A 147 6.21 -14.01 -10.23
N GLY A 148 5.13 -13.31 -9.90
CA GLY A 148 4.48 -13.45 -8.62
C GLY A 148 4.22 -14.87 -8.23
N PHE A 149 3.11 -15.43 -8.69
CA PHE A 149 2.74 -16.80 -8.37
C PHE A 149 3.91 -17.71 -8.06
N THR A 150 4.65 -18.11 -9.09
CA THR A 150 5.79 -19.00 -8.90
C THR A 150 6.53 -18.61 -7.67
N SER A 151 6.85 -17.32 -7.58
CA SER A 151 7.56 -16.83 -6.42
C SER A 151 7.15 -17.62 -5.19
N LEU A 152 5.85 -17.73 -4.96
CA LEU A 152 5.40 -18.48 -3.81
C LEU A 152 5.27 -19.98 -4.05
N LEU A 153 5.20 -20.39 -5.32
CA LEU A 153 5.12 -21.80 -5.65
C LEU A 153 6.46 -22.42 -5.31
N MET A 154 7.52 -21.88 -5.89
CA MET A 154 8.87 -22.35 -5.61
C MET A 154 9.07 -22.16 -4.13
N GLU A 155 8.45 -21.11 -3.60
CA GLU A 155 8.56 -20.76 -2.20
C GLU A 155 8.05 -21.93 -1.39
N ARG A 156 6.80 -22.31 -1.60
CA ARG A 156 6.19 -23.42 -0.89
C ARG A 156 6.85 -24.80 -1.16
N LEU A 157 7.68 -24.88 -2.20
CA LEU A 157 8.39 -26.12 -2.55
C LEU A 157 9.65 -26.27 -1.70
N SER A 158 10.48 -25.24 -1.70
CA SER A 158 11.71 -25.25 -0.94
C SER A 158 11.50 -25.70 0.48
N VAL A 159 10.26 -25.65 0.96
CA VAL A 159 9.97 -26.07 2.33
C VAL A 159 9.38 -27.46 2.37
N ASP A 160 8.55 -27.78 1.38
CA ASP A 160 7.90 -29.09 1.33
C ASP A 160 8.81 -30.18 0.79
N TYR A 161 9.86 -29.79 0.07
CA TYR A 161 10.80 -30.78 -0.46
C TYR A 161 12.20 -30.20 -0.49
N GLY A 162 12.61 -29.53 0.58
CA GLY A 162 13.94 -28.95 0.58
C GLY A 162 14.99 -29.95 0.10
N LYS A 163 14.65 -31.23 0.29
CA LYS A 163 15.51 -32.34 -0.06
C LYS A 163 15.47 -32.77 -1.54
N LYS A 164 15.50 -31.79 -2.44
CA LYS A 164 15.47 -32.11 -3.88
C LYS A 164 16.09 -31.00 -4.71
N SER A 165 15.91 -31.10 -6.01
CA SER A 165 16.43 -30.11 -6.94
C SER A 165 15.33 -29.16 -7.38
N LYS A 166 15.68 -27.89 -7.43
CA LYS A 166 14.76 -26.84 -7.86
C LYS A 166 15.43 -26.04 -8.96
N LEU A 167 15.40 -26.58 -10.15
CA LEU A 167 15.99 -25.90 -11.28
C LEU A 167 14.86 -25.19 -12.00
N GLU A 168 14.88 -23.87 -11.95
CA GLU A 168 13.84 -23.11 -12.61
C GLU A 168 14.36 -22.54 -13.91
N PHE A 169 13.67 -22.88 -14.98
CA PHE A 169 14.02 -22.41 -16.30
C PHE A 169 13.27 -21.13 -16.64
N SER A 170 13.96 -20.00 -16.53
CA SER A 170 13.37 -18.69 -16.79
C SER A 170 13.65 -18.04 -18.15
N ILE A 171 12.81 -17.08 -18.50
CA ILE A 171 12.89 -16.31 -19.73
C ILE A 171 12.91 -14.88 -19.25
N TYR A 172 14.06 -14.46 -18.76
CA TYR A 172 14.22 -13.14 -18.20
C TYR A 172 14.22 -12.02 -19.23
N PRO A 173 13.63 -10.85 -18.88
CA PRO A 173 13.42 -9.57 -19.57
C PRO A 173 14.36 -9.20 -20.71
N ALA A 174 13.80 -9.01 -21.90
CA ALA A 174 14.59 -8.62 -23.06
C ALA A 174 15.30 -7.32 -22.69
N PRO A 175 16.61 -7.26 -22.91
CA PRO A 175 17.47 -6.11 -22.59
C PRO A 175 16.99 -4.72 -23.05
N GLN A 176 16.23 -4.65 -24.13
CA GLN A 176 15.73 -3.37 -24.64
C GLN A 176 14.35 -3.53 -25.20
N VAL A 177 14.02 -4.77 -25.55
CA VAL A 177 12.74 -5.08 -26.14
C VAL A 177 11.82 -5.74 -25.14
N SER A 178 11.55 -5.07 -24.02
CA SER A 178 10.66 -5.65 -23.03
C SER A 178 9.25 -5.43 -23.54
N THR A 179 8.28 -5.96 -22.83
CA THR A 179 6.90 -5.79 -23.24
C THR A 179 6.16 -4.99 -22.19
N ALA A 180 5.80 -5.65 -21.08
CA ALA A 180 5.09 -5.00 -20.00
C ALA A 180 5.81 -3.70 -19.66
N VAL A 181 5.04 -2.73 -19.20
CA VAL A 181 5.60 -1.44 -18.87
C VAL A 181 6.34 -1.52 -17.56
N VAL A 182 5.87 -2.41 -16.70
CA VAL A 182 6.45 -2.60 -15.39
C VAL A 182 7.54 -3.67 -15.28
N GLU A 183 7.51 -4.65 -16.18
CA GLU A 183 8.48 -5.76 -16.25
C GLU A 183 9.48 -5.83 -15.11
N PRO A 184 10.37 -4.82 -14.94
CA PRO A 184 11.33 -4.88 -13.84
C PRO A 184 10.70 -5.07 -12.46
N TYR A 185 9.64 -4.34 -12.18
CA TYR A 185 8.98 -4.51 -10.90
C TYR A 185 8.74 -6.00 -10.72
N ASN A 186 8.17 -6.62 -11.74
CA ASN A 186 7.87 -8.04 -11.69
C ASN A 186 9.06 -8.98 -11.70
N SER A 187 10.22 -8.51 -12.14
CA SER A 187 11.40 -9.37 -12.22
C SER A 187 12.41 -9.15 -11.15
N ILE A 188 12.33 -8.03 -10.45
CA ILE A 188 13.26 -7.81 -9.38
C ILE A 188 12.61 -8.51 -8.21
N LEU A 189 11.30 -8.74 -8.35
CA LEU A 189 10.51 -9.39 -7.32
C LEU A 189 10.44 -10.89 -7.42
N THR A 190 10.59 -11.43 -8.61
CA THR A 190 10.56 -12.87 -8.75
C THR A 190 11.95 -13.42 -8.45
N THR A 191 12.96 -12.56 -8.59
CA THR A 191 14.32 -12.96 -8.34
C THR A 191 14.61 -13.06 -6.84
N HIS A 192 14.21 -12.04 -6.09
CA HIS A 192 14.45 -11.98 -4.66
C HIS A 192 13.70 -13.00 -3.85
N THR A 193 12.50 -13.34 -4.31
CA THR A 193 11.65 -14.29 -3.61
C THR A 193 12.00 -15.73 -3.97
N THR A 194 12.53 -15.94 -5.17
CA THR A 194 12.87 -17.27 -5.61
C THR A 194 14.33 -17.60 -5.29
N LEU A 195 15.16 -16.57 -5.24
CA LEU A 195 16.59 -16.70 -4.96
C LEU A 195 16.95 -17.63 -3.85
N GLU A 196 16.24 -17.49 -2.74
CA GLU A 196 16.47 -18.29 -1.55
C GLU A 196 15.67 -19.59 -1.60
N HIS A 197 15.33 -20.04 -2.80
CA HIS A 197 14.53 -21.24 -2.97
C HIS A 197 14.91 -22.16 -4.13
N SER A 198 15.55 -21.61 -5.16
CA SER A 198 15.93 -22.41 -6.32
C SER A 198 17.28 -23.08 -6.13
N ASP A 199 17.53 -24.08 -6.97
CA ASP A 199 18.78 -24.82 -6.93
C ASP A 199 19.70 -24.27 -8.01
N CYS A 200 19.15 -24.20 -9.22
CA CYS A 200 19.86 -23.69 -10.39
C CYS A 200 18.80 -23.07 -11.26
N ALA A 201 18.98 -21.81 -11.63
CA ALA A 201 18.02 -21.14 -12.48
C ALA A 201 18.58 -20.95 -13.87
N PHE A 202 18.02 -21.67 -14.84
CA PHE A 202 18.48 -21.52 -16.22
C PHE A 202 17.85 -20.27 -16.80
N MET A 203 18.58 -19.60 -17.67
CA MET A 203 18.09 -18.38 -18.25
C MET A 203 18.22 -18.36 -19.76
N VAL A 204 17.14 -17.95 -20.42
CA VAL A 204 17.07 -17.84 -21.86
C VAL A 204 16.42 -16.49 -22.17
N ASP A 205 17.21 -15.59 -22.76
CA ASP A 205 16.79 -14.25 -23.08
C ASP A 205 15.96 -14.20 -24.35
N ASN A 206 14.72 -13.75 -24.23
CA ASN A 206 13.82 -13.67 -25.38
C ASN A 206 14.41 -12.91 -26.57
N GLU A 207 14.95 -11.71 -26.36
CA GLU A 207 15.53 -10.93 -27.45
C GLU A 207 16.78 -11.59 -28.05
N ALA A 208 17.77 -11.84 -27.21
CA ALA A 208 19.01 -12.45 -27.65
C ALA A 208 18.78 -13.78 -28.39
N ILE A 209 17.55 -14.26 -28.44
CA ILE A 209 17.22 -15.48 -29.15
C ILE A 209 16.77 -15.04 -30.55
N TYR A 210 16.20 -13.85 -30.64
CA TYR A 210 15.76 -13.33 -31.92
C TYR A 210 16.98 -13.16 -32.80
N ASP A 211 18.04 -12.62 -32.23
CA ASP A 211 19.25 -12.42 -32.98
C ASP A 211 19.58 -13.71 -33.65
N ILE A 212 19.56 -14.79 -32.87
CA ILE A 212 19.86 -16.11 -33.42
C ILE A 212 18.93 -16.43 -34.59
N CYS A 213 17.69 -15.93 -34.53
CA CYS A 213 16.73 -16.19 -35.59
C CYS A 213 16.95 -15.30 -36.80
N ARG A 214 17.67 -14.21 -36.58
CA ARG A 214 17.97 -13.27 -37.63
C ARG A 214 19.34 -13.61 -38.22
N ARG A 215 20.33 -13.72 -37.35
CA ARG A 215 21.72 -13.99 -37.72
C ARG A 215 22.12 -15.44 -37.95
N ASN A 216 21.51 -16.37 -37.22
CA ASN A 216 21.88 -17.77 -37.38
C ASN A 216 20.76 -18.67 -37.84
N LEU A 217 19.99 -18.22 -38.81
CA LEU A 217 18.88 -19.02 -39.29
C LEU A 217 18.14 -18.21 -40.33
N ASP A 218 18.30 -16.90 -40.23
CA ASP A 218 17.70 -15.96 -41.16
C ASP A 218 16.18 -16.08 -41.27
N ILE A 219 15.49 -15.13 -40.65
CA ILE A 219 14.03 -15.04 -40.66
C ILE A 219 13.59 -13.85 -39.83
N GLU A 220 12.91 -12.89 -40.46
CA GLU A 220 12.45 -11.72 -39.74
C GLU A 220 11.00 -11.98 -39.36
N ARG A 221 10.59 -13.24 -39.57
CA ARG A 221 9.26 -13.72 -39.26
C ARG A 221 9.32 -14.76 -38.13
N PRO A 222 9.90 -14.38 -36.98
CA PRO A 222 9.96 -15.36 -35.89
C PRO A 222 8.74 -15.26 -34.99
N THR A 223 7.86 -16.24 -35.06
CA THR A 223 6.69 -16.26 -34.21
C THR A 223 7.14 -16.75 -32.86
N TYR A 224 6.40 -16.38 -31.82
CA TYR A 224 6.75 -16.82 -30.47
C TYR A 224 6.89 -18.32 -30.57
N THR A 225 6.03 -18.93 -31.37
CA THR A 225 6.04 -20.37 -31.57
C THR A 225 7.41 -20.89 -32.01
N ASN A 226 8.34 -19.99 -32.33
CA ASN A 226 9.66 -20.42 -32.73
C ASN A 226 10.61 -20.40 -31.55
N LEU A 227 10.72 -19.24 -30.92
CA LEU A 227 11.59 -19.11 -29.77
C LEU A 227 11.31 -20.29 -28.89
N ASN A 228 10.03 -20.67 -28.83
CA ASN A 228 9.63 -21.80 -28.02
C ASN A 228 10.24 -23.11 -28.53
N ARG A 229 10.31 -23.26 -29.85
CA ARG A 229 10.86 -24.46 -30.46
C ARG A 229 12.33 -24.53 -30.12
N LEU A 230 12.92 -23.36 -29.97
CA LEU A 230 14.32 -23.27 -29.64
C LEU A 230 14.56 -23.69 -28.21
N ILE A 231 14.05 -22.92 -27.26
CA ILE A 231 14.24 -23.33 -25.87
C ILE A 231 13.75 -24.76 -25.83
N GLY A 232 12.67 -24.99 -26.57
CA GLY A 232 12.08 -26.31 -26.65
C GLY A 232 13.12 -27.31 -27.05
N GLN A 233 14.26 -26.82 -27.55
CA GLN A 233 15.37 -27.66 -27.97
C GLN A 233 16.39 -27.73 -26.84
N ILE A 234 16.96 -26.57 -26.51
CA ILE A 234 17.96 -26.48 -25.46
C ILE A 234 17.49 -27.21 -24.21
N VAL A 235 16.18 -27.14 -23.94
CA VAL A 235 15.62 -27.82 -22.79
C VAL A 235 15.65 -29.32 -22.97
N SER A 236 15.37 -29.77 -24.20
CA SER A 236 15.35 -31.19 -24.47
C SER A 236 16.70 -31.80 -24.17
N SER A 237 17.73 -30.98 -24.27
CA SER A 237 19.10 -31.40 -24.03
C SER A 237 19.38 -31.51 -22.53
N ILE A 238 18.63 -30.75 -21.75
CA ILE A 238 18.78 -30.77 -20.31
C ILE A 238 18.18 -32.08 -19.82
N THR A 239 16.88 -32.09 -19.55
CA THR A 239 16.19 -33.26 -19.04
C THR A 239 16.13 -34.40 -20.02
N ALA A 240 15.11 -34.39 -20.87
CA ALA A 240 14.89 -35.43 -21.86
C ALA A 240 16.07 -36.41 -22.02
N SER A 241 16.97 -36.06 -22.94
CA SER A 241 18.14 -36.86 -23.28
C SER A 241 19.10 -37.18 -22.15
N LEU A 242 19.30 -36.25 -21.24
CA LEU A 242 20.22 -36.49 -20.15
C LEU A 242 19.73 -37.57 -19.20
N ARG A 243 18.47 -37.46 -18.79
CA ARG A 243 17.85 -38.44 -17.92
C ARG A 243 17.79 -39.74 -18.70
N PHE A 244 18.25 -39.65 -19.95
CA PHE A 244 18.30 -40.76 -20.90
C PHE A 244 19.76 -41.29 -20.94
N ASP A 245 19.91 -42.61 -20.86
CA ASP A 245 21.21 -43.29 -20.87
C ASP A 245 22.18 -42.68 -21.87
N GLY A 246 23.47 -42.91 -21.64
CA GLY A 246 24.47 -42.36 -22.54
C GLY A 246 25.87 -42.74 -22.12
N ALA A 247 26.87 -42.23 -22.84
CA ALA A 247 28.26 -42.56 -22.55
C ALA A 247 28.86 -41.73 -21.43
N LEU A 248 28.12 -40.72 -20.95
CA LEU A 248 28.60 -39.88 -19.86
C LEU A 248 27.48 -39.18 -19.08
N ASN A 249 26.43 -39.93 -18.77
CA ASN A 249 25.28 -39.44 -18.04
C ASN A 249 25.54 -38.30 -17.06
N VAL A 250 24.53 -37.44 -16.91
CA VAL A 250 24.58 -36.30 -16.01
C VAL A 250 23.20 -36.10 -15.36
N ASP A 251 23.11 -36.45 -14.09
CA ASP A 251 21.88 -36.33 -13.31
C ASP A 251 21.51 -34.85 -13.08
N LEU A 252 20.29 -34.58 -12.64
CA LEU A 252 19.90 -33.19 -12.39
C LEU A 252 20.75 -32.66 -11.27
N THR A 253 20.84 -33.41 -10.19
CA THR A 253 21.65 -32.97 -9.07
C THR A 253 22.97 -32.52 -9.70
N GLU A 254 23.60 -33.43 -10.45
CA GLU A 254 24.87 -33.17 -11.12
C GLU A 254 25.01 -31.69 -11.44
N PHE A 255 24.02 -31.15 -12.13
CA PHE A 255 24.03 -29.76 -12.51
C PHE A 255 24.40 -28.90 -11.33
N GLN A 256 23.38 -28.51 -10.58
CA GLN A 256 23.57 -27.66 -9.43
C GLN A 256 24.92 -27.90 -8.76
N THR A 257 25.35 -29.15 -8.65
CA THR A 257 26.64 -29.45 -8.02
C THR A 257 27.77 -28.90 -8.88
N ASN A 258 27.88 -29.40 -10.10
CA ASN A 258 28.93 -28.97 -11.01
C ASN A 258 28.69 -27.57 -11.59
N LEU A 259 27.49 -27.02 -11.34
CA LEU A 259 27.13 -25.70 -11.88
C LEU A 259 26.98 -24.48 -10.96
N VAL A 260 26.71 -24.70 -9.68
CA VAL A 260 26.59 -23.53 -8.81
C VAL A 260 27.73 -23.51 -7.79
N PRO A 261 28.49 -22.42 -7.79
CA PRO A 261 29.59 -22.34 -6.84
C PRO A 261 29.06 -21.84 -5.54
N TYR A 262 27.94 -21.12 -5.58
CA TYR A 262 27.37 -20.57 -4.35
C TYR A 262 25.86 -20.55 -4.23
N PRO A 263 25.35 -20.85 -3.04
CA PRO A 263 23.93 -20.90 -2.67
C PRO A 263 22.98 -19.99 -3.41
N ARG A 264 23.42 -18.82 -3.83
CA ARG A 264 22.49 -17.97 -4.56
C ARG A 264 22.02 -18.91 -5.68
N GLY A 265 20.70 -19.06 -5.82
CA GLY A 265 20.12 -19.95 -6.83
C GLY A 265 20.69 -19.74 -8.22
N HIS A 266 21.96 -19.36 -8.23
CA HIS A 266 22.72 -19.05 -9.42
C HIS A 266 22.10 -19.43 -10.73
N PHE A 267 22.21 -18.48 -11.65
CA PHE A 267 21.60 -18.57 -12.93
C PHE A 267 22.55 -18.77 -14.10
N PRO A 268 22.70 -20.00 -14.58
CA PRO A 268 23.57 -20.15 -15.74
C PRO A 268 22.80 -19.72 -17.00
N LEU A 269 23.44 -19.77 -18.16
CA LEU A 269 22.82 -19.38 -19.44
C LEU A 269 22.74 -20.58 -20.37
N ALA A 270 21.67 -20.69 -21.15
CA ALA A 270 21.56 -21.81 -22.08
C ALA A 270 22.08 -21.44 -23.45
N THR A 271 22.76 -22.38 -24.10
CA THR A 271 23.34 -22.14 -25.42
C THR A 271 23.23 -23.42 -26.23
N TYR A 272 23.02 -23.29 -27.53
CA TYR A 272 22.93 -24.48 -28.34
C TYR A 272 23.93 -24.34 -29.47
N ALA A 273 24.44 -25.46 -30.00
CA ALA A 273 25.42 -25.30 -31.07
C ALA A 273 24.92 -25.33 -32.51
N PRO A 274 24.51 -26.52 -33.00
CA PRO A 274 24.05 -26.51 -34.40
C PRO A 274 22.74 -25.80 -34.60
N VAL A 275 22.78 -24.47 -34.60
CA VAL A 275 21.59 -23.68 -34.78
C VAL A 275 21.63 -23.26 -36.22
N ILE A 276 21.83 -24.21 -37.12
CA ILE A 276 21.89 -23.88 -38.53
C ILE A 276 20.50 -24.03 -39.18
N SER A 277 20.26 -23.29 -40.25
CA SER A 277 18.99 -23.29 -40.95
C SER A 277 18.72 -24.49 -41.85
N ALA A 278 17.55 -25.12 -41.72
CA ALA A 278 17.24 -26.28 -42.55
C ALA A 278 16.70 -25.91 -43.90
N GLU A 279 17.43 -25.06 -44.60
CA GLU A 279 17.02 -24.65 -45.94
C GLU A 279 18.14 -23.93 -46.60
N LYS A 280 18.52 -22.81 -45.99
CA LYS A 280 19.59 -21.99 -46.53
C LYS A 280 20.87 -22.73 -46.73
N ALA A 281 21.83 -22.42 -45.87
CA ALA A 281 23.15 -23.01 -45.90
C ALA A 281 23.11 -24.47 -45.53
N TYR A 282 24.17 -25.18 -45.89
CA TYR A 282 24.30 -26.57 -45.56
C TYR A 282 25.69 -27.09 -45.52
N HIS A 283 26.24 -27.00 -44.33
CA HIS A 283 27.57 -27.50 -44.09
C HIS A 283 27.32 -28.47 -42.94
N GLU A 284 26.05 -28.60 -42.53
CA GLU A 284 25.62 -29.51 -41.45
C GLU A 284 26.81 -30.27 -40.84
N GLN A 285 27.38 -31.22 -41.58
CA GLN A 285 28.53 -32.02 -41.12
C GLN A 285 29.60 -31.11 -40.57
N LEU A 286 29.39 -30.71 -39.33
CA LEU A 286 30.28 -29.79 -38.67
C LEU A 286 30.88 -30.45 -37.43
N SER A 287 31.81 -31.39 -37.65
CA SER A 287 32.42 -32.13 -36.56
C SER A 287 32.54 -31.35 -35.27
N VAL A 288 32.48 -32.09 -34.17
CA VAL A 288 32.57 -31.56 -32.82
C VAL A 288 33.43 -30.31 -32.80
N ALA A 289 34.71 -30.50 -33.10
CA ALA A 289 35.68 -29.43 -33.11
C ALA A 289 35.07 -28.09 -33.50
N GLU A 290 33.98 -28.12 -34.28
CA GLU A 290 33.34 -26.89 -34.71
C GLU A 290 32.18 -26.45 -33.84
N ILE A 291 31.20 -27.34 -33.67
CA ILE A 291 30.02 -27.05 -32.86
C ILE A 291 30.32 -26.58 -31.42
N THR A 292 31.48 -26.93 -30.89
CA THR A 292 31.85 -26.55 -29.55
C THR A 292 32.41 -25.16 -29.52
N ASN A 293 33.06 -24.77 -30.60
CA ASN A 293 33.63 -23.45 -30.66
C ASN A 293 32.48 -22.48 -30.86
N ALA A 294 31.43 -22.99 -31.50
CA ALA A 294 30.26 -22.19 -31.83
C ALA A 294 29.39 -21.90 -30.63
N CYS A 295 29.81 -22.36 -29.45
CA CYS A 295 29.03 -22.12 -28.26
C CYS A 295 29.54 -20.89 -27.54
N PHE A 296 30.85 -20.69 -27.56
CA PHE A 296 31.43 -19.54 -26.87
C PHE A 296 31.38 -18.21 -27.61
N GLU A 297 31.12 -18.24 -28.91
CA GLU A 297 31.01 -16.97 -29.61
C GLU A 297 29.70 -16.44 -29.06
N PRO A 298 29.73 -15.22 -28.53
CA PRO A 298 28.53 -14.60 -27.95
C PRO A 298 27.25 -14.51 -28.80
N ALA A 299 27.38 -14.63 -30.11
CA ALA A 299 26.21 -14.53 -30.96
C ALA A 299 25.50 -15.85 -31.11
N ASN A 300 25.31 -16.56 -30.02
CA ASN A 300 24.64 -17.84 -30.13
C ASN A 300 24.29 -18.39 -28.77
N GLN A 301 23.89 -17.51 -27.87
CA GLN A 301 23.64 -17.99 -26.54
C GLN A 301 22.31 -17.75 -25.85
N MET A 302 21.29 -17.47 -26.61
CA MET A 302 19.99 -17.28 -25.99
C MET A 302 20.05 -16.39 -24.75
N VAL A 303 20.83 -15.33 -24.81
CA VAL A 303 20.96 -14.39 -23.70
C VAL A 303 21.82 -13.19 -24.06
N LYS A 304 21.25 -12.00 -23.91
CA LYS A 304 21.93 -10.75 -24.23
C LYS A 304 22.93 -10.41 -23.14
N CYS A 305 23.75 -11.39 -22.79
CA CYS A 305 24.74 -11.20 -21.74
C CYS A 305 26.12 -11.46 -22.33
N ASP A 306 26.29 -11.05 -23.58
CA ASP A 306 27.55 -11.20 -24.31
C ASP A 306 28.70 -11.21 -23.30
N PRO A 307 29.59 -12.24 -23.33
CA PRO A 307 30.71 -12.29 -22.38
C PRO A 307 31.58 -11.05 -22.44
N ARG A 308 30.93 -9.92 -22.18
CA ARG A 308 31.52 -8.59 -22.18
C ARG A 308 32.67 -8.47 -21.17
N HIS A 309 32.80 -9.49 -20.34
CA HIS A 309 33.87 -9.53 -19.33
C HIS A 309 33.63 -10.71 -18.40
N GLY A 310 32.36 -11.07 -18.28
CA GLY A 310 31.98 -12.17 -17.41
C GLY A 310 32.78 -13.44 -17.61
N LYS A 311 33.60 -13.75 -16.63
CA LYS A 311 34.43 -14.94 -16.66
C LYS A 311 33.55 -16.14 -16.36
N TYR A 312 33.64 -17.16 -17.20
CA TYR A 312 32.87 -18.36 -16.94
C TYR A 312 33.39 -18.88 -15.61
N MET A 313 32.62 -19.70 -14.92
CA MET A 313 33.06 -20.26 -13.67
C MET A 313 32.63 -21.71 -13.58
N ALA A 314 32.02 -22.19 -14.65
CA ALA A 314 31.56 -23.57 -14.72
C ALA A 314 30.62 -23.73 -15.89
N CYS A 315 30.94 -24.68 -16.77
CA CYS A 315 30.11 -24.94 -17.93
C CYS A 315 29.80 -26.42 -17.98
N CYS A 316 28.58 -26.76 -18.39
CA CYS A 316 28.15 -28.14 -18.46
C CYS A 316 27.89 -28.46 -19.90
N LEU A 317 28.94 -28.85 -20.62
CA LEU A 317 28.78 -29.15 -22.02
C LEU A 317 28.03 -30.42 -22.29
N LEU A 318 26.73 -30.31 -22.51
CA LEU A 318 25.92 -31.48 -22.81
C LEU A 318 25.93 -31.73 -24.31
N TYR A 319 26.52 -32.84 -24.71
CA TYR A 319 26.58 -33.21 -26.11
C TYR A 319 25.59 -34.32 -26.32
N ARG A 320 25.19 -34.51 -27.56
CA ARG A 320 24.23 -35.55 -27.90
C ARG A 320 24.50 -35.94 -29.35
N GLY A 321 24.34 -37.22 -29.66
CA GLY A 321 24.59 -37.67 -31.01
C GLY A 321 25.91 -38.39 -31.11
N ASP A 322 26.48 -38.49 -32.32
CA ASP A 322 27.75 -39.18 -32.51
C ASP A 322 28.96 -38.34 -32.12
N VAL A 323 29.46 -38.59 -30.91
CA VAL A 323 30.60 -37.86 -30.38
C VAL A 323 31.63 -38.76 -29.66
N VAL A 324 32.88 -38.67 -30.11
CA VAL A 324 33.97 -39.45 -29.53
C VAL A 324 34.55 -38.67 -28.37
N PRO A 325 34.50 -39.27 -27.17
CA PRO A 325 35.02 -38.65 -25.95
C PRO A 325 36.36 -37.95 -26.09
N LYS A 326 37.21 -38.44 -26.99
CA LYS A 326 38.51 -37.81 -27.20
C LYS A 326 38.26 -36.52 -27.95
N ASP A 327 37.38 -36.60 -28.94
CA ASP A 327 37.03 -35.42 -29.72
C ASP A 327 36.71 -34.29 -28.77
N VAL A 328 35.97 -34.64 -27.71
CA VAL A 328 35.59 -33.66 -26.70
C VAL A 328 36.78 -33.35 -25.82
N ASN A 329 37.33 -34.39 -25.21
CA ASN A 329 38.49 -34.25 -24.33
C ASN A 329 39.67 -33.88 -25.22
N ALA A 330 39.45 -32.82 -26.02
CA ALA A 330 40.44 -32.27 -26.94
C ALA A 330 39.90 -30.95 -27.45
N ALA A 331 38.66 -31.00 -27.92
CA ALA A 331 37.99 -29.82 -28.42
C ALA A 331 37.87 -28.85 -27.24
N ILE A 332 37.72 -29.42 -26.06
CA ILE A 332 37.61 -28.62 -24.85
C ILE A 332 39.00 -28.19 -24.41
N ALA A 333 39.98 -29.08 -24.60
CA ALA A 333 41.37 -28.78 -24.25
C ALA A 333 41.80 -27.56 -25.04
N THR A 334 41.54 -27.59 -26.33
CA THR A 334 41.90 -26.47 -27.21
C THR A 334 41.31 -25.17 -26.63
N ILE A 335 40.07 -25.26 -26.16
CA ILE A 335 39.39 -24.11 -25.59
C ILE A 335 40.08 -23.68 -24.30
N LYS A 336 40.24 -24.60 -23.37
CA LYS A 336 40.88 -24.28 -22.09
C LYS A 336 42.14 -23.45 -22.27
N THR A 337 42.68 -23.44 -23.48
CA THR A 337 43.90 -22.69 -23.74
C THR A 337 43.76 -21.58 -24.77
N LYS A 338 42.57 -21.01 -24.86
CA LYS A 338 42.31 -19.91 -25.80
C LYS A 338 42.47 -18.60 -25.03
N ARG A 339 42.51 -18.74 -23.69
CA ARG A 339 42.67 -17.62 -22.76
C ARG A 339 41.71 -16.45 -22.93
N THR A 340 41.46 -16.04 -24.17
CA THR A 340 40.55 -14.94 -24.42
C THR A 340 39.15 -15.38 -23.94
N ILE A 341 39.08 -16.61 -23.42
CA ILE A 341 37.85 -17.18 -22.90
C ILE A 341 37.94 -17.25 -21.37
N GLN A 342 38.94 -16.56 -20.84
CA GLN A 342 39.22 -16.45 -19.41
C GLN A 342 38.18 -17.02 -18.44
N PHE A 343 38.56 -18.10 -17.74
CA PHE A 343 37.71 -18.74 -16.73
C PHE A 343 38.09 -18.17 -15.39
N VAL A 344 37.22 -18.30 -14.40
CA VAL A 344 37.54 -17.74 -13.10
C VAL A 344 38.87 -18.27 -12.58
N ASP A 345 39.40 -17.59 -11.58
CA ASP A 345 40.68 -17.95 -10.96
C ASP A 345 40.52 -19.20 -10.12
N TRP A 346 39.77 -19.04 -9.03
CA TRP A 346 39.52 -20.10 -8.08
C TRP A 346 38.96 -21.35 -8.72
N CYS A 347 38.99 -21.40 -10.03
CA CYS A 347 38.47 -22.56 -10.71
C CYS A 347 39.46 -23.10 -11.71
N PRO A 348 40.11 -24.22 -11.37
CA PRO A 348 41.08 -24.87 -12.23
C PRO A 348 40.41 -25.29 -13.50
N THR A 349 39.57 -26.30 -13.33
CA THR A 349 38.79 -26.89 -14.41
C THR A 349 37.30 -26.82 -14.05
N GLY A 350 36.56 -26.22 -14.95
CA GLY A 350 35.11 -26.04 -14.83
C GLY A 350 34.43 -26.42 -16.14
N PHE A 351 34.51 -27.70 -16.44
CA PHE A 351 33.95 -28.25 -17.68
C PHE A 351 33.37 -29.64 -17.46
N LYS A 352 32.08 -29.65 -17.23
CA LYS A 352 31.31 -30.90 -17.03
C LYS A 352 30.86 -31.39 -18.41
N VAL A 353 31.56 -32.41 -18.87
CA VAL A 353 31.28 -33.01 -20.18
C VAL A 353 30.20 -34.09 -20.06
N GLY A 354 29.05 -33.74 -20.61
CA GLY A 354 27.88 -34.62 -20.62
C GLY A 354 27.65 -35.13 -22.04
N ILE A 355 27.80 -36.43 -22.19
CA ILE A 355 27.64 -37.10 -23.48
C ILE A 355 26.44 -38.04 -23.46
N ASN A 356 25.59 -37.80 -24.44
CA ASN A 356 24.39 -38.60 -24.68
C ASN A 356 24.59 -39.31 -26.02
N TYR A 357 23.70 -40.23 -26.33
CA TYR A 357 23.82 -41.00 -27.57
C TYR A 357 22.94 -40.42 -28.67
N GLU A 358 21.66 -40.69 -28.55
CA GLU A 358 20.64 -40.26 -29.53
C GLU A 358 20.88 -38.81 -29.98
N PRO A 359 21.09 -38.57 -31.28
CA PRO A 359 21.29 -37.22 -31.79
C PRO A 359 20.06 -36.38 -31.51
N PRO A 360 20.09 -35.04 -31.76
CA PRO A 360 18.92 -34.19 -31.52
C PRO A 360 17.73 -34.65 -32.37
N THR A 361 16.61 -33.95 -32.24
CA THR A 361 15.42 -34.29 -33.00
C THR A 361 14.66 -33.03 -33.33
N VAL A 362 14.85 -32.57 -34.55
CA VAL A 362 14.24 -31.36 -35.06
C VAL A 362 12.81 -31.53 -35.54
N VAL A 363 12.03 -30.48 -35.35
CA VAL A 363 10.64 -30.47 -35.78
C VAL A 363 10.65 -30.87 -37.25
N PRO A 364 9.72 -31.75 -37.66
CA PRO A 364 9.58 -32.25 -39.02
C PRO A 364 9.82 -31.20 -40.10
N GLY A 365 9.26 -30.01 -39.90
CA GLY A 365 9.40 -28.97 -40.88
C GLY A 365 9.34 -27.55 -40.37
N GLY A 366 10.00 -27.28 -39.26
CA GLY A 366 10.01 -25.93 -38.71
C GLY A 366 11.03 -25.12 -39.50
N ASP A 367 12.20 -24.94 -38.90
CA ASP A 367 13.28 -24.20 -39.54
C ASP A 367 14.64 -24.57 -38.95
N LEU A 368 14.64 -25.60 -38.11
CA LEU A 368 15.88 -26.07 -37.48
C LEU A 368 16.56 -27.06 -38.41
N ALA A 369 17.84 -26.79 -38.68
CA ALA A 369 18.65 -27.63 -39.57
C ALA A 369 18.34 -29.12 -39.51
N LYS A 370 18.86 -29.75 -38.47
CA LYS A 370 18.75 -31.18 -38.18
C LYS A 370 20.10 -31.85 -38.46
N VAL A 371 20.98 -31.70 -37.48
CA VAL A 371 22.33 -32.23 -37.53
C VAL A 371 22.35 -33.58 -36.83
N GLN A 372 23.51 -34.21 -36.77
CA GLN A 372 23.68 -35.49 -36.10
C GLN A 372 24.60 -35.33 -34.90
N ARG A 373 24.44 -34.21 -34.20
CA ARG A 373 25.22 -33.93 -33.03
C ARG A 373 25.04 -32.45 -32.69
N ALA A 374 24.95 -32.15 -31.39
CA ALA A 374 24.75 -30.79 -30.92
C ALA A 374 25.37 -30.60 -29.56
N VAL A 375 25.53 -29.33 -29.18
CA VAL A 375 26.13 -28.94 -27.89
C VAL A 375 25.29 -27.91 -27.15
N CYS A 376 24.54 -28.37 -26.16
CA CYS A 376 23.71 -27.49 -25.34
C CYS A 376 24.52 -27.20 -24.10
N MET A 377 25.37 -26.19 -24.20
CA MET A 377 26.23 -25.81 -23.11
C MET A 377 25.58 -24.70 -22.33
N LEU A 378 25.53 -24.88 -21.02
CA LEU A 378 24.97 -23.89 -20.14
C LEU A 378 26.07 -23.56 -19.17
N SER A 379 25.99 -22.39 -18.54
CA SER A 379 27.04 -21.99 -17.62
C SER A 379 26.74 -20.78 -16.77
N ASN A 380 27.54 -20.63 -15.72
CA ASN A 380 27.44 -19.49 -14.83
C ASN A 380 28.58 -18.60 -15.31
N THR A 381 28.24 -17.37 -15.66
CA THR A 381 29.23 -16.43 -16.16
C THR A 381 29.12 -15.15 -15.37
N THR A 382 30.26 -14.63 -14.94
CA THR A 382 30.29 -13.37 -14.21
C THR A 382 29.67 -12.30 -15.09
N ALA A 383 29.22 -12.73 -16.27
CA ALA A 383 28.63 -11.85 -17.23
C ALA A 383 27.33 -11.28 -16.77
N ILE A 384 26.46 -12.12 -16.22
CA ILE A 384 25.17 -11.62 -15.79
C ILE A 384 25.31 -10.44 -14.83
N ALA A 385 26.52 -10.20 -14.35
CA ALA A 385 26.77 -9.05 -13.47
C ALA A 385 26.11 -7.90 -14.20
N GLU A 386 26.20 -7.98 -15.53
CA GLU A 386 25.58 -7.00 -16.41
C GLU A 386 24.08 -7.18 -16.31
N ALA A 387 23.54 -8.02 -17.18
CA ALA A 387 22.11 -8.32 -17.24
C ALA A 387 21.29 -8.00 -15.99
N TRP A 388 21.81 -8.33 -14.81
CA TRP A 388 21.11 -8.03 -13.57
C TRP A 388 21.18 -6.52 -13.37
N ALA A 389 22.39 -6.00 -13.47
CA ALA A 389 22.63 -4.57 -13.34
C ALA A 389 21.59 -3.81 -14.16
N ARG A 390 21.72 -3.91 -15.48
CA ARG A 390 20.82 -3.26 -16.42
C ARG A 390 19.33 -3.45 -16.14
N LEU A 391 18.98 -4.47 -15.38
CA LEU A 391 17.59 -4.74 -15.10
C LEU A 391 17.20 -4.14 -13.78
N ASP A 392 18.20 -3.96 -12.93
CA ASP A 392 18.00 -3.41 -11.61
C ASP A 392 17.80 -1.92 -11.78
N HIS A 393 18.73 -1.31 -12.50
CA HIS A 393 18.70 0.13 -12.79
C HIS A 393 17.30 0.48 -13.25
N LYS A 394 16.80 -0.23 -14.25
CA LYS A 394 15.44 -0.04 -14.77
C LYS A 394 14.51 0.27 -13.60
N PHE A 395 14.36 -0.75 -12.76
CA PHE A 395 13.54 -0.72 -11.57
C PHE A 395 13.57 0.62 -10.84
N ASP A 396 14.76 0.99 -10.39
CA ASP A 396 14.96 2.24 -9.68
C ASP A 396 14.26 3.39 -10.37
N LEU A 397 14.65 3.64 -11.61
CA LEU A 397 14.08 4.73 -12.34
C LEU A 397 12.61 4.89 -12.04
N MET A 398 11.85 3.80 -12.14
CA MET A 398 10.41 3.84 -11.88
C MET A 398 10.07 3.95 -10.41
N TYR A 399 10.69 3.10 -9.61
CA TYR A 399 10.44 3.14 -8.18
C TYR A 399 10.75 4.54 -7.71
N ALA A 400 11.81 5.11 -8.25
CA ALA A 400 12.23 6.44 -7.88
C ALA A 400 11.07 7.42 -7.97
N LYS A 401 10.01 7.03 -8.68
CA LYS A 401 8.82 7.87 -8.83
C LYS A 401 7.56 7.11 -8.46
N ARG A 402 7.75 5.92 -7.95
CA ARG A 402 6.67 5.07 -7.52
C ARG A 402 5.86 4.55 -8.69
N ALA A 403 6.07 5.13 -9.87
CA ALA A 403 5.34 4.73 -11.05
C ALA A 403 4.15 3.86 -10.68
N PHE A 404 4.06 2.68 -11.26
CA PHE A 404 2.91 1.80 -11.01
C PHE A 404 2.94 1.13 -9.66
N VAL A 405 3.31 1.87 -8.63
CA VAL A 405 3.36 1.27 -7.31
C VAL A 405 1.96 1.06 -6.76
N HIS A 406 1.11 2.05 -6.90
CA HIS A 406 -0.23 1.89 -6.34
C HIS A 406 -0.92 0.63 -6.81
N TRP A 407 -0.38 -0.01 -7.83
CA TRP A 407 -1.00 -1.20 -8.35
C TRP A 407 -0.68 -2.41 -7.55
N TYR A 408 0.42 -2.34 -6.81
CA TYR A 408 0.80 -3.49 -5.99
C TYR A 408 0.33 -3.29 -4.57
N VAL A 409 0.61 -2.11 -4.03
CA VAL A 409 0.22 -1.80 -2.68
C VAL A 409 -1.22 -2.22 -2.49
N GLY A 410 -2.06 -1.72 -3.38
CA GLY A 410 -3.47 -2.05 -3.32
C GLY A 410 -3.70 -3.52 -3.57
N GLU A 411 -2.62 -4.29 -3.55
CA GLU A 411 -2.72 -5.71 -3.77
C GLU A 411 -1.97 -6.50 -2.71
N GLY A 412 -1.90 -5.95 -1.51
CA GLY A 412 -1.22 -6.65 -0.43
C GLY A 412 0.28 -6.78 -0.53
N MET A 413 0.93 -5.62 -0.60
CA MET A 413 2.37 -5.49 -0.68
C MET A 413 2.66 -4.22 0.07
N GLU A 414 3.91 -3.79 0.12
CA GLU A 414 4.21 -2.59 0.86
C GLU A 414 5.47 -1.95 0.35
N GLU A 415 5.79 -0.76 0.87
CA GLU A 415 7.02 -0.09 0.47
C GLU A 415 8.15 -1.03 0.87
N GLY A 416 7.82 -1.95 1.77
CA GLY A 416 8.80 -2.91 2.23
C GLY A 416 9.24 -3.80 1.09
N GLU A 417 8.38 -4.75 0.73
CA GLU A 417 8.69 -5.69 -0.33
C GLU A 417 9.46 -5.12 -1.51
N PHE A 418 9.17 -3.90 -1.92
CA PHE A 418 9.91 -3.35 -3.05
C PHE A 418 11.31 -2.97 -2.55
N SER A 419 11.39 -1.91 -1.77
CA SER A 419 12.67 -1.45 -1.24
C SER A 419 13.51 -2.56 -0.65
N GLU A 420 12.87 -3.54 -0.03
CA GLU A 420 13.61 -4.61 0.60
C GLU A 420 13.97 -5.75 -0.35
N ALA A 421 13.50 -5.67 -1.59
CA ALA A 421 13.81 -6.69 -2.60
C ALA A 421 14.79 -6.06 -3.57
N ARG A 422 14.92 -4.76 -3.44
CA ARG A 422 15.85 -4.01 -4.25
C ARG A 422 17.18 -4.23 -3.55
N GLU A 423 17.22 -3.96 -2.25
CA GLU A 423 18.42 -4.18 -1.46
C GLU A 423 18.87 -5.60 -1.72
N ASP A 424 17.89 -6.50 -1.85
CA ASP A 424 18.16 -7.92 -2.10
C ASP A 424 19.10 -8.06 -3.28
N MET A 425 18.58 -7.76 -4.46
CA MET A 425 19.39 -7.86 -5.66
C MET A 425 20.67 -7.08 -5.56
N ALA A 426 20.66 -5.96 -4.86
CA ALA A 426 21.88 -5.16 -4.71
C ALA A 426 23.04 -6.11 -4.41
N ALA A 427 22.85 -6.97 -3.41
CA ALA A 427 23.87 -7.94 -3.00
C ALA A 427 23.96 -9.11 -3.95
N LEU A 428 23.40 -8.93 -5.14
CA LEU A 428 23.44 -9.95 -6.17
C LEU A 428 24.30 -9.35 -7.26
N GLU A 429 24.46 -8.03 -7.18
CA GLU A 429 25.29 -7.25 -8.09
C GLU A 429 26.69 -7.26 -7.49
N LYS A 430 26.76 -7.40 -6.17
CA LYS A 430 28.03 -7.44 -5.46
C LYS A 430 28.51 -8.88 -5.46
N ASP A 431 27.57 -9.80 -5.31
CA ASP A 431 27.88 -11.22 -5.29
C ASP A 431 28.52 -11.63 -6.61
N TYR A 432 27.79 -11.44 -7.70
CA TYR A 432 28.28 -11.79 -9.03
C TYR A 432 29.51 -11.00 -9.42
N GLU A 433 29.89 -10.06 -8.56
CA GLU A 433 31.07 -9.21 -8.78
C GLU A 433 32.23 -9.78 -7.98
N GLU A 434 31.98 -10.11 -6.73
CA GLU A 434 33.01 -10.65 -5.87
C GLU A 434 33.49 -12.05 -6.29
N VAL A 435 32.56 -12.94 -6.59
CA VAL A 435 32.91 -14.29 -6.98
C VAL A 435 33.75 -14.29 -8.25
N GLY A 436 34.04 -13.09 -8.76
CA GLY A 436 34.84 -12.97 -9.94
C GLY A 436 35.56 -11.63 -9.96
N VAL A 437 36.15 -11.28 -11.10
CA VAL A 437 36.85 -10.00 -11.27
C VAL A 437 38.00 -9.87 -10.26
N ASP A 438 38.03 -10.76 -9.27
CA ASP A 438 39.07 -10.72 -8.23
C ASP A 438 39.78 -12.05 -8.05
N SER A 439 41.03 -12.01 -7.61
CA SER A 439 41.81 -13.23 -7.41
C SER A 439 42.41 -13.33 -6.01
N ARG B 2 -14.22 -14.16 -18.23
CA ARG B 2 -14.33 -12.74 -17.74
C ARG B 2 -15.53 -12.08 -18.40
N GLU B 3 -15.84 -10.85 -17.99
CA GLU B 3 -16.98 -10.10 -18.53
C GLU B 3 -16.90 -8.58 -18.37
N ILE B 4 -17.87 -7.89 -18.95
CA ILE B 4 -17.99 -6.43 -18.89
C ILE B 4 -19.47 -6.07 -19.18
N VAL B 5 -19.89 -4.87 -18.79
CA VAL B 5 -21.25 -4.44 -19.09
C VAL B 5 -21.28 -2.97 -19.57
N HIS B 6 -21.42 -2.83 -20.87
CA HIS B 6 -21.45 -1.54 -21.54
C HIS B 6 -22.48 -0.63 -20.93
N ILE B 7 -22.26 0.68 -21.07
CA ILE B 7 -23.20 1.68 -20.55
C ILE B 7 -23.35 2.88 -21.52
N GLN B 8 -24.52 2.98 -22.15
CA GLN B 8 -24.84 4.04 -23.11
C GLN B 8 -25.47 5.30 -22.50
N ALA B 9 -24.69 6.07 -21.76
CA ALA B 9 -25.19 7.27 -21.12
C ALA B 9 -25.46 8.45 -22.06
N GLY B 10 -26.64 9.04 -21.94
CA GLY B 10 -26.97 10.17 -22.79
C GLY B 10 -27.35 9.77 -24.20
N GLN B 11 -27.49 10.75 -25.10
CA GLN B 11 -27.83 10.47 -26.49
C GLN B 11 -26.57 10.02 -27.20
N CYS B 12 -25.57 10.90 -27.21
CA CYS B 12 -24.33 10.57 -27.87
C CYS B 12 -23.90 9.19 -27.45
N GLY B 13 -23.51 9.06 -26.19
CA GLY B 13 -23.08 7.77 -25.68
C GLY B 13 -24.01 6.70 -26.19
N ASN B 14 -25.25 7.08 -26.42
CA ASN B 14 -26.24 6.14 -26.90
C ASN B 14 -26.07 5.94 -28.40
N GLN B 15 -26.14 7.03 -29.17
CA GLN B 15 -25.98 6.97 -30.62
C GLN B 15 -24.83 6.05 -30.94
N ILE B 16 -23.73 6.26 -30.23
CA ILE B 16 -22.51 5.46 -30.38
C ILE B 16 -22.76 3.99 -29.99
N GLY B 17 -23.60 3.79 -28.98
CA GLY B 17 -23.90 2.44 -28.58
C GLY B 17 -24.32 1.68 -29.83
N ALA B 18 -25.22 2.28 -30.58
CA ALA B 18 -25.70 1.66 -31.79
C ALA B 18 -24.57 1.32 -32.73
N LYS B 19 -23.52 2.14 -32.75
CA LYS B 19 -22.41 1.86 -33.65
C LYS B 19 -21.44 0.88 -33.01
N PHE B 20 -21.24 0.99 -31.70
CA PHE B 20 -20.34 0.07 -31.04
C PHE B 20 -20.90 -1.33 -31.09
N TRP B 21 -22.22 -1.43 -31.05
CA TRP B 21 -22.84 -2.74 -31.10
C TRP B 21 -23.08 -3.17 -32.52
N GLU B 22 -23.21 -2.19 -33.41
CA GLU B 22 -23.38 -2.49 -34.82
C GLU B 22 -22.17 -3.33 -35.16
N VAL B 23 -21.00 -2.75 -34.89
CA VAL B 23 -19.73 -3.40 -35.15
C VAL B 23 -19.59 -4.71 -34.40
N ILE B 24 -19.11 -4.59 -33.18
CA ILE B 24 -18.90 -5.69 -32.27
C ILE B 24 -19.69 -6.95 -32.60
N SER B 25 -20.97 -6.80 -32.89
CA SER B 25 -21.81 -7.94 -33.21
C SER B 25 -21.25 -8.69 -34.41
N ASP B 26 -21.06 -7.98 -35.52
CA ASP B 26 -20.51 -8.55 -36.75
C ASP B 26 -19.13 -9.16 -36.46
N GLU B 27 -18.45 -8.58 -35.47
CA GLU B 27 -17.13 -9.05 -35.03
C GLU B 27 -17.41 -10.17 -34.03
N HIS B 28 -18.61 -10.72 -34.11
CA HIS B 28 -19.03 -11.80 -33.25
C HIS B 28 -20.23 -12.52 -33.84
N GLY B 29 -20.46 -12.31 -35.13
CA GLY B 29 -21.55 -12.95 -35.86
C GLY B 29 -22.94 -13.00 -35.23
N ILE B 30 -23.35 -11.91 -34.59
CA ILE B 30 -24.65 -11.85 -33.97
C ILE B 30 -25.57 -10.91 -34.74
N ASP B 31 -26.52 -11.52 -35.46
CA ASP B 31 -27.49 -10.80 -36.27
C ASP B 31 -28.52 -10.17 -35.34
N PRO B 32 -29.21 -9.10 -35.79
CA PRO B 32 -30.23 -8.42 -34.98
C PRO B 32 -30.64 -9.21 -33.74
N THR B 33 -31.59 -10.14 -33.91
CA THR B 33 -32.03 -10.97 -32.80
C THR B 33 -31.44 -12.36 -33.00
N GLY B 34 -30.93 -12.59 -34.21
CA GLY B 34 -30.33 -13.87 -34.54
C GLY B 34 -29.28 -14.30 -33.54
N SER B 35 -28.56 -15.36 -33.86
CA SER B 35 -27.53 -15.87 -32.97
C SER B 35 -26.14 -15.68 -33.53
N TYR B 36 -25.34 -16.72 -33.37
CA TYR B 36 -23.97 -16.72 -33.83
C TYR B 36 -23.82 -17.37 -35.22
N HIS B 37 -23.79 -16.52 -36.25
CA HIS B 37 -23.61 -16.99 -37.64
C HIS B 37 -22.12 -17.06 -37.91
N GLY B 38 -21.35 -16.57 -36.93
CA GLY B 38 -19.90 -16.54 -36.99
C GLY B 38 -19.23 -17.33 -38.09
N ASP B 39 -18.56 -16.61 -38.98
CA ASP B 39 -17.85 -17.23 -40.09
C ASP B 39 -16.91 -18.29 -39.50
N SER B 40 -16.46 -18.05 -38.27
CA SER B 40 -15.55 -18.97 -37.60
C SER B 40 -16.21 -19.62 -36.38
N ASP B 41 -15.39 -20.14 -35.48
CA ASP B 41 -15.85 -20.81 -34.27
C ASP B 41 -15.20 -20.16 -33.05
N LEU B 42 -14.24 -19.29 -33.31
CA LEU B 42 -13.50 -18.59 -32.26
C LEU B 42 -14.21 -17.33 -31.76
N GLN B 43 -15.08 -16.77 -32.59
CA GLN B 43 -15.82 -15.56 -32.23
C GLN B 43 -16.96 -15.90 -31.28
N LEU B 44 -16.82 -17.00 -30.56
CA LEU B 44 -17.87 -17.46 -29.67
C LEU B 44 -17.43 -17.94 -28.29
N GLU B 45 -16.25 -18.54 -28.22
CA GLU B 45 -15.73 -19.06 -26.97
C GLU B 45 -15.52 -17.98 -25.90
N ARG B 46 -15.56 -16.73 -26.31
CA ARG B 46 -15.34 -15.64 -25.37
C ARG B 46 -16.43 -14.55 -25.41
N ILE B 47 -17.45 -14.73 -26.24
CA ILE B 47 -18.50 -13.71 -26.33
C ILE B 47 -19.00 -13.23 -24.99
N ASN B 48 -19.36 -14.17 -24.13
CA ASN B 48 -19.89 -13.87 -22.79
C ASN B 48 -19.54 -12.47 -22.35
N VAL B 49 -18.29 -12.07 -22.53
CA VAL B 49 -17.84 -10.73 -22.17
C VAL B 49 -18.88 -9.63 -22.45
N TYR B 50 -19.73 -9.82 -23.46
CA TYR B 50 -20.73 -8.83 -23.83
C TYR B 50 -22.17 -9.31 -23.98
N TYR B 51 -22.44 -10.59 -23.76
CA TYR B 51 -23.80 -11.08 -23.93
C TYR B 51 -24.32 -11.96 -22.81
N ASN B 52 -25.49 -12.56 -23.03
CA ASN B 52 -26.10 -13.46 -22.05
C ASN B 52 -26.89 -14.58 -22.73
N GLU B 53 -26.86 -15.76 -22.12
CA GLU B 53 -27.56 -16.93 -22.66
C GLU B 53 -28.97 -17.08 -22.09
N ALA B 54 -29.96 -17.02 -22.97
CA ALA B 54 -31.37 -17.18 -22.57
C ALA B 54 -32.04 -18.22 -23.45
N ALA B 55 -32.32 -17.83 -24.70
CA ALA B 55 -32.96 -18.73 -25.64
C ALA B 55 -31.97 -19.80 -26.11
N GLY B 56 -31.16 -19.45 -27.11
CA GLY B 56 -30.18 -20.38 -27.65
C GLY B 56 -29.72 -19.88 -29.00
N ASN B 57 -30.29 -18.73 -29.38
CA ASN B 57 -30.00 -18.05 -30.63
C ASN B 57 -30.05 -16.57 -30.31
N LYS B 58 -30.43 -16.27 -29.07
CA LYS B 58 -30.53 -14.90 -28.64
C LYS B 58 -29.53 -14.53 -27.55
N TYR B 59 -28.35 -14.10 -27.98
CA TYR B 59 -27.31 -13.66 -27.07
C TYR B 59 -27.54 -12.16 -27.06
N VAL B 60 -28.11 -11.65 -25.96
CA VAL B 60 -28.40 -10.23 -25.87
C VAL B 60 -27.32 -9.36 -25.28
N PRO B 61 -26.97 -8.27 -25.97
CA PRO B 61 -25.94 -7.36 -25.48
C PRO B 61 -26.25 -6.96 -24.04
N ARG B 62 -25.22 -7.04 -23.21
CA ARG B 62 -25.34 -6.71 -21.80
C ARG B 62 -24.84 -5.30 -21.55
N ALA B 63 -25.62 -4.33 -22.00
CA ALA B 63 -25.30 -2.92 -21.84
C ALA B 63 -26.46 -2.21 -21.18
N ILE B 64 -26.30 -0.92 -20.90
CA ILE B 64 -27.37 -0.16 -20.30
C ILE B 64 -27.61 1.06 -21.17
N LEU B 65 -28.87 1.42 -21.36
CA LEU B 65 -29.22 2.60 -22.17
C LEU B 65 -29.91 3.62 -21.28
N VAL B 66 -29.12 4.58 -20.83
CA VAL B 66 -29.57 5.63 -19.94
C VAL B 66 -29.75 6.96 -20.68
N ASP B 67 -30.95 7.53 -20.58
CA ASP B 67 -31.26 8.79 -21.26
C ASP B 67 -32.60 9.39 -20.82
N LEU B 68 -32.62 10.71 -20.68
CA LEU B 68 -33.82 11.44 -20.25
C LEU B 68 -34.62 12.00 -21.41
N GLU B 69 -34.27 11.59 -22.62
CA GLU B 69 -34.94 12.04 -23.84
C GLU B 69 -35.45 10.79 -24.54
N PRO B 70 -36.76 10.58 -24.52
CA PRO B 70 -37.27 9.39 -25.19
C PRO B 70 -36.83 9.28 -26.65
N GLY B 71 -37.32 10.18 -27.50
CA GLY B 71 -36.97 10.18 -28.92
C GLY B 71 -35.66 9.49 -29.29
N THR B 72 -34.61 9.75 -28.52
CA THR B 72 -33.30 9.14 -28.80
C THR B 72 -33.37 7.63 -28.77
N MET B 73 -33.42 7.05 -27.58
CA MET B 73 -33.48 5.60 -27.44
C MET B 73 -34.59 5.01 -28.31
N ASP B 74 -35.56 5.85 -28.65
CA ASP B 74 -36.69 5.44 -29.50
C ASP B 74 -36.34 5.59 -30.97
N SER B 75 -35.07 5.85 -31.26
CA SER B 75 -34.57 5.97 -32.62
C SER B 75 -33.57 4.84 -32.76
N VAL B 76 -32.92 4.54 -31.64
CA VAL B 76 -31.95 3.48 -31.57
C VAL B 76 -32.69 2.16 -31.44
N ARG B 77 -33.87 2.21 -30.84
CA ARG B 77 -34.66 1.00 -30.66
C ARG B 77 -35.64 0.79 -31.82
N SER B 78 -35.77 1.79 -32.69
CA SER B 78 -36.68 1.68 -33.83
C SER B 78 -35.96 1.58 -35.17
N GLY B 79 -34.65 1.35 -35.14
CA GLY B 79 -33.89 1.23 -36.37
C GLY B 79 -33.33 -0.15 -36.63
N PRO B 80 -32.05 -0.25 -37.04
CA PRO B 80 -31.41 -1.54 -37.32
C PRO B 80 -31.35 -2.47 -36.10
N PHE B 81 -30.13 -2.75 -35.64
CA PHE B 81 -29.92 -3.62 -34.48
C PHE B 81 -30.70 -3.22 -33.24
N GLY B 82 -31.45 -2.14 -33.35
CA GLY B 82 -32.21 -1.66 -32.20
C GLY B 82 -33.08 -2.67 -31.47
N GLN B 83 -33.45 -3.76 -32.13
CA GLN B 83 -34.32 -4.74 -31.50
C GLN B 83 -33.60 -5.96 -30.93
N ILE B 84 -32.41 -5.76 -30.38
CA ILE B 84 -31.65 -6.86 -29.79
C ILE B 84 -31.51 -6.66 -28.28
N PHE B 85 -31.62 -5.42 -27.85
CA PHE B 85 -31.53 -5.10 -26.43
C PHE B 85 -32.83 -5.54 -25.76
N ARG B 86 -32.71 -6.21 -24.62
CA ARG B 86 -33.90 -6.61 -23.89
C ARG B 86 -34.44 -5.28 -23.39
N PRO B 87 -35.76 -5.04 -23.50
CA PRO B 87 -36.38 -3.79 -23.05
C PRO B 87 -35.97 -3.37 -21.64
N ASP B 88 -35.66 -4.35 -20.82
CA ASP B 88 -35.25 -4.13 -19.45
C ASP B 88 -34.04 -3.17 -19.44
N ASN B 89 -33.25 -3.23 -20.50
CA ASN B 89 -32.03 -2.41 -20.65
C ASN B 89 -32.31 -0.93 -20.76
N PHE B 90 -33.43 -0.57 -21.39
CA PHE B 90 -33.80 0.82 -21.57
C PHE B 90 -34.21 1.56 -20.30
N VAL B 91 -33.28 2.29 -19.70
CA VAL B 91 -33.63 3.05 -18.51
C VAL B 91 -33.80 4.49 -18.96
N PHE B 92 -35.02 4.80 -19.40
CA PHE B 92 -35.37 6.12 -19.90
C PHE B 92 -35.83 7.07 -18.80
N GLY B 93 -35.89 8.35 -19.14
CA GLY B 93 -36.35 9.36 -18.20
C GLY B 93 -37.14 10.33 -19.03
N GLN B 94 -38.41 10.02 -19.29
CA GLN B 94 -39.26 10.86 -20.12
C GLN B 94 -39.31 12.33 -19.70
N SER B 95 -38.67 12.64 -18.59
CA SER B 95 -38.61 14.01 -18.07
C SER B 95 -38.08 14.95 -19.14
N GLY B 96 -37.74 16.17 -18.76
CA GLY B 96 -37.18 17.11 -19.72
C GLY B 96 -35.68 16.90 -19.68
N ALA B 97 -35.12 16.19 -20.65
CA ALA B 97 -33.68 15.92 -20.67
C ALA B 97 -32.82 17.17 -20.84
N GLY B 98 -33.23 18.28 -20.21
CA GLY B 98 -32.50 19.53 -20.32
C GLY B 98 -31.01 19.37 -20.47
N ASN B 99 -30.41 20.27 -21.24
CA ASN B 99 -28.97 20.22 -21.51
C ASN B 99 -28.10 20.67 -20.34
N ASN B 100 -28.61 20.49 -19.13
CA ASN B 100 -27.90 20.91 -17.95
C ASN B 100 -27.28 19.76 -17.16
N TRP B 101 -25.97 19.85 -16.93
CA TRP B 101 -25.23 18.85 -16.17
C TRP B 101 -25.94 18.66 -14.84
N ALA B 102 -26.39 19.78 -14.29
CA ALA B 102 -27.07 19.79 -13.03
C ALA B 102 -28.44 19.17 -13.16
N LYS B 103 -29.05 19.26 -14.33
CA LYS B 103 -30.40 18.69 -14.48
C LYS B 103 -30.38 17.18 -14.64
N GLY B 104 -29.23 16.62 -14.99
CA GLY B 104 -29.15 15.18 -15.14
C GLY B 104 -28.26 14.52 -14.10
N HIS B 105 -27.81 15.30 -13.13
CA HIS B 105 -26.94 14.75 -12.10
C HIS B 105 -27.51 14.96 -10.72
N TYR B 106 -28.27 16.04 -10.52
CA TYR B 106 -28.85 16.31 -9.20
C TYR B 106 -30.35 16.31 -9.11
N THR B 107 -31.01 16.82 -10.14
CA THR B 107 -32.43 16.92 -10.08
C THR B 107 -33.23 15.94 -10.86
N GLU B 108 -32.96 15.83 -12.14
CA GLU B 108 -33.73 14.91 -12.94
C GLU B 108 -33.11 13.53 -12.96
N GLY B 109 -31.81 13.45 -13.24
CA GLY B 109 -31.16 12.15 -13.30
C GLY B 109 -31.12 11.40 -11.98
N ALA B 110 -30.90 12.14 -10.89
CA ALA B 110 -30.82 11.53 -9.58
C ALA B 110 -32.00 10.62 -9.27
N GLU B 111 -33.13 10.85 -9.92
CA GLU B 111 -34.29 10.02 -9.65
C GLU B 111 -34.17 8.72 -10.43
N LEU B 112 -33.93 8.85 -11.73
CA LEU B 112 -33.80 7.72 -12.63
C LEU B 112 -32.62 6.80 -12.30
N VAL B 113 -31.73 7.27 -11.45
CA VAL B 113 -30.54 6.51 -11.08
C VAL B 113 -30.83 5.16 -10.43
N ASP B 114 -31.59 5.17 -9.34
CA ASP B 114 -31.92 3.93 -8.64
C ASP B 114 -32.51 2.89 -9.58
N SER B 115 -33.34 3.32 -10.52
CA SER B 115 -33.95 2.40 -11.48
C SER B 115 -32.92 1.96 -12.52
N VAL B 116 -31.69 2.48 -12.41
CA VAL B 116 -30.62 2.12 -13.32
C VAL B 116 -29.78 1.14 -12.53
N LEU B 117 -29.19 1.63 -11.43
CA LEU B 117 -28.33 0.78 -10.59
C LEU B 117 -28.95 -0.60 -10.43
N ASP B 118 -30.28 -0.60 -10.35
CA ASP B 118 -31.07 -1.80 -10.20
C ASP B 118 -30.63 -2.78 -11.28
N VAL B 119 -30.69 -2.33 -12.52
CA VAL B 119 -30.31 -3.17 -13.64
C VAL B 119 -28.80 -3.40 -13.70
N VAL B 120 -28.00 -2.35 -13.51
CA VAL B 120 -26.54 -2.52 -13.55
C VAL B 120 -26.11 -3.62 -12.60
N ARG B 121 -27.01 -4.00 -11.68
CA ARG B 121 -26.75 -5.07 -10.71
C ARG B 121 -27.31 -6.36 -11.27
N LYS B 122 -28.44 -6.26 -11.95
CA LYS B 122 -29.03 -7.45 -12.54
C LYS B 122 -28.06 -8.01 -13.58
N GLU B 123 -27.34 -7.11 -14.25
CA GLU B 123 -26.39 -7.51 -15.28
C GLU B 123 -25.05 -7.93 -14.70
N SER B 124 -24.63 -7.27 -13.62
CA SER B 124 -23.36 -7.59 -12.99
C SER B 124 -23.43 -8.97 -12.36
N GLU B 125 -24.54 -9.23 -11.67
CA GLU B 125 -24.77 -10.50 -10.99
C GLU B 125 -25.26 -11.53 -12.00
N SER B 126 -25.02 -11.26 -13.27
CA SER B 126 -25.39 -12.16 -14.34
C SER B 126 -24.77 -13.49 -13.98
N CYS B 127 -23.52 -13.68 -14.40
CA CYS B 127 -22.81 -14.90 -14.11
C CYS B 127 -21.29 -14.73 -14.16
N ASP B 128 -20.60 -15.87 -14.04
CA ASP B 128 -19.15 -15.95 -14.04
C ASP B 128 -18.52 -14.81 -13.23
N CYS B 129 -17.45 -14.23 -13.74
CA CYS B 129 -16.75 -13.16 -13.05
C CYS B 129 -16.72 -11.86 -13.85
N LEU B 130 -17.11 -10.78 -13.21
CA LEU B 130 -17.14 -9.47 -13.83
C LEU B 130 -15.74 -8.84 -13.82
N GLN B 131 -15.44 -8.18 -14.92
CA GLN B 131 -14.15 -7.49 -15.12
C GLN B 131 -14.31 -5.99 -14.87
N GLY B 132 -15.22 -5.39 -15.64
CA GLY B 132 -15.49 -3.95 -15.54
C GLY B 132 -16.67 -3.56 -16.45
N PHE B 133 -16.90 -2.26 -16.53
CA PHE B 133 -17.97 -1.68 -17.35
C PHE B 133 -17.44 -0.64 -18.33
N GLN B 134 -17.99 -0.70 -19.53
CA GLN B 134 -17.70 0.25 -20.62
C GLN B 134 -18.70 1.39 -20.53
N LEU B 135 -18.21 2.60 -20.66
CA LEU B 135 -19.06 3.79 -20.54
C LEU B 135 -18.84 4.75 -21.70
N THR B 136 -19.92 4.98 -22.43
CA THR B 136 -19.94 5.91 -23.55
C THR B 136 -20.84 7.09 -23.22
N HIS B 137 -20.41 8.25 -23.67
CA HIS B 137 -21.14 9.50 -23.44
C HIS B 137 -20.32 10.69 -23.91
N SER B 138 -20.96 11.83 -23.83
CA SER B 138 -20.36 13.12 -24.21
C SER B 138 -20.37 14.03 -23.01
N LEU B 139 -19.27 14.72 -22.79
CA LEU B 139 -19.13 15.63 -21.68
C LEU B 139 -19.65 17.00 -22.02
N GLY B 140 -20.60 17.06 -22.93
CA GLY B 140 -21.17 18.34 -23.33
C GLY B 140 -22.69 18.36 -23.36
N GLY B 141 -23.31 17.84 -22.30
CA GLY B 141 -24.76 17.79 -22.20
C GLY B 141 -25.26 17.26 -20.87
N GLY B 142 -26.57 17.13 -20.73
CA GLY B 142 -27.14 16.65 -19.49
C GLY B 142 -26.99 15.16 -19.31
N THR B 143 -27.85 14.40 -19.95
CA THR B 143 -27.83 12.94 -19.86
C THR B 143 -26.46 12.31 -20.06
N GLY B 144 -25.53 13.09 -20.56
CA GLY B 144 -24.21 12.56 -20.82
C GLY B 144 -23.25 12.76 -19.68
N SER B 145 -22.83 14.01 -19.50
CA SER B 145 -21.88 14.35 -18.46
C SER B 145 -22.43 14.24 -17.05
N GLY B 146 -23.62 14.76 -16.83
CA GLY B 146 -24.21 14.72 -15.52
C GLY B 146 -24.68 13.35 -15.09
N MET B 147 -25.77 12.88 -15.69
CA MET B 147 -26.33 11.59 -15.34
C MET B 147 -25.43 10.38 -15.55
N GLY B 148 -24.56 10.42 -16.54
CA GLY B 148 -23.67 9.31 -16.80
C GLY B 148 -22.50 9.37 -15.83
N THR B 149 -22.14 10.58 -15.45
CA THR B 149 -21.04 10.78 -14.53
C THR B 149 -21.50 10.40 -13.15
N LEU B 150 -22.81 10.27 -12.98
CA LEU B 150 -23.34 9.86 -11.69
C LEU B 150 -23.35 8.33 -11.69
N LEU B 151 -23.86 7.78 -12.78
CA LEU B 151 -23.94 6.35 -12.93
C LEU B 151 -22.66 5.70 -12.52
N ILE B 152 -21.53 6.33 -12.81
CA ILE B 152 -20.26 5.74 -12.45
C ILE B 152 -19.94 5.95 -10.97
N SER B 153 -20.12 7.17 -10.49
CA SER B 153 -19.83 7.47 -9.09
C SER B 153 -20.53 6.46 -8.17
N LYS B 154 -21.61 5.88 -8.68
CA LYS B 154 -22.39 4.88 -7.96
C LYS B 154 -21.80 3.50 -8.24
N ILE B 155 -21.50 3.25 -9.50
CA ILE B 155 -20.89 1.98 -9.90
C ILE B 155 -19.61 1.77 -9.06
N ARG B 156 -18.73 2.78 -9.03
CA ARG B 156 -17.46 2.73 -8.30
C ARG B 156 -17.56 2.69 -6.78
N GLU B 157 -18.77 2.50 -6.28
CA GLU B 157 -19.00 2.45 -4.84
C GLU B 157 -19.52 1.06 -4.60
N GLU B 158 -20.06 0.50 -5.67
CA GLU B 158 -20.65 -0.82 -5.65
C GLU B 158 -19.65 -1.93 -5.98
N TYR B 159 -18.62 -1.61 -6.74
CA TYR B 159 -17.62 -2.61 -7.06
C TYR B 159 -16.28 -1.95 -7.31
N PRO B 160 -15.69 -1.34 -6.26
CA PRO B 160 -14.38 -0.67 -6.40
C PRO B 160 -13.28 -1.66 -6.80
N ASP B 161 -13.71 -2.84 -7.23
CA ASP B 161 -12.81 -3.90 -7.67
C ASP B 161 -12.82 -3.97 -9.19
N ARG B 162 -13.99 -4.16 -9.78
CA ARG B 162 -14.08 -4.25 -11.22
C ARG B 162 -13.65 -2.90 -11.81
N ILE B 163 -13.06 -2.94 -13.00
CA ILE B 163 -12.59 -1.73 -13.68
C ILE B 163 -13.68 -0.86 -14.30
N MET B 164 -13.25 0.30 -14.79
CA MET B 164 -14.14 1.28 -15.40
C MET B 164 -13.53 2.08 -16.55
N ASN B 165 -13.73 1.59 -17.76
CA ASN B 165 -13.22 2.26 -18.92
C ASN B 165 -14.25 3.30 -19.27
N THR B 166 -13.79 4.48 -19.62
CA THR B 166 -14.71 5.54 -19.98
C THR B 166 -14.34 6.08 -21.35
N PHE B 167 -15.34 6.11 -22.23
CA PHE B 167 -15.18 6.65 -23.57
C PHE B 167 -15.93 7.98 -23.60
N SER B 168 -15.16 9.07 -23.46
CA SER B 168 -15.71 10.41 -23.44
C SER B 168 -15.46 11.20 -24.73
N VAL B 169 -16.47 11.93 -25.13
CA VAL B 169 -16.38 12.74 -26.33
C VAL B 169 -16.13 14.17 -25.87
N VAL B 170 -14.95 14.39 -25.32
CA VAL B 170 -14.53 15.69 -24.86
C VAL B 170 -14.88 16.75 -25.90
N PRO B 171 -15.38 17.91 -25.46
CA PRO B 171 -15.78 19.05 -26.30
C PRO B 171 -14.71 19.46 -27.29
N SER B 172 -15.01 19.23 -28.57
CA SER B 172 -14.11 19.57 -29.65
C SER B 172 -13.78 21.05 -29.60
N PRO B 173 -12.56 21.43 -29.99
CA PRO B 173 -12.16 22.83 -29.98
C PRO B 173 -12.87 23.74 -31.00
N LYS B 174 -12.21 23.99 -32.13
CA LYS B 174 -12.74 24.85 -33.20
C LYS B 174 -14.19 25.30 -33.01
N VAL B 175 -15.13 24.36 -32.99
CA VAL B 175 -16.54 24.71 -32.82
C VAL B 175 -17.22 23.80 -31.80
N SER B 176 -17.97 24.39 -30.89
CA SER B 176 -18.68 23.63 -29.87
C SER B 176 -20.13 23.37 -30.26
N ASP B 177 -20.49 22.10 -30.31
CA ASP B 177 -21.83 21.70 -30.71
C ASP B 177 -22.87 21.98 -29.66
N THR B 178 -22.50 22.80 -28.70
CA THR B 178 -23.38 23.25 -27.61
C THR B 178 -22.80 24.56 -27.08
N VAL B 179 -23.48 25.20 -26.12
CA VAL B 179 -23.01 26.47 -25.63
C VAL B 179 -22.41 26.48 -24.24
N VAL B 180 -23.00 25.73 -23.33
CA VAL B 180 -22.49 25.69 -21.98
C VAL B 180 -21.37 24.66 -21.90
N GLU B 181 -21.28 23.85 -22.95
CA GLU B 181 -20.28 22.82 -23.11
C GLU B 181 -19.24 22.72 -21.98
N PRO B 182 -18.39 23.75 -21.79
CA PRO B 182 -17.39 23.70 -20.71
C PRO B 182 -17.97 23.50 -19.32
N TYR B 183 -19.24 23.87 -19.18
CA TYR B 183 -19.96 23.69 -17.92
C TYR B 183 -20.25 22.21 -17.76
N ASN B 184 -21.00 21.66 -18.69
CA ASN B 184 -21.32 20.24 -18.65
C ASN B 184 -20.03 19.40 -18.65
N ALA B 185 -18.97 19.92 -19.27
CA ALA B 185 -17.71 19.20 -19.36
C ALA B 185 -16.90 19.23 -18.08
N THR B 186 -16.35 20.40 -17.77
CA THR B 186 -15.56 20.54 -16.58
C THR B 186 -16.18 19.77 -15.43
N LEU B 187 -17.50 19.80 -15.35
CA LEU B 187 -18.20 19.09 -14.29
C LEU B 187 -18.16 17.58 -14.37
N SER B 188 -18.08 17.05 -15.58
CA SER B 188 -18.04 15.61 -15.74
C SER B 188 -16.63 15.05 -15.65
N VAL B 189 -15.64 15.78 -16.19
CA VAL B 189 -14.24 15.33 -16.12
C VAL B 189 -13.85 15.15 -14.65
N HIS B 190 -14.33 16.09 -13.85
CA HIS B 190 -14.16 16.12 -12.42
C HIS B 190 -14.50 14.73 -11.88
N GLN B 191 -15.74 14.29 -12.13
CA GLN B 191 -16.27 12.97 -11.71
C GLN B 191 -15.45 11.81 -12.25
N LEU B 192 -14.90 11.99 -13.45
CA LEU B 192 -14.10 10.98 -14.12
C LEU B 192 -12.76 10.75 -13.42
N VAL B 193 -12.00 11.84 -13.25
CA VAL B 193 -10.67 11.84 -12.61
C VAL B 193 -10.75 11.19 -11.25
N GLU B 194 -11.96 10.81 -10.85
CA GLU B 194 -12.12 10.27 -9.52
C GLU B 194 -13.01 9.07 -9.34
N ASN B 195 -13.22 8.33 -10.42
CA ASN B 195 -14.03 7.13 -10.38
C ASN B 195 -13.55 6.15 -11.44
N THR B 196 -13.85 6.36 -12.71
CA THR B 196 -13.35 5.45 -13.76
C THR B 196 -11.81 5.42 -13.72
N ASP B 197 -11.19 4.33 -14.16
CA ASP B 197 -9.72 4.26 -14.13
C ASP B 197 -9.04 4.06 -15.47
N GLU B 198 -9.78 4.34 -16.55
CA GLU B 198 -9.31 4.26 -17.93
C GLU B 198 -10.32 5.03 -18.78
N THR B 199 -9.88 6.15 -19.34
CA THR B 199 -10.75 6.99 -20.16
C THR B 199 -10.18 7.18 -21.54
N TYR B 200 -11.00 6.96 -22.55
CA TYR B 200 -10.58 7.16 -23.93
C TYR B 200 -11.35 8.34 -24.56
N CYS B 201 -10.71 9.50 -24.56
CA CYS B 201 -11.26 10.76 -25.07
C CYS B 201 -11.19 10.93 -26.58
N ILE B 202 -12.37 11.06 -27.18
CA ILE B 202 -12.50 11.21 -28.61
C ILE B 202 -13.05 12.61 -28.94
N ASP B 203 -12.62 13.18 -30.07
CA ASP B 203 -13.03 14.52 -30.48
C ASP B 203 -13.68 14.56 -31.86
N ASN B 204 -14.97 14.86 -31.89
CA ASN B 204 -15.70 14.91 -33.12
C ASN B 204 -14.96 15.57 -34.28
N GLU B 205 -14.06 16.50 -33.99
CA GLU B 205 -13.30 17.18 -35.06
C GLU B 205 -11.91 16.57 -35.30
N ALA B 206 -11.43 15.79 -34.35
CA ALA B 206 -10.16 15.13 -34.53
C ALA B 206 -10.50 13.99 -35.48
N LEU B 207 -11.75 13.56 -35.40
CA LEU B 207 -12.29 12.48 -36.23
C LEU B 207 -12.51 13.00 -37.64
N TYR B 208 -13.30 14.04 -37.77
CA TYR B 208 -13.54 14.62 -39.08
C TYR B 208 -12.21 14.59 -39.78
N ASP B 209 -11.27 15.40 -39.30
CA ASP B 209 -9.95 15.46 -39.90
C ASP B 209 -9.51 14.06 -40.29
N ILE B 210 -9.21 13.24 -39.30
CA ILE B 210 -8.77 11.89 -39.51
C ILE B 210 -9.72 11.08 -40.41
N CYS B 211 -10.90 11.63 -40.64
CA CYS B 211 -11.91 10.93 -41.44
C CYS B 211 -12.12 11.56 -42.81
N PHE B 212 -11.63 12.78 -42.98
CA PHE B 212 -11.78 13.49 -44.25
C PHE B 212 -10.45 13.61 -45.01
N ARG B 213 -9.36 13.30 -44.32
CA ARG B 213 -8.05 13.37 -44.99
C ARG B 213 -7.33 12.01 -44.93
N THR B 214 -7.71 11.17 -43.98
CA THR B 214 -7.10 9.85 -43.85
C THR B 214 -8.04 8.81 -44.44
N LEU B 215 -9.18 9.31 -44.88
CA LEU B 215 -10.24 8.58 -45.56
C LEU B 215 -10.74 9.73 -46.41
N LYS B 216 -10.38 9.73 -47.68
CA LYS B 216 -10.78 10.82 -48.56
C LYS B 216 -12.29 11.10 -48.43
N LEU B 217 -12.94 10.44 -47.48
CA LEU B 217 -14.36 10.60 -47.21
C LEU B 217 -14.78 12.07 -47.20
N THR B 218 -15.62 12.46 -48.16
CA THR B 218 -16.09 13.84 -48.30
C THR B 218 -17.32 14.21 -47.46
N THR B 219 -18.19 13.24 -47.20
CA THR B 219 -19.39 13.49 -46.39
C THR B 219 -19.40 12.61 -45.14
N PRO B 220 -18.53 12.91 -44.18
CA PRO B 220 -18.44 12.14 -42.95
C PRO B 220 -19.62 12.36 -42.02
N THR B 221 -20.67 11.58 -42.21
CA THR B 221 -21.84 11.69 -41.38
C THR B 221 -21.46 11.28 -39.95
N TYR B 222 -22.32 11.54 -38.98
CA TYR B 222 -22.02 11.14 -37.61
C TYR B 222 -21.81 9.64 -37.59
N GLY B 223 -22.79 8.92 -38.15
CA GLY B 223 -22.71 7.47 -38.18
C GLY B 223 -21.27 7.03 -38.38
N ASP B 224 -20.58 7.71 -39.27
CA ASP B 224 -19.20 7.40 -39.57
C ASP B 224 -18.35 7.61 -38.33
N LEU B 225 -18.16 8.86 -37.95
CA LEU B 225 -17.35 9.17 -36.78
C LEU B 225 -17.56 8.06 -35.76
N ASN B 226 -18.82 7.91 -35.36
CA ASN B 226 -19.20 6.90 -34.39
C ASN B 226 -18.57 5.57 -34.79
N HIS B 227 -18.80 5.19 -36.03
CA HIS B 227 -18.29 3.95 -36.56
C HIS B 227 -16.77 3.82 -36.37
N LEU B 228 -16.04 4.88 -36.66
CA LEU B 228 -14.59 4.86 -36.49
C LEU B 228 -14.22 4.61 -35.03
N VAL B 229 -14.86 5.37 -34.16
CA VAL B 229 -14.64 5.26 -32.72
C VAL B 229 -14.85 3.82 -32.26
N SER B 230 -16.06 3.35 -32.52
CA SER B 230 -16.51 2.00 -32.16
C SER B 230 -15.49 0.95 -32.65
N ALA B 231 -14.75 1.33 -33.66
CA ALA B 231 -13.73 0.46 -34.26
C ALA B 231 -12.55 0.26 -33.30
N THR B 232 -12.27 1.33 -32.56
CA THR B 232 -11.16 1.36 -31.60
C THR B 232 -11.51 0.64 -30.30
N MET B 233 -12.72 0.88 -29.81
CA MET B 233 -13.17 0.29 -28.55
C MET B 233 -13.37 -1.23 -28.70
N SER B 234 -13.37 -1.68 -29.94
CA SER B 234 -13.51 -3.12 -30.25
C SER B 234 -12.12 -3.78 -30.21
N GLY B 235 -11.15 -3.00 -30.64
CA GLY B 235 -9.75 -3.44 -30.66
C GLY B 235 -9.24 -3.58 -29.23
N VAL B 236 -9.69 -2.64 -28.42
CA VAL B 236 -9.34 -2.58 -26.99
C VAL B 236 -9.82 -3.84 -26.27
N THR B 237 -11.05 -3.74 -25.81
CA THR B 237 -11.72 -4.81 -25.06
C THR B 237 -11.82 -6.09 -25.90
N THR B 238 -13.04 -6.39 -26.27
CA THR B 238 -13.41 -7.58 -27.05
C THR B 238 -12.21 -8.29 -27.65
N CYS B 239 -11.41 -7.53 -28.38
CA CYS B 239 -10.20 -8.04 -29.00
C CYS B 239 -9.39 -8.88 -28.04
N LEU B 240 -8.81 -8.22 -27.04
CA LEU B 240 -7.98 -8.92 -26.07
C LEU B 240 -8.64 -10.11 -25.41
N ARG B 241 -9.94 -10.23 -25.59
CA ARG B 241 -10.66 -11.35 -25.03
C ARG B 241 -10.65 -12.44 -26.08
N PHE B 242 -9.58 -12.38 -26.87
CA PHE B 242 -9.30 -13.35 -27.92
C PHE B 242 -7.93 -13.89 -27.59
N PRO B 243 -7.52 -14.97 -28.26
CA PRO B 243 -6.21 -15.55 -27.99
C PRO B 243 -5.13 -14.61 -28.50
N GLY B 244 -3.87 -14.98 -28.31
CA GLY B 244 -2.78 -14.15 -28.78
C GLY B 244 -1.45 -14.67 -28.27
N GLN B 245 -0.38 -14.42 -29.01
CA GLN B 245 0.92 -14.88 -28.58
C GLN B 245 1.14 -14.21 -27.23
N LEU B 246 0.81 -12.93 -27.17
CA LEU B 246 0.94 -12.12 -25.97
C LEU B 246 -0.33 -11.32 -25.77
N ASN B 247 -1.29 -11.89 -25.05
CA ASN B 247 -2.52 -11.17 -24.84
C ASN B 247 -2.57 -10.48 -23.50
N ALA B 248 -3.39 -9.43 -23.46
CA ALA B 248 -3.58 -8.65 -22.27
C ALA B 248 -5.10 -8.55 -22.09
N ASP B 249 -5.54 -7.74 -21.12
CA ASP B 249 -6.96 -7.56 -20.84
C ASP B 249 -7.10 -6.36 -19.93
N LEU B 250 -8.15 -5.58 -20.15
CA LEU B 250 -8.41 -4.36 -19.39
C LEU B 250 -7.40 -4.07 -18.30
N ARG B 251 -7.23 -4.98 -17.36
CA ARG B 251 -6.26 -4.73 -16.32
C ARG B 251 -4.86 -4.54 -16.89
N LYS B 252 -4.28 -5.54 -17.55
CA LYS B 252 -2.94 -5.38 -18.12
C LYS B 252 -2.91 -3.97 -18.65
N LEU B 253 -3.86 -3.66 -19.53
CA LEU B 253 -3.98 -2.34 -20.14
C LEU B 253 -3.97 -1.27 -19.06
N ALA B 254 -4.70 -1.53 -17.99
CA ALA B 254 -4.75 -0.57 -16.91
C ALA B 254 -3.46 -0.60 -16.11
N VAL B 255 -3.05 -1.79 -15.68
CA VAL B 255 -1.85 -1.92 -14.88
C VAL B 255 -0.54 -1.68 -15.61
N ASN B 256 -0.60 -1.24 -16.85
CA ASN B 256 0.62 -0.95 -17.62
C ASN B 256 0.54 0.46 -18.11
N MET B 257 -0.64 1.05 -17.99
CA MET B 257 -0.83 2.37 -18.52
C MET B 257 -1.05 3.49 -17.55
N VAL B 258 -1.35 3.16 -16.31
CA VAL B 258 -1.57 4.23 -15.36
C VAL B 258 -0.49 4.29 -14.30
N PRO B 259 0.48 5.18 -14.49
CA PRO B 259 1.54 5.28 -13.50
C PRO B 259 1.01 5.92 -12.24
N PHE B 260 0.13 6.90 -12.38
CA PHE B 260 -0.39 7.56 -11.18
C PHE B 260 -1.90 7.70 -11.13
N PRO B 261 -2.53 7.07 -10.12
CA PRO B 261 -3.94 6.98 -9.74
C PRO B 261 -4.97 7.96 -10.25
N ARG B 262 -4.56 9.11 -10.78
CA ARG B 262 -5.56 10.06 -11.29
C ARG B 262 -6.62 9.29 -12.04
N LEU B 263 -6.15 8.39 -12.90
CA LEU B 263 -6.96 7.54 -13.75
C LEU B 263 -6.39 7.78 -15.13
N HIS B 264 -6.02 9.03 -15.36
CA HIS B 264 -5.45 9.39 -16.62
C HIS B 264 -6.29 8.99 -17.82
N PHE B 265 -6.22 9.83 -18.82
CA PHE B 265 -7.00 9.63 -20.00
C PHE B 265 -6.05 9.36 -21.14
N PHE B 266 -6.51 8.53 -22.06
CA PHE B 266 -5.73 8.11 -23.19
C PHE B 266 -6.25 8.73 -24.46
N MET B 267 -5.74 8.26 -25.59
CA MET B 267 -6.16 8.76 -26.87
C MET B 267 -6.01 7.59 -27.79
N PRO B 268 -7.12 6.97 -28.19
CA PRO B 268 -7.10 5.81 -29.08
C PRO B 268 -6.80 6.11 -30.55
N GLY B 269 -6.15 5.14 -31.22
CA GLY B 269 -5.79 5.28 -32.62
C GLY B 269 -5.87 3.92 -33.27
N PHE B 270 -6.53 3.85 -34.42
CA PHE B 270 -6.67 2.59 -35.14
C PHE B 270 -5.51 2.44 -36.11
N ALA B 271 -5.29 1.21 -36.59
CA ALA B 271 -4.19 0.96 -37.52
C ALA B 271 -4.50 1.16 -38.99
N PRO B 272 -4.97 0.10 -39.68
CA PRO B 272 -5.22 0.34 -41.10
C PRO B 272 -6.31 1.36 -41.29
N LEU B 273 -5.93 2.58 -41.60
CA LEU B 273 -6.93 3.60 -41.83
C LEU B 273 -6.71 4.17 -43.21
N THR B 274 -6.98 3.34 -44.21
CA THR B 274 -6.79 3.72 -45.61
C THR B 274 -8.13 3.87 -46.35
N SER B 275 -8.21 4.82 -47.27
CA SER B 275 -9.42 5.05 -48.05
C SER B 275 -9.79 3.78 -48.80
N ARG B 276 -11.07 3.58 -49.09
CA ARG B 276 -11.51 2.35 -49.74
C ARG B 276 -10.72 1.82 -50.94
N GLY B 277 -11.28 1.95 -52.15
CA GLY B 277 -10.60 1.45 -53.34
C GLY B 277 -9.10 1.63 -53.41
N SER B 278 -8.65 2.65 -54.12
CA SER B 278 -7.24 2.99 -54.29
C SER B 278 -6.32 2.62 -53.16
N GLN B 279 -6.18 3.55 -52.21
CA GLN B 279 -5.32 3.39 -51.06
C GLN B 279 -5.02 1.96 -50.62
N GLN B 280 -5.99 1.05 -50.77
CA GLN B 280 -5.92 -0.38 -50.43
C GLN B 280 -4.57 -0.87 -50.92
N TYR B 281 -3.56 -0.25 -50.31
CA TYR B 281 -2.18 -0.46 -50.58
C TYR B 281 -1.64 -1.69 -49.92
N ARG B 282 -2.29 -2.13 -48.87
CA ARG B 282 -1.87 -3.32 -48.16
C ARG B 282 -0.53 -3.08 -47.50
N ALA B 283 0.03 -1.87 -47.61
CA ALA B 283 1.29 -1.62 -46.93
C ALA B 283 0.88 -1.76 -45.48
N LEU B 284 0.85 -3.00 -45.01
CA LEU B 284 0.46 -3.28 -43.65
C LEU B 284 1.41 -4.34 -43.12
N THR B 285 2.62 -4.45 -43.68
CA THR B 285 3.55 -5.47 -43.21
C THR B 285 3.64 -5.35 -41.67
N VAL B 286 3.72 -4.12 -41.18
CA VAL B 286 3.78 -3.79 -39.74
C VAL B 286 4.41 -2.41 -39.56
N PRO B 287 5.58 -2.19 -40.17
CA PRO B 287 6.16 -0.86 -39.99
C PRO B 287 5.15 0.14 -40.45
N GLU B 288 4.20 -0.32 -41.25
CA GLU B 288 3.18 0.56 -41.77
C GLU B 288 2.15 0.87 -40.74
N LEU B 289 1.89 -0.08 -39.84
CA LEU B 289 0.91 0.15 -38.78
C LEU B 289 1.49 1.08 -37.71
N THR B 290 2.75 0.86 -37.33
CA THR B 290 3.35 1.73 -36.34
C THR B 290 3.55 3.08 -37.00
N GLN B 291 3.79 3.07 -38.30
CA GLN B 291 3.95 4.34 -38.98
C GLN B 291 2.66 5.07 -38.66
N GLN B 292 1.55 4.44 -39.02
CA GLN B 292 0.23 4.99 -38.78
C GLN B 292 0.12 5.42 -37.31
N MET B 293 -0.43 4.53 -36.49
CA MET B 293 -0.64 4.73 -35.06
C MET B 293 0.16 5.84 -34.39
N PHE B 294 1.47 5.86 -34.60
CA PHE B 294 2.30 6.86 -33.95
C PHE B 294 2.46 8.23 -34.58
N ASP B 295 1.71 8.54 -35.61
CA ASP B 295 1.83 9.86 -36.22
C ASP B 295 0.90 10.81 -35.43
N ALA B 296 1.03 12.10 -35.69
CA ALA B 296 0.17 13.07 -35.01
C ALA B 296 -1.23 12.72 -35.49
N LYS B 297 -1.63 13.28 -36.64
CA LYS B 297 -2.94 12.97 -37.15
C LYS B 297 -3.09 11.48 -37.00
N ASN B 298 -4.31 11.05 -36.74
CA ASN B 298 -4.65 9.65 -36.55
C ASN B 298 -4.87 9.36 -35.07
N MET B 299 -4.73 10.40 -34.25
CA MET B 299 -4.98 10.28 -32.82
C MET B 299 -6.37 10.86 -32.59
N MET B 300 -7.35 10.00 -32.35
CA MET B 300 -8.72 10.44 -32.14
C MET B 300 -8.85 11.64 -31.23
N ALA B 301 -7.80 11.91 -30.46
CA ALA B 301 -7.79 13.04 -29.55
C ALA B 301 -7.64 14.31 -30.38
N ALA B 302 -7.77 15.46 -29.74
CA ALA B 302 -7.65 16.71 -30.47
C ALA B 302 -6.19 17.10 -30.46
N CYS B 303 -5.59 17.02 -29.28
CA CYS B 303 -4.21 17.39 -29.14
C CYS B 303 -3.31 16.47 -29.95
N ASP B 304 -2.10 16.95 -30.19
CA ASP B 304 -1.11 16.23 -30.95
C ASP B 304 0.03 15.75 -30.05
N PRO B 305 0.25 14.43 -30.02
CA PRO B 305 1.29 13.79 -29.21
C PRO B 305 2.60 14.56 -29.29
N ARG B 306 2.95 14.94 -30.51
CA ARG B 306 4.19 15.66 -30.77
C ARG B 306 4.31 16.87 -29.86
N HIS B 307 3.24 17.18 -29.13
CA HIS B 307 3.22 18.33 -28.22
C HIS B 307 3.37 17.95 -26.75
N GLY B 308 3.87 16.75 -26.49
CA GLY B 308 4.05 16.31 -25.12
C GLY B 308 4.38 14.83 -24.98
N ARG B 309 5.37 14.51 -24.17
CA ARG B 309 5.81 13.15 -23.93
C ARG B 309 4.67 12.16 -23.70
N TYR B 310 5.03 10.90 -23.64
CA TYR B 310 4.07 9.84 -23.37
C TYR B 310 4.50 9.22 -22.05
N LEU B 311 3.58 8.56 -21.37
CA LEU B 311 3.90 7.89 -20.14
C LEU B 311 3.83 6.43 -20.48
N THR B 312 2.79 6.08 -21.20
CA THR B 312 2.60 4.71 -21.59
C THR B 312 1.94 4.65 -22.93
N VAL B 313 2.10 3.51 -23.58
CA VAL B 313 1.53 3.28 -24.89
C VAL B 313 1.19 1.81 -24.94
N ALA B 314 0.12 1.48 -25.64
CA ALA B 314 -0.30 0.09 -25.71
C ALA B 314 -0.75 -0.22 -27.11
N ALA B 315 0.15 -0.78 -27.90
CA ALA B 315 -0.22 -1.14 -29.25
C ALA B 315 -0.87 -2.48 -29.13
N VAL B 316 -2.19 -2.48 -29.13
CA VAL B 316 -2.90 -3.73 -29.03
C VAL B 316 -3.17 -4.23 -30.46
N PHE B 317 -2.19 -4.94 -31.05
CA PHE B 317 -2.32 -5.46 -32.40
C PHE B 317 -3.22 -6.68 -32.36
N ARG B 318 -3.83 -7.01 -33.51
CA ARG B 318 -4.71 -8.17 -33.61
C ARG B 318 -4.73 -8.71 -35.04
N GLY B 319 -3.70 -9.48 -35.38
CA GLY B 319 -3.56 -10.07 -36.70
C GLY B 319 -2.20 -10.74 -36.73
N ARG B 320 -2.13 -12.00 -37.18
CA ARG B 320 -0.87 -12.75 -37.21
C ARG B 320 0.39 -11.98 -37.69
N MET B 321 1.35 -11.84 -36.77
CA MET B 321 2.61 -11.14 -37.01
C MET B 321 3.73 -11.70 -36.13
N SER B 322 4.95 -11.33 -36.49
CA SER B 322 6.15 -11.78 -35.79
C SER B 322 6.44 -11.02 -34.51
N MET B 323 6.41 -11.75 -33.40
CA MET B 323 6.69 -11.16 -32.10
C MET B 323 8.05 -10.51 -32.15
N LYS B 324 8.69 -10.64 -33.30
CA LYS B 324 10.00 -10.05 -33.52
C LYS B 324 9.81 -8.73 -34.26
N GLU B 325 9.10 -8.76 -35.38
CA GLU B 325 8.90 -7.52 -36.13
C GLU B 325 7.96 -6.56 -35.40
N VAL B 326 7.39 -7.04 -34.31
CA VAL B 326 6.50 -6.24 -33.50
C VAL B 326 7.36 -5.69 -32.38
N ASP B 327 7.87 -6.60 -31.57
CA ASP B 327 8.71 -6.21 -30.46
C ASP B 327 9.84 -5.32 -30.93
N GLU B 328 10.33 -5.56 -32.14
CA GLU B 328 11.42 -4.77 -32.69
C GLU B 328 11.02 -3.34 -33.05
N GLN B 329 10.12 -3.21 -34.02
CA GLN B 329 9.64 -1.92 -34.47
C GLN B 329 9.47 -0.98 -33.28
N MET B 330 8.63 -1.40 -32.34
CA MET B 330 8.34 -0.64 -31.12
C MET B 330 9.56 0.05 -30.57
N LEU B 331 10.70 -0.62 -30.68
CA LEU B 331 11.96 -0.09 -30.19
C LEU B 331 12.45 1.13 -30.95
N ASN B 332 12.77 0.94 -32.23
CA ASN B 332 13.25 2.05 -33.05
C ASN B 332 12.33 3.22 -32.76
N VAL B 333 11.03 2.93 -32.78
CA VAL B 333 10.04 3.97 -32.51
C VAL B 333 10.38 4.66 -31.21
N GLN B 334 10.76 3.87 -30.20
CA GLN B 334 11.10 4.42 -28.89
C GLN B 334 12.42 5.16 -28.88
N ASN B 335 13.22 4.97 -29.92
CA ASN B 335 14.51 5.64 -30.00
C ASN B 335 14.54 6.81 -30.99
N LYS B 336 13.75 6.72 -32.06
CA LYS B 336 13.70 7.80 -33.03
C LYS B 336 13.02 9.00 -32.36
N ASN B 337 12.20 8.71 -31.35
CA ASN B 337 11.47 9.76 -30.66
C ASN B 337 11.74 9.80 -29.17
N SER B 338 12.96 9.42 -28.78
CA SER B 338 13.35 9.45 -27.36
C SER B 338 12.92 10.77 -26.77
N SER B 339 13.00 11.82 -27.59
CA SER B 339 12.62 13.16 -27.21
C SER B 339 11.31 13.09 -26.44
N TYR B 340 10.23 12.76 -27.14
CA TYR B 340 8.94 12.65 -26.49
C TYR B 340 8.49 11.22 -26.29
N PHE B 341 8.70 10.75 -25.07
CA PHE B 341 8.35 9.41 -24.69
C PHE B 341 8.68 9.20 -23.23
N VAL B 342 9.00 10.29 -22.54
CA VAL B 342 9.36 10.29 -21.11
C VAL B 342 10.46 9.26 -20.85
N GLU B 343 11.34 9.54 -19.90
CA GLU B 343 12.45 8.63 -19.66
C GLU B 343 12.37 7.71 -18.47
N TRP B 344 11.84 8.19 -17.35
CA TRP B 344 11.77 7.37 -16.16
C TRP B 344 10.98 6.08 -16.29
N ILE B 345 10.74 5.68 -17.53
CA ILE B 345 10.07 4.43 -17.84
C ILE B 345 10.91 3.86 -18.97
N PRO B 346 11.78 2.92 -18.64
CA PRO B 346 12.63 2.31 -19.67
C PRO B 346 11.86 1.81 -20.91
N ASN B 347 10.71 1.19 -20.69
CA ASN B 347 9.92 0.69 -21.81
C ASN B 347 8.48 1.15 -21.73
N ASN B 348 8.22 2.38 -22.15
CA ASN B 348 6.89 2.97 -22.10
C ASN B 348 5.89 2.07 -22.77
N VAL B 349 6.23 1.64 -23.97
CA VAL B 349 5.37 0.81 -24.75
C VAL B 349 4.98 -0.53 -24.15
N LYS B 350 3.71 -0.88 -24.33
CA LYS B 350 3.15 -2.13 -23.86
C LYS B 350 2.67 -2.83 -25.11
N THR B 351 3.49 -3.70 -25.64
CA THR B 351 3.13 -4.44 -26.83
C THR B 351 2.15 -5.52 -26.44
N ALA B 352 1.07 -5.60 -27.20
CA ALA B 352 0.02 -6.58 -26.97
C ALA B 352 -0.19 -7.22 -28.31
N VAL B 353 -0.52 -8.50 -28.33
CA VAL B 353 -0.72 -9.17 -29.62
C VAL B 353 -1.76 -10.28 -29.66
N CYS B 354 -2.90 -9.95 -30.25
CA CYS B 354 -3.99 -10.89 -30.42
C CYS B 354 -3.60 -11.75 -31.62
N ASP B 355 -4.55 -12.51 -32.14
CA ASP B 355 -4.30 -13.34 -33.31
C ASP B 355 -5.30 -12.96 -34.38
N ILE B 356 -6.54 -13.38 -34.21
CA ILE B 356 -7.57 -13.05 -35.19
C ILE B 356 -7.69 -11.55 -35.32
N PRO B 357 -7.74 -11.03 -36.56
CA PRO B 357 -7.84 -9.60 -36.84
C PRO B 357 -9.29 -9.13 -37.05
N PRO B 358 -9.47 -7.84 -37.37
CA PRO B 358 -10.81 -7.34 -37.61
C PRO B 358 -11.42 -8.06 -38.80
N ARG B 359 -12.44 -8.87 -38.51
CA ARG B 359 -13.14 -9.67 -39.50
C ARG B 359 -12.58 -9.60 -40.92
N GLY B 360 -12.88 -8.53 -41.64
CA GLY B 360 -12.41 -8.44 -43.02
C GLY B 360 -11.00 -7.98 -43.34
N LEU B 361 -10.23 -7.65 -42.32
CA LEU B 361 -8.87 -7.15 -42.53
C LEU B 361 -7.80 -8.20 -42.23
N LYS B 362 -6.59 -7.97 -42.76
CA LYS B 362 -5.47 -8.86 -42.55
C LYS B 362 -4.66 -8.56 -41.28
N MET B 363 -4.48 -7.28 -41.00
CA MET B 363 -3.71 -6.87 -39.84
C MET B 363 -4.04 -5.46 -39.38
N SER B 364 -4.36 -5.35 -38.09
CA SER B 364 -4.69 -4.07 -37.45
C SER B 364 -3.98 -3.98 -36.10
N ALA B 365 -4.13 -2.83 -35.44
CA ALA B 365 -3.51 -2.59 -34.13
C ALA B 365 -4.04 -1.34 -33.45
N THR B 366 -4.81 -1.54 -32.40
CA THR B 366 -5.36 -0.43 -31.66
C THR B 366 -4.26 0.22 -30.85
N PHE B 367 -4.32 1.54 -30.74
CA PHE B 367 -3.33 2.31 -30.02
C PHE B 367 -4.01 3.03 -28.87
N ILE B 368 -3.46 2.87 -27.69
CA ILE B 368 -4.03 3.52 -26.52
C ILE B 368 -2.90 4.28 -25.89
N GLY B 369 -2.81 5.57 -26.21
CA GLY B 369 -1.74 6.38 -25.66
C GLY B 369 -2.05 7.22 -24.45
N ASN B 370 -1.14 7.18 -23.49
CA ASN B 370 -1.29 7.95 -22.27
C ASN B 370 -0.33 9.12 -22.30
N SER B 371 -0.45 9.97 -23.31
CA SER B 371 0.49 11.08 -23.39
C SER B 371 0.10 12.31 -22.58
N THR B 372 1.15 13.01 -22.18
CA THR B 372 1.07 14.23 -21.38
C THR B 372 0.52 15.34 -22.24
N ALA B 373 0.35 15.05 -23.51
CA ALA B 373 -0.17 16.04 -24.44
C ALA B 373 -1.59 16.41 -24.11
N ILE B 374 -2.35 15.47 -23.59
CA ILE B 374 -3.74 15.74 -23.28
C ILE B 374 -3.87 16.80 -22.23
N GLN B 375 -2.75 17.38 -21.85
CA GLN B 375 -2.75 18.47 -20.89
C GLN B 375 -3.42 19.61 -21.65
N GLU B 376 -2.91 19.85 -22.85
CA GLU B 376 -3.43 20.90 -23.72
C GLU B 376 -4.84 20.68 -24.22
N LEU B 377 -5.70 20.10 -23.39
CA LEU B 377 -7.09 19.94 -23.79
C LEU B 377 -7.95 20.29 -22.61
N PHE B 378 -7.53 19.79 -21.45
CA PHE B 378 -8.25 20.08 -20.24
C PHE B 378 -7.96 21.55 -20.00
N LYS B 379 -6.84 22.02 -20.55
CA LYS B 379 -6.49 23.43 -20.44
C LYS B 379 -7.62 24.13 -21.15
N ARG B 380 -7.76 23.81 -22.43
CA ARG B 380 -8.79 24.36 -23.28
C ARG B 380 -10.08 24.44 -22.48
N ILE B 381 -10.67 23.27 -22.24
CA ILE B 381 -11.90 23.19 -21.48
C ILE B 381 -11.86 24.15 -20.32
N SER B 382 -10.91 23.92 -19.41
CA SER B 382 -10.78 24.75 -18.22
C SER B 382 -10.79 26.24 -18.54
N GLU B 383 -10.17 26.63 -19.65
CA GLU B 383 -10.18 28.03 -20.04
C GLU B 383 -11.63 28.48 -20.28
N GLN B 384 -12.26 27.88 -21.29
CA GLN B 384 -13.64 28.20 -21.65
C GLN B 384 -14.51 28.42 -20.43
N PHE B 385 -14.30 27.60 -19.41
CA PHE B 385 -15.06 27.71 -18.18
C PHE B 385 -14.88 29.10 -17.62
N THR B 386 -13.73 29.31 -16.98
CA THR B 386 -13.38 30.61 -16.41
C THR B 386 -13.86 31.83 -17.21
N ALA B 387 -13.55 31.86 -18.50
CA ALA B 387 -13.94 32.99 -19.36
C ALA B 387 -15.43 33.26 -19.27
N MET B 388 -16.19 32.21 -18.98
CA MET B 388 -17.65 32.34 -18.88
C MET B 388 -18.14 32.22 -17.46
N PHE B 389 -17.39 31.49 -16.66
CA PHE B 389 -17.80 31.35 -15.29
C PHE B 389 -17.70 32.75 -14.75
N ARG B 390 -16.54 33.37 -14.93
CA ARG B 390 -16.33 34.72 -14.44
C ARG B 390 -17.62 35.55 -14.47
N ARG B 391 -18.40 35.41 -15.54
CA ARG B 391 -19.64 36.19 -15.66
C ARG B 391 -20.88 35.38 -15.33
N LYS B 392 -20.68 34.16 -14.83
CA LYS B 392 -21.77 33.26 -14.44
C LYS B 392 -22.77 33.04 -15.56
N ALA B 393 -22.27 33.21 -16.80
CA ALA B 393 -23.05 33.07 -18.02
C ALA B 393 -24.36 32.34 -17.86
N PHE B 394 -24.46 31.11 -18.35
CA PHE B 394 -25.73 30.39 -18.21
C PHE B 394 -25.70 29.59 -16.93
N LEU B 395 -25.40 30.28 -15.83
CA LEU B 395 -25.34 29.59 -14.57
C LEU B 395 -26.71 29.40 -13.93
N HIS B 396 -27.63 30.33 -14.16
CA HIS B 396 -28.94 30.21 -13.54
C HIS B 396 -29.67 28.90 -13.88
N TRP B 397 -29.31 28.29 -15.01
CA TRP B 397 -29.91 27.03 -15.42
C TRP B 397 -29.37 25.89 -14.60
N TYR B 398 -28.28 26.14 -13.87
CA TYR B 398 -27.70 25.11 -13.04
C TYR B 398 -28.23 25.32 -11.64
N THR B 399 -27.85 26.45 -11.03
CA THR B 399 -28.30 26.78 -9.69
C THR B 399 -29.82 26.60 -9.56
N GLY B 400 -30.55 27.22 -10.47
CA GLY B 400 -32.01 27.13 -10.45
C GLY B 400 -32.48 25.68 -10.45
N GLU B 401 -31.53 24.77 -10.62
CA GLU B 401 -31.84 23.35 -10.63
C GLU B 401 -31.28 22.73 -9.36
N GLY B 402 -31.01 23.56 -8.37
CA GLY B 402 -30.46 23.03 -7.15
C GLY B 402 -29.02 22.63 -7.40
N MET B 403 -28.15 23.63 -7.43
CA MET B 403 -26.73 23.41 -7.63
C MET B 403 -26.04 24.29 -6.61
N ASP B 404 -24.73 24.47 -6.77
CA ASP B 404 -23.97 25.29 -5.84
C ASP B 404 -22.93 26.13 -6.58
N GLU B 405 -22.66 27.33 -6.06
CA GLU B 405 -21.69 28.23 -6.66
C GLU B 405 -20.29 27.72 -6.33
N MET B 406 -20.24 26.80 -5.37
CA MET B 406 -18.99 26.19 -4.93
C MET B 406 -18.77 24.87 -5.69
N GLU B 407 -19.82 24.35 -6.30
CA GLU B 407 -19.74 23.11 -7.08
C GLU B 407 -18.90 23.33 -8.33
N PHE B 408 -19.22 24.40 -9.05
CA PHE B 408 -18.49 24.73 -10.25
C PHE B 408 -17.06 25.05 -9.89
N THR B 409 -16.87 25.76 -8.79
CA THR B 409 -15.53 26.11 -8.35
C THR B 409 -14.74 24.82 -8.21
N GLU B 410 -15.31 23.92 -7.43
CA GLU B 410 -14.74 22.62 -7.18
C GLU B 410 -14.19 21.96 -8.43
N ALA B 411 -15.10 21.56 -9.31
CA ALA B 411 -14.74 20.91 -10.55
C ALA B 411 -13.60 21.58 -11.29
N GLU B 412 -13.80 22.83 -11.69
CA GLU B 412 -12.75 23.51 -12.42
C GLU B 412 -11.41 23.29 -11.75
N SER B 413 -11.31 23.72 -10.51
CA SER B 413 -10.07 23.56 -9.76
C SER B 413 -9.58 22.14 -9.96
N ASN B 414 -10.30 21.18 -9.40
CA ASN B 414 -9.96 19.76 -9.53
C ASN B 414 -9.41 19.49 -10.91
N MET B 415 -10.29 19.49 -11.90
CA MET B 415 -9.88 19.23 -13.27
C MET B 415 -8.75 20.16 -13.70
N ASN B 416 -8.72 21.36 -13.13
CA ASN B 416 -7.70 22.35 -13.45
C ASN B 416 -6.34 21.90 -12.89
N ASP B 417 -6.37 21.34 -11.68
CA ASP B 417 -5.16 20.84 -11.04
C ASP B 417 -4.69 19.66 -11.87
N LEU B 418 -5.66 18.87 -12.32
CA LEU B 418 -5.41 17.69 -13.13
C LEU B 418 -4.49 18.01 -14.31
N VAL B 419 -4.58 19.25 -14.79
CA VAL B 419 -3.74 19.75 -15.88
C VAL B 419 -2.34 19.88 -15.34
N SER B 420 -2.26 20.55 -14.21
CA SER B 420 -1.01 20.78 -13.52
C SER B 420 -0.18 19.49 -13.48
N GLU B 421 -0.66 18.57 -12.67
CA GLU B 421 -0.02 17.26 -12.44
C GLU B 421 0.59 16.68 -13.72
N TYR B 422 -0.27 16.52 -14.71
CA TYR B 422 0.11 15.92 -15.99
C TYR B 422 1.39 16.53 -16.57
N GLN B 423 1.67 17.75 -16.18
CA GLN B 423 2.87 18.47 -16.65
C GLN B 423 4.10 18.02 -15.85
N GLN B 424 3.82 17.57 -14.65
CA GLN B 424 4.84 17.10 -13.70
C GLN B 424 5.69 15.97 -14.29
N TYR B 425 5.24 15.47 -15.42
CA TYR B 425 5.91 14.34 -16.08
C TYR B 425 6.46 14.75 -17.45
N GLN B 426 5.78 15.70 -18.07
CA GLN B 426 6.24 16.27 -19.34
C GLN B 426 7.61 16.89 -19.07
N ASP B 427 7.92 17.03 -17.78
CA ASP B 427 9.18 17.60 -17.30
C ASP B 427 9.90 16.64 -16.34
N MET C 1 -7.57 31.63 4.79
CA MET C 1 -8.50 30.46 4.81
C MET C 1 -9.11 30.09 3.44
N ILE C 2 -9.00 30.96 2.44
CA ILE C 2 -9.50 30.64 1.10
C ILE C 2 -8.33 30.22 0.23
N LYS C 3 -7.52 31.20 -0.16
CA LYS C 3 -6.30 30.92 -0.91
C LYS C 3 -5.14 30.73 0.08
N ASP C 4 -4.45 29.61 -0.08
CA ASP C 4 -3.34 29.25 0.76
C ASP C 4 -2.24 30.31 0.70
N PRO C 5 -1.86 30.87 1.86
CA PRO C 5 -0.78 31.84 1.89
C PRO C 5 0.60 31.18 1.76
N ARG C 6 0.65 29.86 1.87
CA ARG C 6 1.90 29.14 1.96
C ARG C 6 2.50 28.79 0.61
N PRO C 7 3.84 28.90 0.47
CA PRO C 7 4.61 28.60 -0.73
C PRO C 7 4.77 27.08 -0.96
N LEU C 8 3.65 26.37 -1.09
CA LEU C 8 3.65 24.90 -1.20
C LEU C 8 4.50 24.33 -2.32
N ASN C 9 4.81 25.13 -3.33
CA ASN C 9 5.61 24.58 -4.41
C ASN C 9 7.03 25.15 -4.40
N ASP C 10 7.43 25.71 -3.28
CA ASP C 10 8.80 26.11 -3.06
C ASP C 10 9.48 24.96 -2.33
N LYS C 11 10.54 24.41 -2.93
CA LYS C 11 11.31 23.30 -2.33
C LYS C 11 11.72 23.58 -0.90
N ALA C 12 12.29 24.76 -0.66
CA ALA C 12 12.73 25.16 0.66
C ALA C 12 11.61 25.12 1.70
N PHE C 13 10.41 25.58 1.33
CA PHE C 13 9.31 25.59 2.28
C PHE C 13 8.85 24.14 2.58
N ILE C 14 8.81 23.29 1.57
CA ILE C 14 8.44 21.92 1.82
C ILE C 14 9.55 21.25 2.64
N GLN C 15 10.80 21.64 2.39
CA GLN C 15 11.91 21.09 3.16
C GLN C 15 11.83 21.58 4.60
N GLN C 16 11.40 22.82 4.77
CA GLN C 16 11.22 23.41 6.09
C GLN C 16 10.16 22.64 6.84
N CYS C 17 9.06 22.32 6.14
CA CYS C 17 7.97 21.54 6.71
C CYS C 17 8.45 20.19 7.18
N ILE C 18 9.17 19.47 6.32
CA ILE C 18 9.66 18.14 6.67
C ILE C 18 10.53 18.21 7.94
N ARG C 19 11.43 19.19 7.99
CA ARG C 19 12.29 19.46 9.14
C ARG C 19 11.48 19.64 10.43
N GLN C 20 10.40 20.42 10.35
CA GLN C 20 9.56 20.66 11.53
C GLN C 20 8.92 19.36 12.02
N LEU C 21 8.43 18.57 11.08
CA LEU C 21 7.84 17.26 11.37
C LEU C 21 8.88 16.32 11.94
N CYS C 22 10.04 16.26 11.30
CA CYS C 22 11.08 15.40 11.79
C CYS C 22 11.41 15.81 13.21
N GLU C 23 11.75 17.08 13.41
CA GLU C 23 12.07 17.60 14.75
C GLU C 23 11.02 17.25 15.79
N PHE C 24 9.75 17.53 15.48
CA PHE C 24 8.65 17.31 16.42
C PHE C 24 8.56 15.82 16.83
N LEU C 25 8.55 14.93 15.85
CA LEU C 25 8.50 13.50 16.12
C LEU C 25 9.64 13.05 17.05
N THR C 26 10.88 13.41 16.72
CA THR C 26 12.05 13.03 17.50
C THR C 26 12.03 13.55 18.92
N GLU C 27 11.56 14.79 19.07
CA GLU C 27 11.59 15.47 20.34
C GLU C 27 10.41 15.11 21.23
N ASN C 28 9.46 14.36 20.70
CA ASN C 28 8.29 13.96 21.48
C ASN C 28 8.15 12.46 21.66
N GLY C 29 9.27 11.76 21.48
CA GLY C 29 9.36 10.33 21.70
C GLY C 29 8.65 9.40 20.74
N TYR C 30 8.43 9.83 19.49
CA TYR C 30 7.84 8.98 18.45
C TYR C 30 8.61 7.65 18.35
N ALA C 31 7.90 6.53 18.44
CA ALA C 31 8.52 5.21 18.60
C ALA C 31 9.34 4.69 17.43
N HIS C 32 9.04 5.16 16.23
CA HIS C 32 9.73 4.66 15.04
C HIS C 32 10.76 5.67 14.55
N ASN C 33 11.84 5.18 13.97
CA ASN C 33 12.93 6.03 13.48
C ASN C 33 12.50 6.89 12.31
N VAL C 34 12.85 8.17 12.38
CA VAL C 34 12.56 9.09 11.31
C VAL C 34 13.78 9.92 11.02
N SER C 35 13.86 10.40 9.78
CA SER C 35 14.95 11.25 9.33
C SER C 35 14.46 12.11 8.18
N MET C 36 15.20 13.19 7.88
CA MET C 36 14.90 14.04 6.72
C MET C 36 14.75 13.16 5.49
N LYS C 37 15.62 12.15 5.40
CA LYS C 37 15.59 11.19 4.31
C LYS C 37 14.31 10.35 4.32
N SER C 38 14.01 9.70 5.45
CA SER C 38 12.82 8.84 5.51
C SER C 38 11.48 9.56 5.30
N LEU C 39 11.45 10.90 5.37
CA LEU C 39 10.19 11.64 5.24
C LEU C 39 9.98 12.36 3.90
N GLN C 40 10.77 12.03 2.88
CA GLN C 40 10.65 12.67 1.57
C GLN C 40 9.43 12.17 0.77
N ALA C 41 9.09 10.90 0.96
CA ALA C 41 7.98 10.23 0.29
C ALA C 41 7.50 9.06 1.17
N PRO C 42 6.87 9.36 2.31
CA PRO C 42 6.45 8.26 3.19
C PRO C 42 5.42 7.35 2.53
N SER C 43 5.39 6.11 2.99
CA SER C 43 4.35 5.18 2.59
C SER C 43 3.06 5.59 3.29
N VAL C 44 1.91 5.19 2.79
CA VAL C 44 0.63 5.42 3.47
C VAL C 44 0.65 4.83 4.89
N LYS C 45 1.23 3.63 5.03
CA LYS C 45 1.38 2.96 6.30
C LYS C 45 2.13 3.86 7.27
N ASP C 46 3.20 4.49 6.80
CA ASP C 46 3.98 5.43 7.63
C ASP C 46 3.17 6.65 8.02
N PHE C 47 2.60 7.30 7.01
CA PHE C 47 1.78 8.47 7.22
C PHE C 47 0.74 8.22 8.33
N LEU C 48 0.08 7.05 8.27
CA LEU C 48 -0.96 6.74 9.23
C LEU C 48 -0.41 6.58 10.66
N LYS C 49 0.81 6.07 10.77
CA LYS C 49 1.46 6.00 12.08
C LYS C 49 1.77 7.41 12.56
N ILE C 50 2.25 8.26 11.66
CA ILE C 50 2.61 9.63 12.01
C ILE C 50 1.37 10.45 12.35
N PHE C 51 0.31 10.31 11.56
CA PHE C 51 -0.92 11.03 11.80
C PHE C 51 -1.51 10.61 13.12
N THR C 52 -1.54 9.30 13.35
CA THR C 52 -2.11 8.75 14.59
C THR C 52 -1.35 9.30 15.79
N PHE C 53 -0.03 9.40 15.66
CA PHE C 53 0.77 9.90 16.76
C PHE C 53 0.37 11.34 17.07
N LEU C 54 0.40 12.20 16.04
CA LEU C 54 0.11 13.61 16.20
C LEU C 54 -1.27 13.87 16.74
N TYR C 55 -2.26 13.17 16.21
CA TYR C 55 -3.62 13.39 16.60
C TYR C 55 -3.85 12.92 18.02
N GLY C 56 -3.05 11.97 18.47
CA GLY C 56 -3.14 11.45 19.83
C GLY C 56 -2.82 12.48 20.89
N PHE C 57 -2.10 13.54 20.50
CA PHE C 57 -1.88 14.66 21.38
C PHE C 57 -3.17 15.42 21.62
N LEU C 58 -4.17 15.22 20.76
CA LEU C 58 -5.41 15.93 20.95
C LEU C 58 -6.45 14.98 21.46
N CYS C 59 -6.45 13.76 20.93
CA CYS C 59 -7.32 12.71 21.41
C CYS C 59 -6.48 11.60 22.00
N PRO C 60 -6.22 11.66 23.31
CA PRO C 60 -5.42 10.70 24.01
C PRO C 60 -5.85 9.28 23.70
N SER C 61 -4.86 8.42 23.48
CA SER C 61 -5.10 6.99 23.29
C SER C 61 -5.94 6.71 22.02
N TYR C 62 -5.84 7.60 21.05
CA TYR C 62 -6.61 7.46 19.79
C TYR C 62 -6.03 6.45 18.79
N GLU C 63 -6.90 5.63 18.24
CA GLU C 63 -6.48 4.83 17.11
C GLU C 63 -7.49 5.05 16.01
N LEU C 64 -7.02 5.11 14.78
CA LEU C 64 -7.96 5.30 13.69
C LEU C 64 -8.67 3.98 13.44
N PRO C 65 -10.00 4.04 13.18
CA PRO C 65 -10.80 2.84 12.83
C PRO C 65 -10.11 2.00 11.76
N ASP C 66 -10.26 0.68 11.83
CA ASP C 66 -9.50 -0.26 10.97
C ASP C 66 -9.76 -0.18 9.44
N THR C 67 -10.88 0.42 9.03
CA THR C 67 -11.10 0.70 7.60
C THR C 67 -11.59 2.13 7.38
N LYS C 68 -11.49 2.56 6.12
CA LYS C 68 -11.96 3.88 5.63
C LYS C 68 -11.14 5.06 6.16
N PHE C 69 -9.83 4.96 6.02
CA PHE C 69 -8.98 6.03 6.49
C PHE C 69 -9.08 7.20 5.53
N GLU C 70 -9.33 6.90 4.25
CA GLU C 70 -9.37 7.91 3.18
C GLU C 70 -10.52 8.86 3.39
N GLU C 71 -11.50 8.39 4.15
CA GLU C 71 -12.63 9.21 4.53
C GLU C 71 -12.35 9.89 5.87
N GLU C 72 -11.85 9.11 6.83
CA GLU C 72 -11.57 9.61 8.21
C GLU C 72 -10.55 10.73 8.35
N VAL C 73 -9.33 10.53 7.84
CA VAL C 73 -8.31 11.55 7.96
C VAL C 73 -8.81 12.90 7.43
N PRO C 74 -9.35 12.94 6.20
CA PRO C 74 -9.89 14.24 5.75
C PRO C 74 -10.98 14.78 6.65
N ARG C 75 -11.88 13.92 7.12
CA ARG C 75 -12.95 14.37 8.00
C ARG C 75 -12.38 15.06 9.26
N ILE C 76 -11.35 14.45 9.84
CA ILE C 76 -10.74 14.99 11.04
C ILE C 76 -10.10 16.37 10.77
N PHE C 77 -9.38 16.51 9.67
CA PHE C 77 -8.81 17.81 9.35
C PHE C 77 -9.94 18.84 9.17
N LYS C 78 -11.06 18.43 8.59
CA LYS C 78 -12.17 19.34 8.44
C LYS C 78 -12.70 19.76 9.82
N ASP C 79 -13.01 18.78 10.67
CA ASP C 79 -13.57 19.04 12.01
C ASP C 79 -12.62 19.81 12.95
N LEU C 80 -11.34 19.89 12.59
CA LEU C 80 -10.37 20.62 13.38
C LEU C 80 -10.28 22.06 12.85
N GLY C 81 -10.93 22.33 11.74
CA GLY C 81 -10.91 23.66 11.19
C GLY C 81 -9.80 23.95 10.19
N TYR C 82 -9.30 22.90 9.53
CA TYR C 82 -8.28 23.08 8.50
C TYR C 82 -8.94 23.76 7.30
N PRO C 83 -8.42 24.93 6.91
CA PRO C 83 -9.07 25.70 5.85
C PRO C 83 -9.08 25.06 4.46
N PHE C 84 -8.32 24.00 4.25
CA PHE C 84 -8.18 23.42 2.90
C PHE C 84 -8.58 21.98 2.83
N ALA C 85 -9.43 21.65 1.86
CA ALA C 85 -9.96 20.30 1.69
C ALA C 85 -8.85 19.36 1.26
N LEU C 86 -8.86 18.17 1.85
CA LEU C 86 -7.92 17.14 1.51
C LEU C 86 -8.74 16.09 0.79
N SER C 87 -8.37 15.79 -0.46
CA SER C 87 -9.18 14.87 -1.25
C SER C 87 -8.96 13.41 -0.84
N LYS C 88 -10.00 12.61 -1.05
CA LYS C 88 -9.99 11.16 -0.87
C LYS C 88 -8.77 10.58 -1.60
N SER C 89 -8.53 10.99 -2.85
CA SER C 89 -7.41 10.40 -3.57
C SER C 89 -6.03 10.87 -3.04
N SER C 90 -5.95 12.05 -2.42
CA SER C 90 -4.70 12.45 -1.74
C SER C 90 -4.28 11.35 -0.79
N MET C 91 -5.27 10.83 -0.05
CA MET C 91 -5.04 9.89 1.02
C MET C 91 -4.40 8.57 0.59
N TYR C 92 -4.65 8.15 -0.65
CA TYR C 92 -4.11 6.90 -1.17
C TYR C 92 -2.69 7.09 -1.68
N THR C 93 -2.30 8.34 -1.89
CA THR C 93 -1.03 8.63 -2.54
C THR C 93 -0.26 9.71 -1.77
N VAL C 94 -0.51 9.80 -0.47
CA VAL C 94 0.10 10.86 0.35
C VAL C 94 1.58 11.16 0.06
N GLY C 95 2.38 10.13 -0.17
CA GLY C 95 3.80 10.31 -0.37
C GLY C 95 4.23 10.72 -1.76
N ALA C 96 3.29 10.75 -2.71
CA ALA C 96 3.57 11.00 -4.14
C ALA C 96 4.10 12.43 -4.43
N PRO C 97 4.85 12.62 -5.53
CA PRO C 97 5.57 13.88 -5.73
C PRO C 97 4.73 15.16 -5.66
N HIS C 98 3.56 15.17 -6.29
CA HIS C 98 2.74 16.38 -6.26
C HIS C 98 1.74 16.38 -5.11
N THR C 99 1.85 15.42 -4.21
CA THR C 99 0.87 15.29 -3.12
C THR C 99 1.47 15.57 -1.74
N TRP C 100 2.65 15.03 -1.50
CA TRP C 100 3.29 15.20 -0.21
C TRP C 100 3.41 16.69 0.21
N PRO C 101 3.77 17.59 -0.75
CA PRO C 101 3.79 19.00 -0.30
C PRO C 101 2.50 19.45 0.41
N HIS C 102 1.31 19.11 -0.11
CA HIS C 102 0.03 19.45 0.57
C HIS C 102 -0.16 18.73 1.93
N ILE C 103 0.24 17.46 1.97
CA ILE C 103 0.02 16.67 3.16
C ILE C 103 0.97 17.06 4.29
N VAL C 104 2.26 17.25 3.99
CA VAL C 104 3.24 17.62 5.02
C VAL C 104 2.86 18.98 5.61
N ALA C 105 2.36 19.83 4.72
CA ALA C 105 1.85 21.13 5.10
C ALA C 105 0.72 20.89 6.09
N ALA C 106 -0.19 19.98 5.78
CA ALA C 106 -1.32 19.74 6.68
C ALA C 106 -0.85 19.22 8.05
N LEU C 107 0.14 18.30 8.05
CA LEU C 107 0.65 17.73 9.31
C LEU C 107 1.27 18.80 10.21
N VAL C 108 2.04 19.69 9.60
CA VAL C 108 2.69 20.80 10.29
C VAL C 108 1.64 21.77 10.85
N TRP C 109 0.54 21.96 10.12
CA TRP C 109 -0.58 22.76 10.62
C TRP C 109 -1.19 22.07 11.87
N LEU C 110 -1.35 20.76 11.80
CA LEU C 110 -1.83 20.00 12.94
C LEU C 110 -0.90 20.18 14.14
N ILE C 111 0.40 20.05 13.93
CA ILE C 111 1.40 20.30 14.97
C ILE C 111 1.19 21.68 15.59
N ASP C 112 0.84 22.65 14.75
CA ASP C 112 0.56 24.00 15.26
C ASP C 112 -0.67 24.01 16.16
N CYS C 113 -1.70 23.24 15.81
CA CYS C 113 -2.86 23.08 16.68
C CYS C 113 -2.41 22.56 18.04
N ILE C 114 -1.65 21.46 18.05
CA ILE C 114 -1.10 20.92 19.28
C ILE C 114 -0.43 22.01 20.13
N LYS C 115 0.39 22.83 19.48
CA LYS C 115 1.05 23.92 20.19
C LYS C 115 0.01 24.86 20.80
N ILE C 116 -0.96 25.30 20.00
CA ILE C 116 -2.01 26.19 20.50
C ILE C 116 -2.74 25.55 21.67
N HIS C 117 -3.13 24.28 21.50
CA HIS C 117 -3.88 23.58 22.54
C HIS C 117 -3.08 23.35 23.83
N THR C 118 -1.77 23.16 23.71
CA THR C 118 -0.92 22.94 24.86
C THR C 118 -0.74 24.24 25.66
N ALA C 119 -0.58 25.37 24.96
CA ALA C 119 -0.48 26.67 25.59
C ALA C 119 -1.79 27.01 26.30
N MET C 120 -2.90 26.64 25.67
CA MET C 120 -4.24 26.86 26.20
C MET C 120 -4.42 26.18 27.56
N LYS C 121 -3.68 25.11 27.81
CA LYS C 121 -3.73 24.43 29.10
C LYS C 121 -2.90 25.15 30.16
N GLU C 122 -2.59 26.42 29.90
CA GLU C 122 -2.02 27.32 30.89
C GLU C 122 -2.95 28.52 31.04
N SER C 123 -2.83 29.49 30.13
CA SER C 123 -3.65 30.69 30.21
C SER C 123 -4.14 31.25 28.86
N SER C 124 -5.44 31.59 28.82
CA SER C 124 -6.06 32.32 27.70
C SER C 124 -7.46 32.80 28.09
N TRP C 133 -13.44 38.35 30.91
CA TRP C 133 -14.45 37.88 31.86
C TRP C 133 -15.86 38.31 31.44
N GLY C 134 -16.87 37.64 31.99
CA GLY C 134 -18.27 37.97 31.74
C GLY C 134 -18.98 38.34 33.04
N GLU C 135 -19.11 39.65 33.28
CA GLU C 135 -19.70 40.14 34.52
C GLU C 135 -21.24 40.25 34.49
N GLU C 136 -21.81 40.26 33.28
CA GLU C 136 -23.26 40.32 33.13
C GLU C 136 -23.80 39.38 32.04
N THR C 137 -24.86 38.66 32.38
CA THR C 137 -25.49 37.68 31.53
C THR C 137 -26.53 38.34 30.63
N GLU C 138 -26.75 37.73 29.47
CA GLU C 138 -27.70 38.25 28.49
C GLU C 138 -29.16 37.84 28.78
N ASP C 139 -29.42 37.33 29.99
CA ASP C 139 -30.79 37.11 30.45
C ASP C 139 -31.04 37.90 31.75
N GLY C 140 -30.37 39.05 31.85
CA GLY C 140 -30.62 40.02 32.90
C GLY C 140 -29.88 39.92 34.22
N ILE C 141 -28.80 39.15 34.27
CA ILE C 141 -28.05 39.02 35.51
C ILE C 141 -26.95 40.06 35.59
N MET C 142 -26.89 40.71 36.75
CA MET C 142 -25.84 41.68 37.04
C MET C 142 -24.97 41.07 38.13
N HIS C 143 -23.66 41.20 37.98
CA HIS C 143 -22.69 40.62 38.92
C HIS C 143 -22.74 39.10 38.83
N ASN C 144 -22.59 38.62 37.60
CA ASN C 144 -22.68 37.19 37.24
C ASN C 144 -21.67 36.32 37.98
N LYS C 145 -20.49 36.88 38.25
CA LYS C 145 -19.44 36.18 38.98
C LYS C 145 -19.93 35.89 40.42
N LEU C 146 -20.79 36.75 40.95
CA LEU C 146 -21.37 36.53 42.27
C LEU C 146 -22.54 35.54 42.21
N PHE C 147 -23.34 35.62 41.15
CA PHE C 147 -24.48 34.73 40.93
C PHE C 147 -24.04 33.31 40.70
N LEU C 148 -23.06 33.13 39.81
CA LEU C 148 -22.52 31.81 39.51
C LEU C 148 -21.96 31.14 40.75
N ASP C 149 -21.26 31.90 41.59
CA ASP C 149 -20.74 31.37 42.84
C ASP C 149 -21.90 30.89 43.70
N TYR C 150 -22.89 31.75 43.86
CA TYR C 150 -24.11 31.42 44.58
C TYR C 150 -24.79 30.16 43.98
N THR C 151 -25.09 30.21 42.68
CA THR C 151 -25.76 29.12 41.98
C THR C 151 -25.01 27.80 42.10
N ILE C 152 -23.70 27.82 41.89
CA ILE C 152 -22.91 26.60 41.99
C ILE C 152 -23.05 26.02 43.38
N LYS C 153 -22.87 26.87 44.39
CA LYS C 153 -22.95 26.43 45.79
C LYS C 153 -24.30 25.80 46.13
N CYS C 154 -25.39 26.45 45.69
CA CYS C 154 -26.73 25.89 45.84
C CYS C 154 -26.87 24.53 45.16
N TYR C 155 -26.23 24.38 44.00
CA TYR C 155 -26.34 23.13 43.26
C TYR C 155 -25.72 21.96 44.02
N GLU C 156 -24.53 22.18 44.60
CA GLU C 156 -23.84 21.15 45.37
C GLU C 156 -24.72 20.69 46.53
N SER C 157 -25.32 21.66 47.23
CA SER C 157 -26.24 21.38 48.33
C SER C 157 -27.43 20.58 47.86
N PHE C 158 -28.07 21.07 46.80
CA PHE C 158 -29.21 20.44 46.20
C PHE C 158 -28.88 19.01 45.82
N MET C 159 -27.71 18.85 45.22
CA MET C 159 -27.27 17.58 44.73
C MET C 159 -26.92 16.66 45.89
N SER C 160 -26.98 17.20 47.11
CA SER C 160 -26.71 16.44 48.33
C SER C 160 -27.99 16.13 49.07
N GLY C 161 -29.12 16.53 48.49
CA GLY C 161 -30.42 16.27 49.09
C GLY C 161 -31.01 17.42 49.85
N ALA C 162 -30.25 18.51 49.98
CA ALA C 162 -30.71 19.73 50.68
C ALA C 162 -32.02 20.23 50.10
N ASP C 163 -32.88 20.72 50.97
CA ASP C 163 -34.20 21.22 50.56
C ASP C 163 -34.25 22.75 50.57
N SER C 164 -33.54 23.36 51.52
CA SER C 164 -33.44 24.80 51.66
C SER C 164 -32.00 25.26 51.42
N PHE C 165 -31.82 26.57 51.28
CA PHE C 165 -30.52 27.14 50.96
C PHE C 165 -30.18 28.37 51.82
N ASP C 166 -30.29 28.20 53.15
CA ASP C 166 -30.02 29.27 54.12
C ASP C 166 -28.55 29.64 54.17
N GLU C 167 -27.68 28.64 54.24
CA GLU C 167 -26.26 28.88 54.23
C GLU C 167 -25.87 29.76 53.05
N MET C 168 -26.35 29.37 51.86
CA MET C 168 -26.02 30.04 50.62
C MET C 168 -26.65 31.42 50.54
N ASN C 169 -27.91 31.51 50.97
CA ASN C 169 -28.62 32.80 51.01
C ASN C 169 -27.97 33.78 51.98
N ALA C 170 -27.62 33.26 53.15
CA ALA C 170 -26.95 34.08 54.16
C ALA C 170 -25.65 34.63 53.60
N GLU C 171 -24.84 33.76 53.00
CA GLU C 171 -23.57 34.21 52.42
C GLU C 171 -23.81 35.21 51.29
N LEU C 172 -24.88 35.03 50.51
CA LEU C 172 -25.19 35.95 49.43
C LEU C 172 -25.52 37.35 49.95
N GLN C 173 -26.23 37.40 51.08
CA GLN C 173 -26.61 38.68 51.71
C GLN C 173 -25.42 39.41 52.33
N SER C 174 -24.46 38.66 52.86
CA SER C 174 -23.24 39.25 53.39
C SER C 174 -22.54 40.05 52.32
N LYS C 175 -22.41 39.44 51.14
CA LYS C 175 -21.71 40.03 50.02
C LYS C 175 -22.50 41.17 49.38
N LEU C 176 -23.82 41.12 49.49
CA LEU C 176 -24.67 42.18 48.93
C LEU C 176 -24.71 43.42 49.82
N LYS C 177 -24.44 43.23 51.12
CA LYS C 177 -24.31 44.36 52.05
C LYS C 177 -23.03 45.13 51.76
N ASP C 178 -21.97 44.41 51.39
CA ASP C 178 -20.70 45.02 51.06
C ASP C 178 -20.69 45.65 49.67
N LEU C 179 -21.60 45.22 48.80
CA LEU C 179 -21.61 45.74 47.44
C LEU C 179 -22.38 47.07 47.39
N PHE C 180 -23.32 47.24 48.32
CA PHE C 180 -24.03 48.50 48.48
C PHE C 180 -24.12 48.80 49.98
N ASN C 181 -23.20 49.56 50.53
CA ASN C 181 -23.23 49.85 51.97
C ASN C 181 -24.65 50.07 52.46
N VAL C 182 -25.28 49.01 52.98
CA VAL C 182 -26.66 49.11 53.50
C VAL C 182 -27.06 47.94 54.39
N ASP C 183 -27.79 48.23 55.46
CA ASP C 183 -28.31 47.23 56.41
C ASP C 183 -29.56 47.72 57.16
N ALA C 184 -29.50 47.73 58.49
CA ALA C 184 -30.62 48.18 59.32
C ALA C 184 -30.25 49.40 60.17
N PHE C 185 -29.11 49.32 60.88
CA PHE C 185 -28.63 50.43 61.72
C PHE C 185 -28.02 51.56 60.88
N LYS C 186 -28.26 51.51 59.58
CA LYS C 186 -27.78 52.51 58.63
C LYS C 186 -28.99 53.20 57.98
N LEU C 187 -29.89 52.38 57.41
CA LEU C 187 -31.07 52.87 56.71
C LEU C 187 -32.15 53.42 57.65
N GLU C 188 -32.11 53.05 58.92
CA GLU C 188 -33.08 53.58 59.88
C GLU C 188 -32.49 54.48 60.98
N SER C 189 -31.14 54.47 61.05
CA SER C 189 -30.42 55.37 61.93
C SER C 189 -30.49 56.79 61.34
N LEU C 190 -30.84 56.84 60.06
CA LEU C 190 -31.00 58.08 59.32
C LEU C 190 -32.49 58.43 59.23
N LEU D 9 -22.65 6.83 36.50
CA LEU D 9 -23.51 7.16 35.31
C LEU D 9 -24.98 6.73 35.52
N SER D 10 -25.80 7.63 36.08
CA SER D 10 -27.24 7.39 36.21
C SER D 10 -27.87 7.45 34.82
N PHE D 11 -29.19 7.29 34.73
CA PHE D 11 -29.81 7.44 33.41
C PHE D 11 -30.09 8.92 33.14
N PRO D 12 -29.80 9.39 31.90
CA PRO D 12 -30.18 10.73 31.48
C PRO D 12 -31.67 10.97 31.73
N ARG D 13 -31.99 12.16 32.23
CA ARG D 13 -33.36 12.59 32.46
C ARG D 13 -34.18 12.48 31.16
N TYR D 14 -33.62 12.91 30.04
CA TYR D 14 -34.38 13.00 28.79
C TYR D 14 -33.86 12.13 27.64
N ASN D 15 -34.78 11.65 26.81
CA ASN D 15 -34.38 11.02 25.54
C ASN D 15 -34.19 12.11 24.50
N VAL D 16 -33.76 11.74 23.29
CA VAL D 16 -33.41 12.76 22.29
C VAL D 16 -34.56 13.73 21.97
N ALA D 17 -35.77 13.19 21.76
CA ALA D 17 -36.94 14.01 21.48
C ALA D 17 -37.16 15.12 22.53
N GLU D 18 -37.16 14.77 23.82
CA GLU D 18 -37.32 15.75 24.89
C GLU D 18 -36.15 16.74 24.93
N ILE D 19 -34.93 16.24 24.75
CA ILE D 19 -33.72 17.03 24.72
C ILE D 19 -33.82 18.15 23.68
N VAL D 20 -34.38 17.84 22.51
CA VAL D 20 -34.55 18.85 21.47
C VAL D 20 -35.47 19.98 21.97
N ILE D 21 -36.61 19.61 22.53
CA ILE D 21 -37.54 20.58 23.08
C ILE D 21 -36.95 21.49 24.17
N HIS D 22 -36.09 20.94 25.02
CA HIS D 22 -35.49 21.73 26.08
C HIS D 22 -34.41 22.65 25.53
N ILE D 23 -33.71 22.18 24.50
CA ILE D 23 -32.70 22.99 23.85
C ILE D 23 -33.36 24.15 23.12
N ARG D 24 -34.48 23.87 22.44
CA ARG D 24 -35.21 24.95 21.77
C ARG D 24 -35.62 25.97 22.80
N ASN D 25 -36.38 25.54 23.81
CA ASN D 25 -36.85 26.44 24.85
C ASN D 25 -35.73 27.24 25.51
N LYS D 26 -34.69 26.56 25.96
CA LYS D 26 -33.72 27.18 26.85
C LYS D 26 -32.34 27.56 26.29
N ILE D 27 -31.94 27.04 25.13
CA ILE D 27 -30.57 27.30 24.65
C ILE D 27 -30.49 27.90 23.25
N LEU D 28 -31.15 27.28 22.28
CA LEU D 28 -31.13 27.80 20.92
C LEU D 28 -32.27 28.79 20.64
N THR D 29 -32.11 29.54 19.57
CA THR D 29 -32.99 30.68 19.30
C THR D 29 -33.33 30.80 17.81
N GLY D 30 -34.59 31.17 17.55
CA GLY D 30 -35.07 31.37 16.20
C GLY D 30 -34.71 30.23 15.28
N ALA D 31 -34.13 30.58 14.13
CA ALA D 31 -33.80 29.62 13.07
C ALA D 31 -32.99 28.45 13.61
N ASP D 32 -32.00 28.76 14.44
CA ASP D 32 -31.12 27.75 15.00
C ASP D 32 -31.85 26.59 15.68
N GLY D 33 -32.84 26.94 16.51
CA GLY D 33 -33.65 25.95 17.21
C GLY D 33 -34.65 25.27 16.30
N LYS D 34 -35.29 26.05 15.43
CA LYS D 34 -36.24 25.50 14.47
C LYS D 34 -35.61 24.44 13.57
N ASN D 35 -34.33 24.62 13.23
CA ASN D 35 -33.62 23.66 12.40
C ASN D 35 -33.22 22.38 13.13
N LEU D 36 -33.07 22.49 14.44
CA LEU D 36 -32.61 21.39 15.30
C LEU D 36 -33.63 20.25 15.34
N THR D 37 -33.16 19.06 14.97
CA THR D 37 -34.00 17.87 14.90
C THR D 37 -33.33 16.67 15.56
N LYS D 38 -34.14 15.66 15.91
CA LYS D 38 -33.62 14.41 16.49
C LYS D 38 -32.44 13.85 15.73
N ASN D 39 -32.57 13.70 14.41
CA ASN D 39 -31.55 13.04 13.58
C ASN D 39 -30.20 13.75 13.51
N ASP D 40 -30.08 14.95 14.08
CA ASP D 40 -28.76 15.54 14.08
C ASP D 40 -28.12 15.45 15.49
N LEU D 41 -28.70 14.58 16.29
CA LEU D 41 -28.23 14.29 17.62
C LEU D 41 -28.27 12.80 17.89
N TYR D 42 -29.04 12.08 17.10
CA TYR D 42 -29.07 10.63 17.20
C TYR D 42 -29.59 9.95 15.93
N PRO D 43 -28.94 8.89 15.47
CA PRO D 43 -27.96 8.14 16.24
C PRO D 43 -26.58 8.56 16.02
N ASN D 44 -26.36 9.56 15.19
CA ASN D 44 -25.03 10.04 15.04
C ASN D 44 -25.14 11.50 15.07
N PRO D 45 -24.46 12.12 16.02
CA PRO D 45 -24.59 13.53 16.28
C PRO D 45 -23.72 14.38 15.42
N LYS D 46 -24.30 15.39 14.82
CA LYS D 46 -23.55 16.29 14.02
C LYS D 46 -22.73 17.23 14.85
N PRO D 47 -21.44 16.93 14.94
CA PRO D 47 -20.50 17.66 15.80
C PRO D 47 -20.61 19.18 15.75
N GLU D 48 -21.00 19.71 14.58
CA GLU D 48 -21.15 21.16 14.41
C GLU D 48 -22.47 21.67 14.99
N VAL D 49 -23.43 20.76 15.17
CA VAL D 49 -24.67 21.12 15.86
C VAL D 49 -24.39 21.17 17.37
N LEU D 50 -23.61 20.20 17.87
CA LEU D 50 -23.24 20.15 19.28
C LEU D 50 -22.36 21.32 19.65
N HIS D 51 -21.50 21.69 18.71
CA HIS D 51 -20.63 22.84 18.86
C HIS D 51 -21.45 24.11 19.19
N MET D 52 -22.53 24.29 18.43
CA MET D 52 -23.39 25.44 18.56
C MET D 52 -24.11 25.43 19.90
N ILE D 53 -24.64 24.26 20.27
CA ILE D 53 -25.34 24.06 21.53
C ILE D 53 -24.38 24.31 22.69
N TYR D 54 -23.29 23.54 22.75
CA TYR D 54 -22.29 23.71 23.82
C TYR D 54 -21.80 25.14 23.94
N MET D 55 -21.66 25.82 22.80
CA MET D 55 -21.17 27.18 22.79
C MET D 55 -22.23 28.14 23.33
N ARG D 56 -23.45 28.03 22.82
CA ARG D 56 -24.53 28.88 23.30
C ARG D 56 -24.76 28.68 24.80
N ALA D 57 -24.67 27.42 25.25
CA ALA D 57 -24.84 27.11 26.66
C ALA D 57 -23.86 27.90 27.50
N LEU D 58 -22.58 27.82 27.12
CA LEU D 58 -21.51 28.56 27.79
C LEU D 58 -21.77 30.06 27.81
N GLN D 59 -22.14 30.60 26.65
CA GLN D 59 -22.49 32.02 26.56
C GLN D 59 -23.55 32.38 27.61
N ILE D 60 -24.68 31.67 27.60
CA ILE D 60 -25.77 31.91 28.56
C ILE D 60 -25.30 31.91 30.00
N VAL D 61 -24.53 30.89 30.38
CA VAL D 61 -24.15 30.68 31.78
C VAL D 61 -23.00 31.59 32.23
N TYR D 62 -21.96 31.69 31.41
CA TYR D 62 -20.78 32.49 31.77
C TYR D 62 -20.80 33.92 31.24
N GLY D 63 -21.82 34.26 30.45
CA GLY D 63 -21.94 35.59 29.87
C GLY D 63 -20.70 35.80 29.05
N ILE D 64 -20.63 35.12 27.90
CA ILE D 64 -19.43 35.09 27.12
C ILE D 64 -19.88 35.20 25.67
N ARG D 65 -19.05 35.73 24.78
CA ARG D 65 -19.48 35.91 23.38
C ARG D 65 -18.69 35.14 22.34
N LEU D 66 -19.23 35.08 21.13
CA LEU D 66 -18.62 34.38 20.02
C LEU D 66 -17.14 34.72 19.91
N GLU D 67 -16.84 36.01 20.04
CA GLU D 67 -15.49 36.56 19.97
C GLU D 67 -14.51 35.88 20.94
N HIS D 68 -14.98 35.50 22.12
CA HIS D 68 -14.13 34.85 23.13
C HIS D 68 -13.63 33.47 22.69
N PHE D 69 -14.30 32.89 21.70
CA PHE D 69 -13.94 31.57 21.19
C PHE D 69 -12.87 31.68 20.11
N TYR D 70 -12.38 32.90 19.88
CA TYR D 70 -11.34 33.12 18.89
C TYR D 70 -10.06 33.71 19.50
N MET D 71 -9.95 33.62 20.83
CA MET D 71 -8.77 34.10 21.55
C MET D 71 -7.58 33.18 21.29
N MET D 72 -6.47 33.78 20.89
CA MET D 72 -5.23 33.07 20.63
C MET D 72 -4.28 33.18 21.82
N PRO D 73 -3.90 32.04 22.44
CA PRO D 73 -2.88 32.06 23.50
C PRO D 73 -1.58 32.74 23.04
N VAL D 74 -0.91 33.43 23.97
CA VAL D 74 0.27 34.25 23.64
C VAL D 74 1.58 33.49 23.39
N ASN D 75 1.75 32.34 24.05
CA ASN D 75 2.99 31.57 23.92
C ASN D 75 2.84 30.35 23.01
N SER D 76 2.07 30.52 21.94
CA SER D 76 1.83 29.45 20.97
C SER D 76 2.96 29.40 19.96
N GLY D 77 3.30 30.57 19.40
CA GLY D 77 4.38 30.70 18.45
C GLY D 77 4.13 29.90 17.17
N VAL D 78 2.96 30.10 16.57
CA VAL D 78 2.65 29.45 15.29
C VAL D 78 3.15 30.33 14.15
N MET D 79 3.36 29.73 12.98
CA MET D 79 3.90 30.49 11.84
C MET D 79 2.84 31.24 11.01
N TYR D 80 1.62 30.72 10.92
CA TYR D 80 0.53 31.38 10.18
C TYR D 80 -0.74 31.56 11.02
N PRO D 81 -0.72 32.53 11.95
CA PRO D 81 -1.86 32.80 12.85
C PRO D 81 -3.24 32.81 12.16
N HIS D 82 -3.34 33.39 10.98
CA HIS D 82 -4.64 33.50 10.30
C HIS D 82 -5.17 32.15 9.80
N LEU D 83 -4.27 31.21 9.58
CA LEU D 83 -4.67 29.86 9.16
C LEU D 83 -5.20 29.00 10.32
N MET D 84 -5.12 29.51 11.55
CA MET D 84 -5.46 28.74 12.74
C MET D 84 -6.81 29.05 13.32
N GLU D 85 -7.50 30.05 12.78
CA GLU D 85 -8.77 30.45 13.41
C GLU D 85 -9.89 29.40 13.30
N GLY D 86 -9.77 28.45 12.39
CA GLY D 86 -10.75 27.38 12.34
C GLY D 86 -10.69 26.52 13.59
N PHE D 87 -9.50 26.43 14.18
CA PHE D 87 -9.21 25.56 15.32
C PHE D 87 -9.48 26.20 16.68
N LEU D 88 -9.32 27.52 16.73
CA LEU D 88 -9.50 28.28 17.97
C LEU D 88 -10.84 28.00 18.71
N PRO D 89 -11.99 28.11 18.02
CA PRO D 89 -13.22 27.81 18.72
C PRO D 89 -13.22 26.41 19.36
N PHE D 90 -12.66 25.42 18.68
CA PHE D 90 -12.59 24.08 19.25
C PHE D 90 -11.77 24.08 20.53
N SER D 91 -10.56 24.62 20.46
CA SER D 91 -9.63 24.63 21.59
C SER D 91 -10.25 25.32 22.83
N ASN D 92 -10.76 26.54 22.63
CA ASN D 92 -11.44 27.28 23.67
C ASN D 92 -12.70 26.54 24.16
N LEU D 93 -13.47 25.99 23.22
CA LEU D 93 -14.72 25.31 23.57
C LEU D 93 -14.40 24.22 24.58
N VAL D 94 -13.35 23.46 24.27
CA VAL D 94 -12.85 22.38 25.12
C VAL D 94 -12.37 22.91 26.48
N THR D 95 -11.60 23.99 26.48
CA THR D 95 -11.08 24.55 27.72
C THR D 95 -12.22 24.95 28.68
N HIS D 96 -13.27 25.58 28.16
CA HIS D 96 -14.42 25.96 28.99
C HIS D 96 -15.30 24.77 29.39
N LEU D 97 -15.57 23.85 28.45
CA LEU D 97 -16.37 22.70 28.78
C LEU D 97 -15.71 21.91 29.89
N ASP D 98 -14.39 22.05 30.03
CA ASP D 98 -13.65 21.39 31.10
C ASP D 98 -14.10 21.84 32.45
N SER D 99 -14.41 23.12 32.53
CA SER D 99 -14.79 23.72 33.77
C SER D 99 -16.30 23.59 34.02
N PHE D 100 -17.09 23.67 32.95
CA PHE D 100 -18.54 23.71 33.04
C PHE D 100 -19.20 22.37 33.26
N LEU D 101 -18.79 21.35 32.52
CA LEU D 101 -19.46 20.06 32.63
C LEU D 101 -19.38 19.45 34.02
N PRO D 102 -18.22 19.58 34.71
CA PRO D 102 -18.23 19.11 36.08
C PRO D 102 -19.36 19.75 36.89
N ILE D 103 -19.67 21.03 36.64
CA ILE D 103 -20.77 21.71 37.32
C ILE D 103 -22.12 21.06 37.01
N CYS D 104 -22.34 20.74 35.74
CA CYS D 104 -23.53 19.99 35.31
C CYS D 104 -23.42 18.51 35.66
N ARG D 105 -22.49 18.14 36.54
CA ARG D 105 -22.39 16.77 37.05
C ARG D 105 -21.80 15.75 36.07
N VAL D 106 -21.04 16.25 35.10
CA VAL D 106 -20.38 15.38 34.14
C VAL D 106 -18.89 15.51 34.34
N ASN D 107 -18.25 14.41 34.73
CA ASN D 107 -16.81 14.44 35.03
C ASN D 107 -15.91 13.76 34.00
N ASP D 108 -16.48 12.95 33.13
CA ASP D 108 -15.69 12.18 32.18
C ASP D 108 -15.68 12.75 30.76
N PHE D 109 -15.71 14.07 30.63
CA PHE D 109 -15.72 14.68 29.31
C PHE D 109 -14.35 14.64 28.66
N GLU D 110 -14.32 14.39 27.36
CA GLU D 110 -13.06 14.27 26.63
C GLU D 110 -13.12 14.99 25.29
N THR D 111 -11.96 15.39 24.77
CA THR D 111 -11.88 16.11 23.50
C THR D 111 -12.58 15.41 22.34
N ALA D 112 -12.54 14.08 22.35
CA ALA D 112 -13.21 13.27 21.33
C ALA D 112 -14.73 13.45 21.34
N ASP D 113 -15.27 13.90 22.47
CA ASP D 113 -16.71 14.17 22.58
C ASP D 113 -17.14 15.30 21.61
N ILE D 114 -16.29 16.29 21.42
CA ILE D 114 -16.54 17.33 20.42
C ILE D 114 -16.21 16.87 19.01
N LEU D 115 -15.05 16.25 18.83
CA LEU D 115 -14.56 15.86 17.50
C LEU D 115 -15.24 14.65 16.94
N CYS D 116 -15.72 13.78 17.81
CA CYS D 116 -16.27 12.53 17.36
C CYS D 116 -17.32 12.05 18.38
N PRO D 117 -18.52 12.69 18.37
CA PRO D 117 -19.55 12.43 19.39
C PRO D 117 -20.24 11.09 19.26
N LYS D 118 -20.60 10.51 20.41
CA LYS D 118 -21.37 9.29 20.54
C LYS D 118 -22.78 9.66 21.03
N ALA D 119 -23.78 8.94 20.55
CA ALA D 119 -25.19 9.20 20.86
C ALA D 119 -25.51 9.29 22.35
N LYS D 120 -25.22 8.21 23.05
CA LYS D 120 -25.59 8.10 24.45
C LYS D 120 -24.83 9.09 25.35
N ARG D 121 -23.51 9.16 25.15
CA ARG D 121 -22.69 10.09 25.92
C ARG D 121 -23.17 11.50 25.72
N THR D 122 -23.42 11.90 24.47
CA THR D 122 -23.83 13.28 24.29
C THR D 122 -25.26 13.55 24.77
N SER D 123 -26.11 12.52 24.80
CA SER D 123 -27.43 12.76 25.37
C SER D 123 -27.32 12.86 26.90
N ARG D 124 -26.33 12.19 27.49
CA ARG D 124 -26.09 12.33 28.93
C ARG D 124 -25.62 13.77 29.25
N PHE D 125 -24.72 14.29 28.44
CA PHE D 125 -24.23 15.62 28.62
C PHE D 125 -25.34 16.66 28.48
N LEU D 126 -26.09 16.60 27.38
CA LEU D 126 -27.14 17.60 27.17
C LEU D 126 -28.20 17.60 28.29
N SER D 127 -28.48 16.41 28.85
CA SER D 127 -29.38 16.34 29.99
C SER D 127 -28.79 17.08 31.23
N GLY D 128 -27.50 16.85 31.47
CA GLY D 128 -26.84 17.46 32.61
C GLY D 128 -26.84 18.96 32.51
N ILE D 129 -26.59 19.47 31.31
CA ILE D 129 -26.65 20.91 31.04
C ILE D 129 -28.09 21.39 31.21
N ILE D 130 -29.02 20.75 30.51
CA ILE D 130 -30.42 21.14 30.63
C ILE D 130 -30.87 21.14 32.10
N ASN D 131 -30.40 20.16 32.89
CA ASN D 131 -30.81 20.09 34.30
C ASN D 131 -30.29 21.31 35.03
N PHE D 132 -28.99 21.53 34.92
CA PHE D 132 -28.37 22.67 35.57
C PHE D 132 -29.06 23.98 35.13
N ILE D 133 -29.35 24.10 33.84
CA ILE D 133 -30.00 25.30 33.37
C ILE D 133 -31.34 25.48 34.08
N HIS D 134 -32.08 24.42 34.34
CA HIS D 134 -33.36 24.60 35.04
C HIS D 134 -33.15 25.09 36.46
N PHE D 135 -32.13 24.54 37.11
CA PHE D 135 -31.78 24.95 38.45
C PHE D 135 -31.30 26.40 38.51
N ARG D 136 -30.46 26.88 37.59
CA ARG D 136 -30.01 28.26 37.79
C ARG D 136 -31.16 29.22 37.59
N GLU D 137 -32.15 28.83 36.79
CA GLU D 137 -33.34 29.64 36.66
C GLU D 137 -34.01 29.82 38.01
N ALA D 138 -34.10 28.75 38.78
CA ALA D 138 -34.71 28.81 40.09
C ALA D 138 -33.88 29.72 40.99
N CYS D 139 -32.56 29.61 40.87
CA CYS D 139 -31.64 30.47 41.61
C CYS D 139 -31.71 31.93 41.14
N ARG D 140 -31.93 32.15 39.85
CA ARG D 140 -32.02 33.50 39.32
C ARG D 140 -33.14 34.25 40.03
N GLU D 141 -34.29 33.61 40.13
CA GLU D 141 -35.42 34.23 40.79
C GLU D 141 -35.02 34.67 42.21
N THR D 142 -34.47 33.74 43.00
CA THR D 142 -34.03 34.08 44.36
C THR D 142 -33.01 35.21 44.36
N TYR D 143 -32.02 35.11 43.48
CA TYR D 143 -30.95 36.10 43.41
C TYR D 143 -31.45 37.50 43.04
N MET D 144 -32.25 37.60 41.99
CA MET D 144 -32.75 38.87 41.49
C MET D 144 -33.67 39.52 42.51
N GLU D 145 -34.30 38.70 43.33
CA GLU D 145 -35.17 39.21 44.39
C GLU D 145 -34.32 39.86 45.47
N PHE D 146 -33.19 39.24 45.81
CA PHE D 146 -32.26 39.83 46.77
C PHE D 146 -31.59 41.06 46.17
N LEU D 147 -31.24 40.99 44.89
CA LEU D 147 -30.57 42.10 44.21
C LEU D 147 -31.48 43.33 44.19
N TRP D 148 -32.75 43.14 43.83
CA TRP D 148 -33.75 44.22 43.86
C TRP D 148 -33.89 44.77 45.27
N GLN D 149 -33.73 43.93 46.27
CA GLN D 149 -33.84 44.38 47.66
C GLN D 149 -32.69 45.27 48.11
N TYR D 150 -31.48 44.98 47.64
CA TYR D 150 -30.31 45.76 48.07
C TYR D 150 -30.04 47.00 47.22
N LYS D 151 -30.34 46.95 45.92
CA LYS D 151 -30.15 48.13 45.08
C LYS D 151 -31.32 49.11 45.26
N SER D 152 -32.39 48.65 45.89
CA SER D 152 -33.53 49.49 46.26
C SER D 152 -33.30 50.15 47.61
N SER D 153 -32.51 49.49 48.45
CA SER D 153 -32.13 50.03 49.76
C SER D 153 -30.92 50.96 49.62
N ALA D 154 -30.20 50.84 48.51
CA ALA D 154 -29.10 51.75 48.20
C ALA D 154 -29.66 53.02 47.57
N ASP D 155 -30.89 52.92 47.07
CA ASP D 155 -31.60 54.07 46.52
C ASP D 155 -32.26 54.86 47.63
N LYS D 156 -32.91 54.15 48.56
CA LYS D 156 -33.48 54.80 49.75
C LYS D 156 -32.39 55.39 50.64
N MET D 157 -31.14 55.21 50.23
CA MET D 157 -30.00 55.84 50.87
C MET D 157 -29.74 57.21 50.27
N GLN D 158 -29.57 57.26 48.95
CA GLN D 158 -29.35 58.52 48.24
C GLN D 158 -30.60 59.39 48.24
N GLN D 159 -31.77 58.78 48.45
CA GLN D 159 -33.03 59.50 48.55
C GLN D 159 -33.21 60.02 49.99
N LEU D 160 -32.29 59.65 50.87
CA LEU D 160 -32.36 60.04 52.28
C LEU D 160 -31.19 60.92 52.70
N ASN D 161 -30.09 60.87 51.94
CA ASN D 161 -28.96 61.79 52.14
C ASN D 161 -29.24 63.13 51.47
N MET E 1 21.75 3.26 11.23
CA MET E 1 20.82 2.10 11.25
C MET E 1 20.20 1.72 9.89
N ILE E 2 20.33 2.60 8.89
CA ILE E 2 19.82 2.28 7.55
C ILE E 2 20.99 1.86 6.67
N LYS E 3 21.80 2.83 6.28
CA LYS E 3 23.01 2.56 5.54
C LYS E 3 24.17 2.38 6.52
N ASP E 4 24.86 1.25 6.36
CA ASP E 4 25.98 0.89 7.21
C ASP E 4 27.07 1.95 7.14
N PRO E 5 27.46 2.51 8.30
CA PRO E 5 28.54 3.49 8.33
C PRO E 5 29.92 2.84 8.21
N ARG E 6 29.97 1.51 8.30
CA ARG E 6 31.22 0.79 8.40
C ARG E 6 31.82 0.43 7.04
N PRO E 7 33.16 0.56 6.92
CA PRO E 7 33.94 0.25 5.70
C PRO E 7 34.09 -1.26 5.48
N LEU E 8 32.98 -1.97 5.35
CA LEU E 8 32.97 -3.44 5.24
C LEU E 8 33.82 -4.01 4.10
N ASN E 9 34.13 -3.22 3.11
CA ASN E 9 34.94 -3.77 2.03
C ASN E 9 36.35 -3.20 2.03
N ASP E 10 36.75 -2.63 3.16
CA ASP E 10 38.11 -2.23 3.36
C ASP E 10 38.80 -3.38 4.09
N LYS E 11 39.87 -3.93 3.50
CA LYS E 11 40.63 -5.04 4.09
C LYS E 11 41.04 -4.75 5.53
N ALA E 12 41.61 -3.57 5.77
CA ALA E 12 42.06 -3.17 7.09
C ALA E 12 40.93 -3.21 8.13
N PHE E 13 39.73 -2.76 7.76
CA PHE E 13 38.63 -2.75 8.71
C PHE E 13 38.17 -4.19 9.01
N ILE E 14 38.14 -5.04 8.00
CA ILE E 14 37.77 -6.42 8.24
C ILE E 14 38.88 -7.09 9.06
N GLN E 15 40.13 -6.71 8.81
CA GLN E 15 41.24 -7.25 9.59
C GLN E 15 41.17 -6.76 11.03
N GLN E 16 40.74 -5.51 11.20
CA GLN E 16 40.56 -4.93 12.51
C GLN E 16 39.49 -5.71 13.26
N CYS E 17 38.40 -6.02 12.57
CA CYS E 17 37.30 -6.80 13.14
C CYS E 17 37.78 -8.15 13.62
N ILE E 18 38.51 -8.86 12.74
CA ILE E 18 39.01 -10.20 13.10
C ILE E 18 39.87 -10.13 14.37
N ARG E 19 40.77 -9.14 14.41
CA ARG E 19 41.64 -8.87 15.56
C ARG E 19 40.83 -8.69 16.85
N GLN E 20 39.75 -7.92 16.78
CA GLN E 20 38.91 -7.68 17.95
C GLN E 20 38.26 -8.98 18.45
N LEU E 21 37.77 -9.77 17.51
CA LEU E 21 37.19 -11.08 17.79
C LEU E 21 38.23 -12.02 18.37
N CYS E 22 39.39 -12.08 17.73
CA CYS E 22 40.44 -12.93 18.21
C CYS E 22 40.76 -12.53 19.64
N GLU E 23 41.10 -11.26 19.84
CA GLU E 23 41.43 -10.74 21.17
C GLU E 23 40.37 -11.09 22.22
N PHE E 24 39.10 -10.81 21.91
CA PHE E 24 38.00 -11.04 22.85
C PHE E 24 37.92 -12.51 23.25
N LEU E 25 37.91 -13.41 22.27
CA LEU E 25 37.86 -14.83 22.54
C LEU E 25 39.00 -15.29 23.48
N THR E 26 40.24 -14.93 23.14
CA THR E 26 41.41 -15.32 23.92
C THR E 26 41.38 -14.79 25.35
N GLU E 27 40.92 -13.55 25.50
CA GLU E 27 40.94 -12.86 26.77
C GLU E 27 39.77 -13.23 27.66
N ASN E 28 38.82 -13.99 27.13
CA ASN E 28 37.66 -14.38 27.91
C ASN E 28 37.52 -15.88 28.09
N GLY E 29 38.64 -16.58 27.90
CA GLY E 29 38.73 -18.00 28.12
C GLY E 29 38.01 -18.94 27.17
N TYR E 30 37.80 -18.52 25.92
CA TYR E 30 37.20 -19.36 24.88
C TYR E 30 37.98 -20.70 24.77
N ALA E 31 37.26 -21.80 24.86
CA ALA E 31 37.89 -23.13 25.02
C ALA E 31 38.72 -23.65 23.85
N HIS E 32 38.42 -23.18 22.65
CA HIS E 32 39.10 -23.67 21.45
C HIS E 32 40.13 -22.66 20.97
N ASN E 33 41.22 -23.16 20.40
CA ASN E 33 42.30 -22.30 19.90
C ASN E 33 41.87 -21.44 18.73
N VAL E 34 42.21 -20.17 18.80
CA VAL E 34 41.92 -19.25 17.73
C VAL E 34 43.14 -18.41 17.45
N SER E 35 43.22 -17.94 16.21
CA SER E 35 44.30 -17.08 15.75
C SER E 35 43.80 -16.21 14.60
N MET E 36 44.54 -15.14 14.30
CA MET E 36 44.25 -14.30 13.14
C MET E 36 44.10 -15.17 11.91
N LYS E 37 44.96 -16.17 11.82
CA LYS E 37 44.95 -17.14 10.73
C LYS E 37 43.67 -17.98 10.74
N SER E 38 43.37 -18.61 11.87
CA SER E 38 42.18 -19.50 11.93
C SER E 38 40.83 -18.77 11.72
N LEU E 39 40.80 -17.44 11.79
CA LEU E 39 39.53 -16.70 11.67
C LEU E 39 39.33 -15.97 10.32
N GLN E 40 40.12 -16.31 9.31
CA GLN E 40 39.99 -15.66 8.00
C GLN E 40 38.77 -16.16 7.19
N ALA E 41 38.44 -17.44 7.38
CA ALA E 41 37.33 -18.11 6.72
C ALA E 41 36.85 -19.28 7.59
N PRO E 42 36.23 -18.98 8.73
CA PRO E 42 35.80 -20.08 9.62
C PRO E 42 34.78 -20.99 8.96
N SER E 43 34.75 -22.23 9.42
CA SER E 43 33.71 -23.17 9.02
C SER E 43 32.43 -22.75 9.73
N VAL E 44 31.27 -23.16 9.22
CA VAL E 44 29.99 -22.94 9.90
C VAL E 44 30.01 -23.53 11.32
N LYS E 45 30.60 -24.72 11.47
CA LYS E 45 30.74 -25.38 12.74
C LYS E 45 31.49 -24.49 13.71
N ASP E 46 32.56 -23.85 13.22
CA ASP E 46 33.33 -22.92 14.06
C ASP E 46 32.53 -21.69 14.45
N PHE E 47 31.96 -21.04 13.44
CA PHE E 47 31.13 -19.88 13.65
C PHE E 47 30.10 -20.14 14.76
N LEU E 48 29.44 -21.30 14.71
CA LEU E 48 28.39 -21.61 15.68
C LEU E 48 28.95 -21.77 17.09
N LYS E 49 30.18 -22.29 17.21
CA LYS E 49 30.82 -22.36 18.51
C LYS E 49 31.14 -20.94 18.99
N ILE E 50 31.61 -20.09 18.09
CA ILE E 50 31.97 -18.72 18.44
C ILE E 50 30.73 -17.91 18.79
N PHE E 51 29.67 -18.04 17.99
CA PHE E 51 28.44 -17.32 18.23
C PHE E 51 27.85 -17.75 19.55
N THR E 52 27.82 -19.07 19.79
CA THR E 52 27.25 -19.60 21.02
C THR E 52 28.02 -19.07 22.22
N PHE E 53 29.34 -18.95 22.10
CA PHE E 53 30.13 -18.45 23.19
C PHE E 53 29.74 -17.01 23.51
N LEU E 54 29.76 -16.16 22.47
CA LEU E 54 29.48 -14.74 22.64
C LEU E 54 28.09 -14.49 23.19
N TYR E 55 27.10 -15.18 22.64
CA TYR E 55 25.73 -14.97 23.03
C TYR E 55 25.52 -15.43 24.46
N GLY E 56 26.32 -16.39 24.90
CA GLY E 56 26.22 -16.92 26.27
C GLY E 56 26.55 -15.88 27.33
N PHE E 57 27.26 -14.83 26.94
CA PHE E 57 27.49 -13.69 27.82
C PHE E 57 26.19 -12.94 28.06
N LEU E 58 25.20 -13.14 27.21
CA LEU E 58 23.95 -12.43 27.39
C LEU E 58 22.91 -13.38 27.90
N CYS E 59 22.91 -14.61 27.37
CA CYS E 59 22.04 -15.66 27.85
C CYS E 59 22.89 -16.78 28.44
N PRO E 60 23.14 -16.70 29.75
CA PRO E 60 23.95 -17.66 30.45
C PRO E 60 23.53 -19.08 30.14
N SER E 61 24.52 -19.94 29.92
CA SER E 61 24.27 -21.38 29.72
C SER E 61 23.44 -21.65 28.46
N TYR E 62 23.53 -20.76 27.48
CA TYR E 62 22.76 -20.90 26.24
C TYR E 62 23.35 -21.92 25.23
N GLU E 63 22.47 -22.74 24.68
CA GLU E 63 22.90 -23.53 23.56
C GLU E 63 21.88 -23.31 22.45
N LEU E 64 22.35 -23.25 21.21
CA LEU E 64 21.40 -23.06 20.13
C LEU E 64 20.70 -24.39 19.88
N PRO E 65 19.37 -24.33 19.62
CA PRO E 65 18.58 -25.54 19.29
C PRO E 65 19.26 -26.37 18.20
N ASP E 66 19.11 -27.70 18.28
CA ASP E 66 19.88 -28.62 17.41
C ASP E 66 19.61 -28.54 15.89
N THR E 67 18.49 -27.95 15.48
CA THR E 67 18.27 -27.67 14.05
C THR E 67 17.77 -26.24 13.82
N LYS E 68 17.88 -25.81 12.56
CA LYS E 68 17.40 -24.49 12.08
C LYS E 68 18.22 -23.32 12.61
N PHE E 69 19.53 -23.41 12.47
CA PHE E 69 20.38 -22.34 12.93
C PHE E 69 20.28 -21.16 11.98
N GLU E 70 20.02 -21.46 10.69
CA GLU E 70 19.98 -20.46 9.63
C GLU E 70 18.84 -19.51 9.84
N GLU E 71 17.85 -19.98 10.60
CA GLU E 71 16.72 -19.17 10.99
C GLU E 71 17.00 -18.48 12.32
N GLU E 72 17.51 -19.25 13.29
CA GLU E 72 17.79 -18.77 14.65
C GLU E 72 18.81 -17.64 14.80
N VAL E 73 20.02 -17.83 14.28
CA VAL E 73 21.04 -16.81 14.41
C VAL E 73 20.54 -15.46 13.88
N PRO E 74 19.99 -15.42 12.64
CA PRO E 74 19.46 -14.13 12.20
C PRO E 74 18.37 -13.59 13.10
N ARG E 75 17.47 -14.45 13.57
CA ARG E 75 16.39 -14.00 14.45
C ARG E 75 16.97 -13.32 15.71
N ILE E 76 17.99 -13.93 16.29
CA ILE E 76 18.62 -13.38 17.48
C ILE E 76 19.25 -12.00 17.22
N PHE E 77 19.96 -11.86 16.12
CA PHE E 77 20.53 -10.56 15.80
C PHE E 77 19.40 -9.53 15.62
N LYS E 78 18.28 -9.94 15.04
CA LYS E 78 17.17 -9.03 14.88
C LYS E 78 16.64 -8.61 16.26
N ASP E 79 16.33 -9.59 17.12
CA ASP E 79 15.78 -9.33 18.46
C ASP E 79 16.73 -8.56 19.40
N LEU E 80 18.01 -8.49 19.04
CA LEU E 80 18.97 -7.74 19.83
C LEU E 80 19.06 -6.31 19.30
N GLY E 81 18.41 -6.05 18.18
CA GLY E 81 18.43 -4.70 17.63
C GLY E 81 19.54 -4.42 16.64
N TYR E 82 20.04 -5.46 15.98
CA TYR E 82 21.05 -5.30 14.95
C TYR E 82 20.39 -4.60 13.75
N PRO E 83 20.91 -3.44 13.35
CA PRO E 83 20.26 -2.66 12.30
C PRO E 83 20.25 -3.30 10.91
N PHE E 84 21.01 -4.37 10.70
CA PHE E 84 21.15 -4.93 9.35
C PHE E 84 20.75 -6.39 9.28
N ALA E 85 19.90 -6.72 8.30
CA ALA E 85 19.38 -8.07 8.14
C ALA E 85 20.48 -9.00 7.71
N LEU E 86 20.48 -10.20 8.30
CA LEU E 86 21.42 -11.23 7.95
C LEU E 86 20.59 -12.27 7.23
N SER E 87 20.96 -12.57 5.99
CA SER E 87 20.16 -13.50 5.20
C SER E 87 20.37 -14.95 5.61
N LYS E 88 19.34 -15.77 5.39
CA LYS E 88 19.36 -17.20 5.57
C LYS E 88 20.57 -17.79 4.84
N SER E 89 20.82 -17.37 3.60
CA SER E 89 21.93 -17.96 2.87
C SER E 89 23.31 -17.49 3.40
N SER E 90 23.39 -16.30 4.02
CA SER E 90 24.64 -15.90 4.70
C SER E 90 25.06 -17.01 5.64
N MET E 91 24.08 -17.53 6.38
CA MET E 91 24.30 -18.48 7.46
C MET E 91 24.95 -19.79 7.04
N TYR E 92 24.69 -20.20 5.79
CA TYR E 92 25.24 -21.45 5.26
C TYR E 92 26.66 -21.26 4.76
N THR E 93 27.04 -20.01 4.54
CA THR E 93 28.32 -19.73 3.90
C THR E 93 29.08 -18.64 4.66
N VAL E 94 28.84 -18.55 5.96
CA VAL E 94 29.45 -17.49 6.79
C VAL E 94 30.93 -17.18 6.49
N GLY E 95 31.73 -18.22 6.26
CA GLY E 95 33.15 -18.04 6.06
C GLY E 95 33.57 -17.63 4.67
N ALA E 96 32.63 -17.59 3.72
CA ALA E 96 32.91 -17.34 2.29
C ALA E 96 33.44 -15.91 2.00
N PRO E 97 34.19 -15.73 0.90
CA PRO E 97 34.91 -14.45 0.70
C PRO E 97 34.06 -13.18 0.77
N HIS E 98 32.89 -13.17 0.15
CA HIS E 98 32.07 -11.96 0.16
C HIS E 98 31.06 -11.97 1.32
N THR E 99 31.18 -12.93 2.23
CA THR E 99 30.21 -13.05 3.31
C THR E 99 30.81 -12.77 4.69
N TRP E 100 31.99 -13.32 4.94
CA TRP E 100 32.63 -13.14 6.23
C TRP E 100 32.74 -11.66 6.63
N PRO E 101 33.11 -10.75 5.69
CA PRO E 101 33.11 -9.35 6.13
C PRO E 101 31.83 -8.90 6.84
N HIS E 102 30.64 -9.24 6.33
CA HIS E 102 29.37 -8.90 7.01
C HIS E 102 29.18 -9.63 8.36
N ILE E 103 29.57 -10.89 8.41
CA ILE E 103 29.36 -11.68 9.59
C ILE E 103 30.30 -11.29 10.73
N VAL E 104 31.60 -11.09 10.42
CA VAL E 104 32.58 -10.72 11.46
C VAL E 104 32.19 -9.38 12.04
N ALA E 105 31.70 -8.52 11.16
CA ALA E 105 31.19 -7.22 11.54
C ALA E 105 30.06 -7.45 12.53
N ALA E 106 29.14 -8.37 12.22
CA ALA E 106 28.01 -8.62 13.11
C ALA E 106 28.50 -9.13 14.49
N LEU E 107 29.47 -10.05 14.48
CA LEU E 107 30.00 -10.62 15.74
C LEU E 107 30.61 -9.56 16.63
N VAL E 108 31.38 -8.65 16.03
CA VAL E 108 32.02 -7.55 16.74
C VAL E 108 30.99 -6.59 17.29
N TRP E 109 29.89 -6.39 16.56
CA TRP E 109 28.76 -5.58 17.05
C TRP E 109 28.16 -6.28 18.31
N LEU E 110 28.00 -7.60 18.24
CA LEU E 110 27.52 -8.35 19.37
C LEU E 110 28.44 -8.18 20.59
N ILE E 111 29.76 -8.31 20.36
CA ILE E 111 30.75 -8.05 21.40
C ILE E 111 30.54 -6.67 22.03
N ASP E 112 30.18 -5.69 21.18
CA ASP E 112 29.91 -4.35 21.69
C ASP E 112 28.68 -4.34 22.60
N CYS E 113 27.64 -5.12 22.24
CA CYS E 113 26.47 -5.28 23.12
C CYS E 113 26.94 -5.79 24.48
N ILE E 114 27.69 -6.90 24.49
CA ILE E 114 28.25 -7.44 25.72
C ILE E 114 28.91 -6.34 26.57
N LYS E 115 29.73 -5.52 25.92
CA LYS E 115 30.39 -4.43 26.63
C LYS E 115 29.36 -3.50 27.25
N ILE E 116 28.39 -3.06 26.45
CA ILE E 116 27.33 -2.18 26.93
C ILE E 116 26.60 -2.81 28.11
N HIS E 117 26.21 -4.07 27.94
CA HIS E 117 25.47 -4.78 28.98
C HIS E 117 26.27 -5.01 30.27
N THR E 118 27.59 -5.20 30.14
CA THR E 118 28.44 -5.41 31.30
C THR E 118 28.61 -4.11 32.10
N ALA E 119 28.77 -3.00 31.40
CA ALA E 119 28.86 -1.68 32.03
C ALA E 119 27.55 -1.35 32.74
N MET E 120 26.45 -1.73 32.11
CA MET E 120 25.11 -1.51 32.64
C MET E 120 24.93 -2.18 34.01
N LYS E 121 25.68 -3.25 34.25
CA LYS E 121 25.61 -3.94 35.54
C LYS E 121 26.46 -3.21 36.60
N GLU E 122 26.76 -1.94 36.34
CA GLU E 122 27.33 -1.04 37.33
C GLU E 122 26.40 0.16 37.48
N SER E 123 26.52 1.12 36.57
CA SER E 123 25.69 2.34 36.65
C SER E 123 25.21 2.89 35.31
N SER E 124 23.91 3.23 35.26
CA SER E 124 23.29 3.96 34.15
C SER E 124 21.88 4.43 34.54
N TRP E 133 15.89 9.98 37.38
CA TRP E 133 14.88 9.49 38.31
C TRP E 133 13.47 9.94 37.89
N GLY E 134 12.46 9.26 38.44
CA GLY E 134 11.05 9.58 38.20
C GLY E 134 10.35 9.95 39.49
N GLU E 135 10.22 11.25 39.74
CA GLU E 135 9.64 11.75 40.99
C GLU E 135 8.10 11.86 40.95
N GLU E 136 7.53 11.86 39.75
CA GLU E 136 6.06 11.93 39.59
C GLU E 136 5.54 10.98 38.51
N THR E 137 4.48 10.26 38.85
CA THR E 137 3.85 9.29 38.00
C THR E 137 2.79 9.93 37.10
N GLU E 138 2.58 9.32 35.94
CA GLU E 138 1.63 9.85 34.96
C GLU E 138 0.17 9.43 35.25
N ASP E 139 -0.08 8.93 36.46
CA ASP E 139 -1.46 8.71 36.93
C ASP E 139 -1.71 9.49 38.23
N GLY E 140 -1.03 10.64 38.31
CA GLY E 140 -1.29 11.62 39.38
C GLY E 140 -0.55 11.52 40.70
N ILE E 141 0.53 10.73 40.74
CA ILE E 141 1.28 10.62 41.99
C ILE E 141 2.39 11.66 42.06
N MET E 142 2.46 12.30 43.22
CA MET E 142 3.49 13.27 43.51
C MET E 142 4.37 12.67 44.60
N HIS E 143 5.68 12.80 44.45
CA HIS E 143 6.65 12.22 45.39
C HIS E 143 6.60 10.71 45.29
N ASN E 144 6.75 10.22 44.06
CA ASN E 144 6.67 8.80 43.71
C ASN E 144 7.67 7.93 44.45
N LYS E 145 8.85 8.49 44.71
CA LYS E 145 9.90 7.79 45.45
C LYS E 145 9.41 7.50 46.89
N LEU E 146 8.55 8.35 47.41
CA LEU E 146 7.98 8.14 48.73
C LEU E 146 6.81 7.14 48.68
N PHE E 147 6.01 7.22 47.61
CA PHE E 147 4.87 6.33 47.40
C PHE E 147 5.31 4.91 47.16
N LEU E 148 6.29 4.73 46.28
CA LEU E 148 6.84 3.42 45.98
C LEU E 148 7.39 2.75 47.23
N ASP E 149 8.10 3.50 48.05
CA ASP E 149 8.62 2.97 49.30
C ASP E 149 7.46 2.49 50.16
N TYR E 150 6.46 3.35 50.33
CA TYR E 150 5.25 3.02 51.05
C TYR E 150 4.56 1.76 50.45
N THR E 151 4.27 1.81 49.14
CA THR E 151 3.60 0.72 48.44
C THR E 151 4.35 -0.61 48.56
N ILE E 152 5.67 -0.58 48.35
CA ILE E 152 6.45 -1.81 48.45
C ILE E 152 6.31 -2.38 49.84
N LYS E 153 6.50 -1.53 50.85
CA LYS E 153 6.42 -1.97 52.24
C LYS E 153 5.06 -2.60 52.59
N CYS E 154 3.98 -1.95 52.17
CA CYS E 154 2.63 -2.52 52.31
C CYS E 154 2.50 -3.87 51.62
N TYR E 155 3.14 -4.02 50.47
CA TYR E 155 3.03 -5.28 49.72
C TYR E 155 3.66 -6.45 50.49
N GLU E 156 4.84 -6.23 51.07
CA GLU E 156 5.54 -7.25 51.85
C GLU E 156 4.66 -7.71 52.99
N SER E 157 4.07 -6.75 53.69
CA SER E 157 3.15 -7.02 54.80
C SER E 157 1.95 -7.83 54.33
N PHE E 158 1.31 -7.34 53.27
CA PHE E 158 0.16 -7.97 52.66
C PHE E 158 0.50 -9.40 52.30
N MET E 159 1.66 -9.56 51.68
CA MET E 159 2.11 -10.84 51.20
C MET E 159 2.47 -11.75 52.36
N SER E 160 2.40 -11.21 53.57
CA SER E 160 2.68 -11.97 54.80
C SER E 160 1.40 -12.27 55.54
N GLY E 161 0.27 -11.88 54.96
CA GLY E 161 -1.03 -12.15 55.55
C GLY E 161 -1.63 -10.99 56.33
N ALA E 162 -0.87 -9.90 56.45
CA ALA E 162 -1.32 -8.70 57.15
C ALA E 162 -2.63 -8.18 56.57
N ASP E 163 -3.50 -7.69 57.44
CA ASP E 163 -4.81 -7.20 57.03
C ASP E 163 -4.88 -5.67 57.04
N SER E 164 -4.16 -5.07 57.99
CA SER E 164 -4.06 -3.62 58.14
C SER E 164 -2.62 -3.16 57.90
N PHE E 165 -2.45 -1.84 57.76
CA PHE E 165 -1.14 -1.26 57.43
C PHE E 165 -0.81 -0.04 58.29
N ASP E 166 -0.93 -0.21 59.62
CA ASP E 166 -0.65 0.86 60.60
C ASP E 166 0.82 1.24 60.64
N GLU E 167 1.69 0.23 60.72
CA GLU E 167 3.12 0.48 60.70
C GLU E 167 3.50 1.35 59.51
N MET E 168 3.02 0.96 58.33
CA MET E 168 3.35 1.64 57.08
C MET E 168 2.71 3.01 57.01
N ASN E 169 1.45 3.11 57.45
CA ASN E 169 0.75 4.38 57.47
C ASN E 169 1.39 5.36 58.45
N ALA E 170 1.76 4.86 59.62
CA ALA E 170 2.41 5.66 60.63
C ALA E 170 3.71 6.22 60.07
N GLU E 171 4.53 5.36 59.46
CA GLU E 171 5.79 5.80 58.89
C GLU E 171 5.55 6.81 57.76
N LEU E 172 4.48 6.62 56.99
CA LEU E 172 4.17 7.55 55.90
C LEU E 172 3.83 8.95 56.42
N GLN E 173 3.12 9.00 57.55
CA GLN E 173 2.74 10.26 58.18
C GLN E 173 3.93 11.01 58.80
N SER E 174 4.90 10.26 59.34
CA SER E 174 6.12 10.84 59.86
C SER E 174 6.81 11.64 58.78
N LYS E 175 6.94 11.04 57.60
CA LYS E 175 7.65 11.63 56.48
C LYS E 175 6.85 12.77 55.85
N LEU E 176 5.53 12.72 55.95
CA LEU E 176 4.67 13.77 55.40
C LEU E 176 4.63 15.02 56.29
N LYS E 177 4.90 14.83 57.59
CA LYS E 177 5.04 15.95 58.52
C LYS E 177 6.32 16.73 58.22
N ASP E 178 7.37 16.01 57.85
CA ASP E 178 8.65 16.62 57.52
C ASP E 178 8.65 17.25 56.14
N LEU E 179 7.75 16.82 55.26
CA LEU E 179 7.73 17.35 53.90
C LEU E 179 6.97 18.67 53.86
N PHE E 180 6.02 18.84 54.79
CA PHE E 180 5.31 20.11 54.95
C PHE E 180 5.22 20.39 56.46
N ASN E 181 6.15 21.17 57.00
CA ASN E 181 6.11 21.45 58.44
C ASN E 181 4.69 21.66 58.93
N VAL E 182 4.06 20.60 59.45
CA VAL E 182 2.68 20.71 59.97
C VAL E 182 2.28 19.53 60.87
N ASP E 183 1.55 19.83 61.94
CA ASP E 183 1.04 18.82 62.89
C ASP E 183 -0.21 19.31 63.64
N ALA E 184 -0.15 19.32 64.96
CA ALA E 184 -1.27 19.76 65.80
C ALA E 184 -0.89 20.99 66.65
N PHE E 185 0.24 20.91 67.36
CA PHE E 185 0.72 22.02 68.20
C PHE E 185 1.32 23.15 67.36
N LYS E 186 1.08 23.10 66.05
CA LYS E 186 1.55 24.10 65.11
C LYS E 186 0.35 24.78 64.46
N LEU E 187 -0.55 23.97 63.89
CA LEU E 187 -1.74 24.46 63.19
C LEU E 187 -2.81 25.01 64.13
N GLU E 188 -2.77 24.63 65.41
CA GLU E 188 -3.74 25.16 66.36
C GLU E 188 -3.15 26.07 67.46
N SER E 189 -1.81 26.06 67.52
CA SER E 189 -1.08 26.97 68.41
C SER E 189 -1.15 28.38 67.82
N LEU E 190 -1.51 28.43 66.54
CA LEU E 190 -1.66 29.67 65.80
C LEU E 190 -3.16 30.02 65.71
N LEU F 9 6.75 -21.56 42.96
CA LEU F 9 5.88 -21.24 41.77
C LEU F 9 4.42 -21.67 41.98
N SER F 10 3.60 -20.77 42.54
CA SER F 10 2.15 -21.02 42.68
C SER F 10 1.51 -20.95 41.29
N PHE F 11 0.20 -21.12 41.20
CA PHE F 11 -0.42 -20.96 39.88
C PHE F 11 -0.71 -19.48 39.60
N PRO F 12 -0.42 -19.02 38.37
CA PRO F 12 -0.81 -17.68 37.95
C PRO F 12 -2.29 -17.44 38.19
N ARG F 13 -2.62 -16.24 38.71
CA ARG F 13 -3.98 -15.82 38.94
C ARG F 13 -4.81 -15.93 37.64
N TYR F 14 -4.25 -15.49 36.51
CA TYR F 14 -5.01 -15.41 35.25
C TYR F 14 -4.50 -16.28 34.11
N ASN F 15 -5.40 -16.77 33.27
CA ASN F 15 -5.01 -17.40 32.02
C ASN F 15 -4.83 -16.30 30.97
N VAL F 16 -4.39 -16.66 29.76
CA VAL F 16 -4.05 -15.65 28.77
C VAL F 16 -5.20 -14.68 28.44
N ALA F 17 -6.40 -15.22 28.24
CA ALA F 17 -7.58 -14.41 27.96
C ALA F 17 -7.79 -13.29 29.01
N GLU F 18 -7.80 -13.66 30.30
CA GLU F 18 -7.95 -12.67 31.37
C GLU F 18 -6.78 -11.67 31.40
N ILE F 19 -5.57 -12.18 31.22
CA ILE F 19 -4.36 -11.38 31.19
C ILE F 19 -4.46 -10.26 30.15
N VAL F 20 -5.03 -10.57 28.98
CA VAL F 20 -5.20 -9.56 27.94
C VAL F 20 -6.12 -8.44 28.45
N ILE F 21 -7.26 -8.81 29.00
CA ILE F 21 -8.19 -7.83 29.55
C ILE F 21 -7.59 -6.92 30.64
N HIS F 22 -6.74 -7.48 31.49
CA HIS F 22 -6.14 -6.68 32.56
C HIS F 22 -5.06 -5.76 32.00
N ILE F 23 -4.35 -6.24 30.98
CA ILE F 23 -3.33 -5.41 30.33
C ILE F 23 -4.02 -4.26 29.59
N ARG F 24 -5.13 -4.54 28.92
CA ARG F 24 -5.86 -3.47 28.24
C ARG F 24 -6.27 -2.45 29.28
N ASN F 25 -7.03 -2.88 30.28
CA ASN F 25 -7.50 -1.97 31.33
C ASN F 25 -6.39 -1.17 31.98
N LYS F 26 -5.34 -1.86 32.44
CA LYS F 26 -4.36 -1.23 33.32
C LYS F 26 -2.99 -0.86 32.76
N ILE F 27 -2.59 -1.37 31.60
CA ILE F 27 -1.22 -1.10 31.13
C ILE F 27 -1.15 -0.51 29.72
N LEU F 28 -1.81 -1.13 28.76
CA LEU F 28 -1.79 -0.61 27.39
C LEU F 28 -2.93 0.38 27.12
N THR F 29 -2.78 1.14 26.05
CA THR F 29 -3.66 2.26 25.77
C THR F 29 -4.00 2.39 24.30
N GLY F 30 -5.25 2.77 24.03
CA GLY F 30 -5.74 2.96 22.68
C GLY F 30 -5.37 1.82 21.75
N ALA F 31 -4.80 2.17 20.60
CA ALA F 31 -4.47 1.21 19.54
C ALA F 31 -3.66 0.04 20.08
N ASP F 32 -2.67 0.36 20.91
CA ASP F 32 -1.77 -0.65 21.47
C ASP F 32 -2.52 -1.81 22.16
N GLY F 33 -3.51 -1.47 22.99
CA GLY F 33 -4.32 -2.45 23.69
C GLY F 33 -5.31 -3.14 22.77
N LYS F 34 -5.95 -2.36 21.90
CA LYS F 34 -6.91 -2.91 20.94
C LYS F 34 -6.28 -3.98 20.04
N ASN F 35 -4.99 -3.79 19.71
CA ASN F 35 -4.28 -4.75 18.86
C ASN F 35 -3.87 -6.02 19.60
N LEU F 36 -3.72 -5.92 20.92
CA LEU F 36 -3.27 -7.01 21.77
C LEU F 36 -4.29 -8.16 21.81
N THR F 37 -3.81 -9.35 21.45
CA THR F 37 -4.65 -10.54 21.37
C THR F 37 -3.98 -11.74 22.03
N LYS F 38 -4.79 -12.75 22.38
CA LYS F 38 -4.27 -13.99 22.96
C LYS F 38 -3.08 -14.56 22.20
N ASN F 39 -3.22 -14.71 20.88
CA ASN F 39 -2.19 -15.37 20.05
C ASN F 39 -0.84 -14.65 19.97
N ASP F 40 -0.73 -13.46 20.55
CA ASP F 40 0.59 -12.87 20.55
C ASP F 40 1.24 -12.94 21.96
N LEU F 41 0.66 -13.81 22.76
CA LEU F 41 1.14 -14.11 24.08
C LEU F 41 1.10 -15.60 24.35
N TYR F 42 0.32 -16.32 23.58
CA TYR F 42 0.30 -17.77 23.67
C TYR F 42 -0.23 -18.45 22.40
N PRO F 43 0.43 -19.51 21.94
CA PRO F 43 1.41 -20.25 22.71
C PRO F 43 2.79 -19.83 22.49
N ASN F 44 3.01 -18.84 21.66
CA ASN F 44 4.33 -18.36 21.50
C ASN F 44 4.22 -16.89 21.53
N PRO F 45 4.91 -16.27 22.48
CA PRO F 45 4.77 -14.87 22.74
C PRO F 45 5.63 -14.01 21.88
N LYS F 46 5.05 -13.00 21.28
CA LYS F 46 5.80 -12.10 20.47
C LYS F 46 6.63 -11.17 21.32
N PRO F 47 7.92 -11.46 21.40
CA PRO F 47 8.85 -10.72 22.26
C PRO F 47 8.74 -9.21 22.20
N GLU F 48 8.35 -8.68 21.04
CA GLU F 48 8.19 -7.22 20.88
C GLU F 48 6.87 -6.72 21.45
N VAL F 49 5.92 -7.63 21.63
CA VAL F 49 4.68 -7.28 22.33
C VAL F 49 4.96 -7.22 23.84
N LEU F 50 5.74 -8.18 24.32
CA LEU F 50 6.12 -8.24 25.74
C LEU F 50 6.99 -7.08 26.11
N HIS F 51 7.85 -6.70 25.17
CA HIS F 51 8.72 -5.55 25.32
C HIS F 51 7.89 -4.28 25.65
N MET F 52 6.82 -4.10 24.89
CA MET F 52 5.95 -2.96 25.03
C MET F 52 5.24 -2.97 26.37
N ILE F 53 4.70 -4.14 26.73
CA ILE F 53 4.01 -4.34 27.99
C ILE F 53 4.96 -4.09 29.15
N TYR F 54 6.05 -4.85 29.22
CA TYR F 54 7.05 -4.68 30.29
C TYR F 54 7.55 -3.25 30.40
N MET F 55 7.68 -2.58 29.26
CA MET F 55 8.17 -1.21 29.26
C MET F 55 7.12 -0.26 29.79
N ARG F 56 5.89 -0.36 29.27
CA ARG F 56 4.81 0.49 29.76
C ARG F 56 4.58 0.28 31.26
N ALA F 57 4.68 -0.97 31.71
CA ALA F 57 4.50 -1.29 33.13
C ALA F 57 5.49 -0.50 33.97
N LEU F 58 6.76 -0.58 33.59
CA LEU F 58 7.83 0.16 34.26
C LEU F 58 7.58 1.67 34.27
N GLN F 59 7.21 2.21 33.12
CA GLN F 59 6.85 3.63 33.03
C GLN F 59 5.79 3.98 34.06
N ILE F 60 4.67 3.27 34.07
CA ILE F 60 3.58 3.52 35.02
C ILE F 60 4.04 3.50 36.48
N VAL F 61 4.82 2.49 36.85
CA VAL F 61 5.20 2.28 38.25
C VAL F 61 6.34 3.20 38.70
N TYR F 62 7.38 3.30 37.87
CA TYR F 62 8.56 4.10 38.24
C TYR F 62 8.54 5.53 37.71
N GLY F 63 7.52 5.87 36.92
CA GLY F 63 7.40 7.19 36.34
C GLY F 63 8.63 7.41 35.52
N ILE F 64 8.70 6.73 34.37
CA ILE F 64 9.91 6.70 33.58
C ILE F 64 9.45 6.82 32.13
N ARG F 65 10.29 7.35 31.24
CA ARG F 65 9.84 7.53 29.84
C ARG F 65 10.64 6.75 28.81
N LEU F 66 10.10 6.70 27.59
CA LEU F 66 10.72 5.99 26.48
C LEU F 66 12.19 6.34 26.38
N GLU F 67 12.49 7.63 26.50
CA GLU F 67 13.84 8.17 26.43
C GLU F 67 14.82 7.51 27.39
N HIS F 68 14.35 7.12 28.57
CA HIS F 68 15.21 6.47 29.57
C HIS F 68 15.71 5.10 29.14
N PHE F 69 15.03 4.51 28.15
CA PHE F 69 15.40 3.20 27.65
C PHE F 69 16.46 3.30 26.57
N TYR F 70 16.94 4.52 26.34
CA TYR F 70 17.99 4.76 25.35
C TYR F 70 19.26 5.34 25.95
N MET F 71 19.38 5.25 27.28
CA MET F 71 20.56 5.74 28.00
C MET F 71 21.75 4.81 27.74
N MET F 72 22.87 5.42 27.34
CA MET F 72 24.10 4.70 27.09
C MET F 72 25.06 4.81 28.27
N PRO F 73 25.44 3.68 28.88
CA PRO F 73 26.46 3.70 29.94
C PRO F 73 27.76 4.37 29.49
N VAL F 74 28.43 5.07 30.41
CA VAL F 74 29.61 5.89 30.07
C VAL F 74 30.91 5.14 29.83
N ASN F 75 31.08 3.99 30.49
CA ASN F 75 32.32 3.22 30.36
C ASN F 75 32.18 1.99 29.45
N SER F 76 31.40 2.17 28.38
CA SER F 76 31.17 1.10 27.40
C SER F 76 32.30 1.06 26.40
N GLY F 77 32.64 2.22 25.84
CA GLY F 77 33.71 2.35 24.87
C GLY F 77 33.47 1.55 23.61
N VAL F 78 32.29 1.75 23.00
CA VAL F 78 31.98 1.11 21.73
C VAL F 78 32.48 1.97 20.59
N MET F 79 32.70 1.38 19.42
CA MET F 79 33.22 2.14 18.27
C MET F 79 32.17 2.90 17.45
N TYR F 80 30.94 2.36 17.36
CA TYR F 80 29.86 3.01 16.62
C TYR F 80 28.59 3.21 17.46
N PRO F 81 28.60 4.18 18.40
CA PRO F 81 27.46 4.44 19.29
C PRO F 81 26.08 4.44 18.61
N HIS F 82 25.99 5.03 17.42
CA HIS F 82 24.69 5.14 16.74
C HIS F 82 24.16 3.79 16.25
N LEU F 83 25.05 2.85 16.02
CA LEU F 83 24.66 1.50 15.61
C LEU F 83 24.14 0.64 16.77
N MET F 84 24.21 1.15 18.00
CA MET F 84 23.88 0.37 19.19
C MET F 84 22.52 0.68 19.76
N GLU F 85 21.83 1.68 19.22
CA GLU F 85 20.55 2.08 19.85
C GLU F 85 19.44 1.04 19.75
N GLY F 86 19.56 0.08 18.83
CA GLY F 86 18.58 -1.00 18.78
C GLY F 86 18.65 -1.86 20.03
N PHE F 87 19.84 -1.95 20.62
CA PHE F 87 20.13 -2.81 21.77
C PHE F 87 19.85 -2.16 23.12
N LEU F 88 20.02 -0.85 23.19
CA LEU F 88 19.83 -0.08 24.42
C LEU F 88 18.51 -0.37 25.16
N PRO F 89 17.35 -0.28 24.46
CA PRO F 89 16.12 -0.58 25.18
C PRO F 89 16.12 -1.96 25.82
N PHE F 90 16.69 -2.96 25.13
CA PHE F 90 16.75 -4.29 25.70
C PHE F 90 17.57 -4.30 26.98
N SER F 91 18.78 -3.75 26.91
CA SER F 91 19.71 -3.74 28.04
C SER F 91 19.10 -3.05 29.28
N ASN F 92 18.59 -1.84 29.08
CA ASN F 92 17.90 -1.10 30.13
C ASN F 92 16.64 -1.84 30.61
N LEU F 93 15.87 -2.39 29.67
CA LEU F 93 14.64 -3.07 30.02
C LEU F 93 14.94 -4.16 31.04
N VAL F 94 15.99 -4.92 30.73
CA VAL F 94 16.50 -6.00 31.57
C VAL F 94 16.97 -5.47 32.93
N THR F 95 17.75 -4.39 32.93
CA THR F 95 18.27 -3.82 34.17
C THR F 95 17.14 -3.43 35.13
N HIS F 96 16.08 -2.79 34.61
CA HIS F 96 14.93 -2.41 35.44
C HIS F 96 14.06 -3.62 35.84
N LEU F 97 13.79 -4.53 34.90
CA LEU F 97 12.98 -5.69 35.24
C LEU F 97 13.64 -6.48 36.34
N ASP F 98 14.96 -6.33 36.48
CA ASP F 98 15.71 -7.00 37.55
C ASP F 98 15.26 -6.54 38.91
N SER F 99 14.95 -5.26 38.99
CA SER F 99 14.57 -4.66 40.23
C SER F 99 13.06 -4.80 40.48
N PHE F 100 12.27 -4.72 39.41
CA PHE F 100 10.82 -4.66 39.50
C PHE F 100 10.15 -6.03 39.72
N LEU F 101 10.58 -7.03 38.98
CA LEU F 101 9.91 -8.33 39.08
C LEU F 101 10.00 -8.93 40.48
N PRO F 102 11.16 -8.80 41.16
CA PRO F 102 11.14 -9.29 42.54
C PRO F 102 10.01 -8.64 43.36
N ILE F 103 9.70 -7.37 43.09
CA ILE F 103 8.60 -6.68 43.78
C ILE F 103 7.25 -7.33 43.47
N CYS F 104 7.03 -7.66 42.20
CA CYS F 104 5.84 -8.40 41.78
C CYS F 104 5.95 -9.88 42.11
N ARG F 105 6.88 -10.25 43.00
CA ARG F 105 6.99 -11.64 43.51
C ARG F 105 7.57 -12.64 42.52
N VAL F 106 8.33 -12.15 41.56
CA VAL F 106 8.99 -13.01 40.59
C VAL F 106 10.49 -12.87 40.80
N ASN F 107 11.13 -13.97 41.18
CA ASN F 107 12.56 -13.94 41.49
C ASN F 107 13.47 -14.62 40.45
N ASP F 108 12.89 -15.43 39.58
CA ASP F 108 13.69 -16.20 38.64
C ASP F 108 13.70 -15.63 37.22
N PHE F 109 13.67 -14.32 37.09
CA PHE F 109 13.65 -13.70 35.76
C PHE F 109 15.02 -13.74 35.10
N GLU F 110 15.05 -13.99 33.81
CA GLU F 110 16.31 -14.11 33.07
C GLU F 110 16.25 -13.39 31.73
N THR F 111 17.41 -12.99 31.22
CA THR F 111 17.47 -12.26 29.95
C THR F 111 16.78 -12.97 28.79
N ALA F 112 16.83 -14.30 28.80
CA ALA F 112 16.16 -15.11 27.79
C ALA F 112 14.64 -14.93 27.80
N ASP F 113 14.09 -14.48 28.93
CA ASP F 113 12.65 -14.21 29.03
C ASP F 113 12.22 -13.08 28.06
N ILE F 114 13.07 -12.09 27.87
CA ILE F 114 12.81 -11.05 26.87
C ILE F 114 13.15 -11.51 25.46
N LEU F 115 14.31 -12.14 25.29
CA LEU F 115 14.80 -12.51 23.95
C LEU F 115 14.11 -13.73 23.39
N CYS F 116 13.63 -14.60 24.27
CA CYS F 116 13.08 -15.85 23.82
C CYS F 116 12.03 -16.33 24.83
N PRO F 117 10.84 -15.70 24.82
CA PRO F 117 9.81 -15.96 25.85
C PRO F 117 9.12 -17.30 25.71
N LYS F 118 8.77 -17.87 26.87
CA LYS F 118 8.00 -19.09 26.99
C LYS F 118 6.60 -18.74 27.50
N ALA F 119 5.59 -19.45 27.01
CA ALA F 119 4.18 -19.19 27.33
C ALA F 119 3.86 -19.11 28.80
N LYS F 120 4.16 -20.19 29.51
CA LYS F 120 3.80 -20.30 30.92
C LYS F 120 4.55 -19.32 31.81
N ARG F 121 5.87 -19.22 31.61
CA ARG F 121 6.68 -18.31 32.38
C ARG F 121 6.20 -16.89 32.18
N THR F 122 5.95 -16.49 30.94
CA THR F 122 5.54 -15.10 30.75
C THR F 122 4.11 -14.85 31.23
N SER F 123 3.27 -15.88 31.26
CA SER F 123 1.93 -15.64 31.83
C SER F 123 2.06 -15.54 33.37
N ARG F 124 3.04 -16.21 33.96
CA ARG F 124 3.29 -16.06 35.39
C ARG F 124 3.75 -14.63 35.72
N PHE F 125 4.65 -14.11 34.91
CA PHE F 125 5.15 -12.77 35.09
C PHE F 125 4.02 -11.74 34.94
N LEU F 126 3.28 -11.79 33.85
CA LEU F 126 2.22 -10.81 33.64
C LEU F 126 1.17 -10.81 34.76
N SER F 127 0.88 -11.99 35.31
CA SER F 127 -0.01 -12.06 36.47
C SER F 127 0.59 -11.33 37.69
N GLY F 128 1.87 -11.55 37.94
CA GLY F 128 2.53 -10.94 39.08
C GLY F 128 2.53 -9.43 38.98
N ILE F 129 2.78 -8.92 37.78
CA ILE F 129 2.71 -7.50 37.51
C ILE F 129 1.27 -7.01 37.69
N ILE F 130 0.34 -7.67 36.98
CA ILE F 130 -1.06 -7.26 37.11
C ILE F 130 -1.51 -7.28 38.58
N ASN F 131 -1.04 -8.26 39.36
CA ASN F 131 -1.44 -8.31 40.76
C ASN F 131 -0.93 -7.09 41.49
N PHE F 132 0.37 -6.87 41.40
CA PHE F 132 0.99 -5.73 42.03
C PHE F 132 0.31 -4.42 41.59
N ILE F 133 0.01 -4.31 40.31
CA ILE F 133 -0.64 -3.10 39.85
C ILE F 133 -1.98 -2.92 40.55
N HIS F 134 -2.72 -4.00 40.82
CA HIS F 134 -4.01 -3.80 41.51
C HIS F 134 -3.79 -3.33 42.94
N PHE F 135 -2.76 -3.87 43.58
CA PHE F 135 -2.41 -3.46 44.92
C PHE F 135 -1.94 -2.01 44.98
N ARG F 136 -1.09 -1.53 44.06
CA ARG F 136 -0.64 -0.15 44.26
C ARG F 136 -1.80 0.82 44.05
N GLU F 137 -2.79 0.42 43.26
CA GLU F 137 -3.98 1.22 43.14
C GLU F 137 -4.66 1.41 44.48
N ALA F 138 -4.75 0.33 45.26
CA ALA F 138 -5.34 0.39 46.57
C ALA F 138 -4.51 1.31 47.46
N CYS F 139 -3.19 1.21 47.34
CA CYS F 139 -2.28 2.07 48.08
C CYS F 139 -2.35 3.52 47.62
N ARG F 140 -2.57 3.74 46.32
CA ARG F 140 -2.67 5.09 45.79
C ARG F 140 -3.78 5.84 46.51
N GLU F 141 -4.94 5.20 46.60
CA GLU F 141 -6.07 5.81 47.27
C GLU F 141 -5.67 6.25 48.69
N THR F 142 -5.11 5.33 49.48
CA THR F 142 -4.68 5.66 50.84
C THR F 142 -3.65 6.80 50.85
N TYR F 143 -2.67 6.70 49.95
CA TYR F 143 -1.60 7.69 49.88
C TYR F 143 -2.09 9.09 49.52
N MET F 144 -2.90 9.18 48.47
CA MET F 144 -3.41 10.46 47.97
C MET F 144 -4.32 11.11 48.98
N GLU F 145 -4.96 10.28 49.81
CA GLU F 145 -5.82 10.79 50.87
C GLU F 145 -4.97 11.44 51.95
N PHE F 146 -3.84 10.83 52.28
CA PHE F 146 -2.90 11.41 53.24
C PHE F 146 -2.25 12.65 52.65
N LEU F 147 -1.89 12.57 51.36
CA LEU F 147 -1.24 13.69 50.68
C LEU F 147 -2.14 14.93 50.66
N TRP F 148 -3.41 14.73 50.31
CA TRP F 148 -4.40 15.80 50.33
C TRP F 148 -4.55 16.36 51.75
N GLN F 149 -4.38 15.51 52.75
CA GLN F 149 -4.50 15.96 54.15
C GLN F 149 -3.35 16.86 54.59
N TYR F 150 -2.14 16.57 54.12
CA TYR F 150 -0.97 17.34 54.55
C TYR F 150 -0.70 18.59 53.70
N LYS F 151 -1.00 18.54 52.40
CA LYS F 151 -0.82 19.71 51.55
C LYS F 151 -1.99 20.70 51.73
N SER F 152 -3.06 20.23 52.38
CA SER F 152 -4.21 21.08 52.73
C SER F 152 -3.97 21.72 54.09
N SER F 153 -3.18 21.07 54.93
CA SER F 153 -2.79 21.62 56.23
C SER F 153 -1.59 22.55 56.09
N ALA F 154 -0.87 22.42 54.98
CA ALA F 154 0.24 23.34 54.68
C ALA F 154 -0.33 24.60 54.04
N ASP F 155 -1.56 24.51 53.55
CA ASP F 155 -2.28 25.65 52.99
C ASP F 155 -2.94 26.44 54.11
N LYS F 156 -3.58 25.75 55.04
CA LYS F 156 -4.16 26.38 56.22
C LYS F 156 -3.07 26.98 57.11
N MET F 157 -1.81 26.79 56.70
CA MET F 157 -0.67 27.43 57.36
C MET F 157 -0.40 28.80 56.76
N GLN F 158 -0.24 28.85 55.42
CA GLN F 158 -0.03 30.11 54.73
C GLN F 158 -1.29 30.99 54.73
N GLN F 159 -2.45 30.36 54.93
CA GLN F 159 -3.70 31.08 55.04
C GLN F 159 -3.90 31.60 56.47
N LEU F 160 -2.97 31.23 57.35
CA LEU F 160 -3.04 31.63 58.76
C LEU F 160 -1.86 32.52 59.18
N ASN F 161 -0.77 32.47 58.42
CA ASN F 161 0.36 33.38 58.61
C ASN F 161 0.08 34.72 57.94
#